data_1LI6
# 
_entry.id   1LI6 
# 
_audit_conform.dict_name       mmcif_pdbx.dic 
_audit_conform.dict_version    5.376 
_audit_conform.dict_location   http://mmcif.pdb.org/dictionaries/ascii/mmcif_pdbx.dic 
# 
loop_
_database_2.database_id 
_database_2.database_code 
_database_2.pdbx_database_accession 
_database_2.pdbx_DOI 
PDB   1LI6         pdb_00001li6 10.2210/pdb1li6/pdb 
RCSB  RCSB015964   ?            ?                   
WWPDB D_1000015964 ?            ?                   
# 
loop_
_pdbx_database_related.db_name 
_pdbx_database_related.db_id 
_pdbx_database_related.details 
_pdbx_database_related.content_type 
PDB 1LGU 'T4 Lysozyme Mutant L99A/M102Q'                              unspecified 
PDB 1LGW 'T4 lysozyme mutant L99A/M102Q bound by 2-fluoroaniline'     unspecified 
PDB 1LGX 'T4 lysozyme mutant L99A/M102Q bound by 3,5-difluoroaniline' unspecified 
PDB 1LI2 'T4 lysozyme mutant L99A/M102Q bound by phenol'              unspecified 
PDB 1LI3 'T4 lysozyme mutant L99A/M102Q bound by 3-chlorophenol'      unspecified 
# 
_pdbx_database_status.status_code                     REL 
_pdbx_database_status.entry_id                        1LI6 
_pdbx_database_status.recvd_initial_deposition_date   2002-04-17 
_pdbx_database_status.deposit_site                    RCSB 
_pdbx_database_status.process_site                    RCSB 
_pdbx_database_status.status_code_sf                  REL 
_pdbx_database_status.SG_entry                        . 
_pdbx_database_status.pdb_format_compatible           Y 
_pdbx_database_status.status_code_mr                  ? 
_pdbx_database_status.status_code_cs                  ? 
_pdbx_database_status.status_code_nmr_data            ? 
_pdbx_database_status.methods_development_category    ? 
# 
loop_
_audit_author.name 
_audit_author.pdbx_ordinal 
'Wei, B.Q.'      1 
'Baase, W.A.'    2 
'Weaver, L.H.'   3 
'Matthews, B.W.' 4 
'Shoichet, B.K.' 5 
# 
_citation.id                        primary 
_citation.title                     'A Model Binding Site for Testing Scoring Functions in Molecular Docking' 
_citation.journal_abbrev            J.Mol.Biol. 
_citation.journal_volume            322 
_citation.page_first                339 
_citation.page_last                 355 
_citation.year                      2002 
_citation.journal_id_ASTM           JMOBAK 
_citation.country                   UK 
_citation.journal_id_ISSN           0022-2836 
_citation.journal_id_CSD            0070 
_citation.book_publisher            ? 
_citation.pdbx_database_id_PubMed   12217695 
_citation.pdbx_database_id_DOI      '10.1016/S0022-2836(02)00777-5' 
# 
loop_
_citation_author.citation_id 
_citation_author.name 
_citation_author.ordinal 
_citation_author.identifier_ORCID 
primary 'Wei, B.Q.'      1 ? 
primary 'Baase, W.A.'    2 ? 
primary 'Weaver, L.H.'   3 ? 
primary 'Matthews, B.W.' 4 ? 
primary 'Shoichet, B.K.' 5 ? 
# 
_cell.entry_id           1LI6 
_cell.length_a           60.800 
_cell.length_b           60.800 
_cell.length_c           97.500 
_cell.angle_alpha        90.00 
_cell.angle_beta         90.00 
_cell.angle_gamma        120.00 
_cell.Z_PDB              6 
_cell.pdbx_unique_axis   ? 
# 
_symmetry.entry_id                         1LI6 
_symmetry.space_group_name_H-M             'P 32 2 1' 
_symmetry.pdbx_full_space_group_name_H-M   ? 
_symmetry.cell_setting                     ? 
_symmetry.Int_Tables_number                154 
# 
loop_
_entity.id 
_entity.type 
_entity.src_method 
_entity.pdbx_description 
_entity.formula_weight 
_entity.pdbx_number_of_molecules 
_entity.pdbx_ec 
_entity.pdbx_mutation 
_entity.pdbx_fragment 
_entity.details 
1 polymer     man Lysozyme             18617.320 1  3.2.1.17 'L99A, M102Q' ? ? 
2 non-polymer syn 'CHLORIDE ION'       35.453    2  ?        ?             ? ? 
3 non-polymer syn 5-METHYLPYRROLE      81.116    1  ?        ?             ? ? 
4 non-polymer syn BETA-MERCAPTOETHANOL 78.133    1  ?        ?             ? ? 
5 water       nat water                18.015    68 ?        ?             ? ? 
# 
_entity_name_com.entity_id   1 
_entity_name_com.name        'Lysis protein, Muramidase, Endolysin' 
# 
_entity_poly.entity_id                      1 
_entity_poly.type                           'polypeptide(L)' 
_entity_poly.nstd_linkage                   no 
_entity_poly.nstd_monomer                   no 
_entity_poly.pdbx_seq_one_letter_code       
;MNIFEMLRIDEGLRLKIYKDTEGYYTIGIGHLLTKSPSLNAAKSELDKAIGRNCNGVITKDEAEKLFNQDVDAAVRGILR
NAKLKPVYDSLDAVRRCAAINQVFQMGETGVAGFTNSLRMLQQKRWDEAAVNLAKSRWYNQTPNRAKRVITTFRTGTWDA
YKNL
;
_entity_poly.pdbx_seq_one_letter_code_can   
;MNIFEMLRIDEGLRLKIYKDTEGYYTIGIGHLLTKSPSLNAAKSELDKAIGRNCNGVITKDEAEKLFNQDVDAAVRGILR
NAKLKPVYDSLDAVRRCAAINQVFQMGETGVAGFTNSLRMLQQKRWDEAAVNLAKSRWYNQTPNRAKRVITTFRTGTWDA
YKNL
;
_entity_poly.pdbx_strand_id                 A 
_entity_poly.pdbx_target_identifier         ? 
# 
loop_
_entity_poly_seq.entity_id 
_entity_poly_seq.num 
_entity_poly_seq.mon_id 
_entity_poly_seq.hetero 
1 1   MET n 
1 2   ASN n 
1 3   ILE n 
1 4   PHE n 
1 5   GLU n 
1 6   MET n 
1 7   LEU n 
1 8   ARG n 
1 9   ILE n 
1 10  ASP n 
1 11  GLU n 
1 12  GLY n 
1 13  LEU n 
1 14  ARG n 
1 15  LEU n 
1 16  LYS n 
1 17  ILE n 
1 18  TYR n 
1 19  LYS n 
1 20  ASP n 
1 21  THR n 
1 22  GLU n 
1 23  GLY n 
1 24  TYR n 
1 25  TYR n 
1 26  THR n 
1 27  ILE n 
1 28  GLY n 
1 29  ILE n 
1 30  GLY n 
1 31  HIS n 
1 32  LEU n 
1 33  LEU n 
1 34  THR n 
1 35  LYS n 
1 36  SER n 
1 37  PRO n 
1 38  SER n 
1 39  LEU n 
1 40  ASN n 
1 41  ALA n 
1 42  ALA n 
1 43  LYS n 
1 44  SER n 
1 45  GLU n 
1 46  LEU n 
1 47  ASP n 
1 48  LYS n 
1 49  ALA n 
1 50  ILE n 
1 51  GLY n 
1 52  ARG n 
1 53  ASN n 
1 54  CYS n 
1 55  ASN n 
1 56  GLY n 
1 57  VAL n 
1 58  ILE n 
1 59  THR n 
1 60  LYS n 
1 61  ASP n 
1 62  GLU n 
1 63  ALA n 
1 64  GLU n 
1 65  LYS n 
1 66  LEU n 
1 67  PHE n 
1 68  ASN n 
1 69  GLN n 
1 70  ASP n 
1 71  VAL n 
1 72  ASP n 
1 73  ALA n 
1 74  ALA n 
1 75  VAL n 
1 76  ARG n 
1 77  GLY n 
1 78  ILE n 
1 79  LEU n 
1 80  ARG n 
1 81  ASN n 
1 82  ALA n 
1 83  LYS n 
1 84  LEU n 
1 85  LYS n 
1 86  PRO n 
1 87  VAL n 
1 88  TYR n 
1 89  ASP n 
1 90  SER n 
1 91  LEU n 
1 92  ASP n 
1 93  ALA n 
1 94  VAL n 
1 95  ARG n 
1 96  ARG n 
1 97  CYS n 
1 98  ALA n 
1 99  ALA n 
1 100 ILE n 
1 101 ASN n 
1 102 GLN n 
1 103 VAL n 
1 104 PHE n 
1 105 GLN n 
1 106 MET n 
1 107 GLY n 
1 108 GLU n 
1 109 THR n 
1 110 GLY n 
1 111 VAL n 
1 112 ALA n 
1 113 GLY n 
1 114 PHE n 
1 115 THR n 
1 116 ASN n 
1 117 SER n 
1 118 LEU n 
1 119 ARG n 
1 120 MET n 
1 121 LEU n 
1 122 GLN n 
1 123 GLN n 
1 124 LYS n 
1 125 ARG n 
1 126 TRP n 
1 127 ASP n 
1 128 GLU n 
1 129 ALA n 
1 130 ALA n 
1 131 VAL n 
1 132 ASN n 
1 133 LEU n 
1 134 ALA n 
1 135 LYS n 
1 136 SER n 
1 137 ARG n 
1 138 TRP n 
1 139 TYR n 
1 140 ASN n 
1 141 GLN n 
1 142 THR n 
1 143 PRO n 
1 144 ASN n 
1 145 ARG n 
1 146 ALA n 
1 147 LYS n 
1 148 ARG n 
1 149 VAL n 
1 150 ILE n 
1 151 THR n 
1 152 THR n 
1 153 PHE n 
1 154 ARG n 
1 155 THR n 
1 156 GLY n 
1 157 THR n 
1 158 TRP n 
1 159 ASP n 
1 160 ALA n 
1 161 TYR n 
1 162 LYS n 
1 163 ASN n 
1 164 LEU n 
# 
_entity_src_gen.entity_id                          1 
_entity_src_gen.pdbx_src_id                        1 
_entity_src_gen.pdbx_alt_source_flag               sample 
_entity_src_gen.pdbx_seq_type                      ? 
_entity_src_gen.pdbx_beg_seq_num                   ? 
_entity_src_gen.pdbx_end_seq_num                   ? 
_entity_src_gen.gene_src_common_name               ? 
_entity_src_gen.gene_src_genus                     'T4-like viruses' 
_entity_src_gen.pdbx_gene_src_gene                 ? 
_entity_src_gen.gene_src_species                   'Enterobacteria phage T4 sensu lato' 
_entity_src_gen.gene_src_strain                    ? 
_entity_src_gen.gene_src_tissue                    ? 
_entity_src_gen.gene_src_tissue_fraction           ? 
_entity_src_gen.gene_src_details                   ? 
_entity_src_gen.pdbx_gene_src_fragment             ? 
_entity_src_gen.pdbx_gene_src_scientific_name      'Enterobacteria phage T4' 
_entity_src_gen.pdbx_gene_src_ncbi_taxonomy_id     10665 
_entity_src_gen.pdbx_gene_src_variant              ? 
_entity_src_gen.pdbx_gene_src_cell_line            ? 
_entity_src_gen.pdbx_gene_src_atcc                 ? 
_entity_src_gen.pdbx_gene_src_organ                ? 
_entity_src_gen.pdbx_gene_src_organelle            ? 
_entity_src_gen.pdbx_gene_src_cell                 ? 
_entity_src_gen.pdbx_gene_src_cellular_location    ? 
_entity_src_gen.host_org_common_name               ? 
_entity_src_gen.pdbx_host_org_scientific_name      'Escherichia coli' 
_entity_src_gen.pdbx_host_org_ncbi_taxonomy_id     562 
_entity_src_gen.host_org_genus                     Escherichia 
_entity_src_gen.pdbx_host_org_gene                 ? 
_entity_src_gen.pdbx_host_org_organ                ? 
_entity_src_gen.host_org_species                   ? 
_entity_src_gen.pdbx_host_org_tissue               ? 
_entity_src_gen.pdbx_host_org_tissue_fraction      ? 
_entity_src_gen.pdbx_host_org_strain               ? 
_entity_src_gen.pdbx_host_org_variant              ? 
_entity_src_gen.pdbx_host_org_cell_line            ? 
_entity_src_gen.pdbx_host_org_atcc                 ? 
_entity_src_gen.pdbx_host_org_culture_collection   ? 
_entity_src_gen.pdbx_host_org_cell                 ? 
_entity_src_gen.pdbx_host_org_organelle            ? 
_entity_src_gen.pdbx_host_org_cellular_location    ? 
_entity_src_gen.pdbx_host_org_vector_type          ? 
_entity_src_gen.pdbx_host_org_vector               ? 
_entity_src_gen.host_org_details                   ? 
_entity_src_gen.expression_system_id               ? 
_entity_src_gen.plasmid_name                       ? 
_entity_src_gen.plasmid_details                    ? 
_entity_src_gen.pdbx_description                   ? 
# 
_struct_ref.id                         1 
_struct_ref.db_name                    UNP 
_struct_ref.db_code                    LYS_BPT4 
_struct_ref.entity_id                  1 
_struct_ref.pdbx_seq_one_letter_code   
;MNIFEMLRIDEGLRLKIYKDTEGYYTIGIGHLLTKSPSLNAAKSELDKAIGRNCNGVITKDEAEKLFNQDVDAAVRGILR
NAKLKPVYDSLDAVRRCALINMVFQMGETGVAGFTNSLRMLQQKRWDEAAVNLAKSRWYNQTPNRAKRVITTFRTGTWDA
YKNL
;
_struct_ref.pdbx_align_begin           1 
_struct_ref.pdbx_db_accession          P00720 
_struct_ref.pdbx_db_isoform            ? 
# 
_struct_ref_seq.align_id                      1 
_struct_ref_seq.ref_id                        1 
_struct_ref_seq.pdbx_PDB_id_code              1LI6 
_struct_ref_seq.pdbx_strand_id                A 
_struct_ref_seq.seq_align_beg                 1 
_struct_ref_seq.pdbx_seq_align_beg_ins_code   ? 
_struct_ref_seq.seq_align_end                 164 
_struct_ref_seq.pdbx_seq_align_end_ins_code   ? 
_struct_ref_seq.pdbx_db_accession             P00720 
_struct_ref_seq.db_align_beg                  1 
_struct_ref_seq.pdbx_db_align_beg_ins_code    ? 
_struct_ref_seq.db_align_end                  164 
_struct_ref_seq.pdbx_db_align_end_ins_code    ? 
_struct_ref_seq.pdbx_auth_seq_align_beg       1 
_struct_ref_seq.pdbx_auth_seq_align_end       164 
# 
loop_
_struct_ref_seq_dif.align_id 
_struct_ref_seq_dif.pdbx_pdb_id_code 
_struct_ref_seq_dif.mon_id 
_struct_ref_seq_dif.pdbx_pdb_strand_id 
_struct_ref_seq_dif.seq_num 
_struct_ref_seq_dif.pdbx_pdb_ins_code 
_struct_ref_seq_dif.pdbx_seq_db_name 
_struct_ref_seq_dif.pdbx_seq_db_accession_code 
_struct_ref_seq_dif.db_mon_id 
_struct_ref_seq_dif.pdbx_seq_db_seq_num 
_struct_ref_seq_dif.details 
_struct_ref_seq_dif.pdbx_auth_seq_num 
_struct_ref_seq_dif.pdbx_ordinal 
1 1LI6 ALA A 99  ? UNP P00720 LEU 99  'engineered mutation' 99  1 
1 1LI6 GLN A 102 ? UNP P00720 MET 102 'engineered mutation' 102 2 
# 
loop_
_chem_comp.id 
_chem_comp.type 
_chem_comp.mon_nstd_flag 
_chem_comp.name 
_chem_comp.pdbx_synonyms 
_chem_comp.formula 
_chem_comp.formula_weight 
5MP non-polymer         . 5-METHYLPYRROLE      ? 'C5 H7 N'        81.116  
ALA 'L-peptide linking' y ALANINE              ? 'C3 H7 N O2'     89.093  
ARG 'L-peptide linking' y ARGININE             ? 'C6 H15 N4 O2 1' 175.209 
ASN 'L-peptide linking' y ASPARAGINE           ? 'C4 H8 N2 O3'    132.118 
ASP 'L-peptide linking' y 'ASPARTIC ACID'      ? 'C4 H7 N O4'     133.103 
BME non-polymer         . BETA-MERCAPTOETHANOL ? 'C2 H6 O S'      78.133  
CL  non-polymer         . 'CHLORIDE ION'       ? 'Cl -1'          35.453  
CYS 'L-peptide linking' y CYSTEINE             ? 'C3 H7 N O2 S'   121.158 
GLN 'L-peptide linking' y GLUTAMINE            ? 'C5 H10 N2 O3'   146.144 
GLU 'L-peptide linking' y 'GLUTAMIC ACID'      ? 'C5 H9 N O4'     147.129 
GLY 'peptide linking'   y GLYCINE              ? 'C2 H5 N O2'     75.067  
HIS 'L-peptide linking' y HISTIDINE            ? 'C6 H10 N3 O2 1' 156.162 
HOH non-polymer         . WATER                ? 'H2 O'           18.015  
ILE 'L-peptide linking' y ISOLEUCINE           ? 'C6 H13 N O2'    131.173 
LEU 'L-peptide linking' y LEUCINE              ? 'C6 H13 N O2'    131.173 
LYS 'L-peptide linking' y LYSINE               ? 'C6 H15 N2 O2 1' 147.195 
MET 'L-peptide linking' y METHIONINE           ? 'C5 H11 N O2 S'  149.211 
PHE 'L-peptide linking' y PHENYLALANINE        ? 'C9 H11 N O2'    165.189 
PRO 'L-peptide linking' y PROLINE              ? 'C5 H9 N O2'     115.130 
SER 'L-peptide linking' y SERINE               ? 'C3 H7 N O3'     105.093 
THR 'L-peptide linking' y THREONINE            ? 'C4 H9 N O3'     119.119 
TRP 'L-peptide linking' y TRYPTOPHAN           ? 'C11 H12 N2 O2'  204.225 
TYR 'L-peptide linking' y TYROSINE             ? 'C9 H11 N O3'    181.189 
VAL 'L-peptide linking' y VALINE               ? 'C5 H11 N O2'    117.146 
# 
_exptl.entry_id          1LI6 
_exptl.method            'X-RAY DIFFRACTION' 
_exptl.crystals_number   ? 
# 
_exptl_crystal.id                    1 
_exptl_crystal.density_meas          ? 
_exptl_crystal.density_percent_sol   55.97 
_exptl_crystal.density_Matthews      2.79 
_exptl_crystal.description           ? 
# 
_diffrn.id                     1 
_diffrn.ambient_temp           298 
_diffrn.ambient_temp_details   ? 
_diffrn.crystal_id             1 
# 
_diffrn_detector.diffrn_id              1 
_diffrn_detector.detector               'AREA DETECTOR' 
_diffrn_detector.type                   SDMS 
_diffrn_detector.pdbx_collection_date   2001-05-01 
_diffrn_detector.details                'graphite plus pinhole' 
# 
_diffrn_radiation.diffrn_id                        1 
_diffrn_radiation.wavelength_id                    1 
_diffrn_radiation.pdbx_monochromatic_or_laue_m_l   M 
_diffrn_radiation.monochromator                    graphite 
_diffrn_radiation.pdbx_diffrn_protocol             'SINGLE WAVELENGTH' 
_diffrn_radiation.pdbx_scattering_type             x-ray 
# 
_diffrn_radiation_wavelength.id           1 
_diffrn_radiation_wavelength.wavelength   1.5418 
_diffrn_radiation_wavelength.wt           1.0 
# 
_diffrn_source.diffrn_id                   1 
_diffrn_source.source                      'ROTATING ANODE' 
_diffrn_source.type                        'RIGAKU RU200' 
_diffrn_source.pdbx_synchrotron_site       ? 
_diffrn_source.pdbx_synchrotron_beamline   ? 
_diffrn_source.pdbx_wavelength             ? 
_diffrn_source.pdbx_wavelength_list        1.5418 
# 
_reflns.entry_id                     1LI6 
_reflns.observed_criterion_sigma_I   0. 
_reflns.observed_criterion_sigma_F   ? 
_reflns.d_resolution_low             15. 
_reflns.d_resolution_high            2.0 
_reflns.number_obs                   13817 
_reflns.number_all                   13817 
_reflns.percent_possible_obs         91 
_reflns.pdbx_Rmerge_I_obs            0.048 
_reflns.pdbx_Rsym_value              ? 
_reflns.pdbx_netI_over_sigmaI        12.7 
_reflns.B_iso_Wilson_estimate        ? 
_reflns.pdbx_redundancy              ? 
_reflns.R_free_details               ? 
_reflns.limit_h_max                  ? 
_reflns.limit_h_min                  ? 
_reflns.limit_k_max                  ? 
_reflns.limit_k_min                  ? 
_reflns.limit_l_max                  ? 
_reflns.limit_l_min                  ? 
_reflns.observed_criterion_F_max     ? 
_reflns.observed_criterion_F_min     ? 
_reflns.pdbx_diffrn_id               1 
_reflns.pdbx_ordinal                 1 
# 
_reflns_shell.d_res_high             2.0 
_reflns_shell.d_res_low              2.15 
_reflns_shell.percent_possible_all   84 
_reflns_shell.Rmerge_I_obs           0.107 
_reflns_shell.pdbx_Rsym_value        ? 
_reflns_shell.meanI_over_sigI_obs    3.8 
_reflns_shell.pdbx_redundancy        ? 
_reflns_shell.percent_possible_obs   ? 
_reflns_shell.number_unique_all      2400 
_reflns_shell.pdbx_diffrn_id         ? 
_reflns_shell.pdbx_ordinal           1 
# 
_refine.entry_id                                 1LI6 
_refine.ls_number_reflns_obs                     13817 
_refine.ls_number_reflns_all                     13817 
_refine.pdbx_ls_sigma_I                          ? 
_refine.pdbx_ls_sigma_F                          0. 
_refine.pdbx_data_cutoff_high_absF               ? 
_refine.pdbx_data_cutoff_low_absF                ? 
_refine.ls_d_res_low                             15. 
_refine.ls_d_res_high                            2.0 
_refine.ls_percent_reflns_obs                    91 
_refine.ls_R_factor_obs                          ? 
_refine.ls_R_factor_all                          ? 
_refine.ls_R_factor_R_work                       0.17 
_refine.ls_R_factor_R_free                       ? 
_refine.ls_R_factor_R_free_error                 ? 
_refine.ls_R_factor_R_free_error_details         ? 
_refine.ls_percent_reflns_R_free                 ? 
_refine.ls_number_reflns_R_free                  ? 
_refine.ls_number_parameters                     ? 
_refine.ls_number_restraints                     ? 
_refine.occupancy_min                            ? 
_refine.occupancy_max                            ? 
_refine.correlation_coeff_Fo_to_Fc               ? 
_refine.correlation_coeff_Fo_to_Fc_free          ? 
_refine.B_iso_mean                               ? 
_refine.aniso_B[1][1]                            ? 
_refine.aniso_B[2][2]                            ? 
_refine.aniso_B[3][3]                            ? 
_refine.aniso_B[1][2]                            ? 
_refine.aniso_B[1][3]                            ? 
_refine.aniso_B[2][3]                            ? 
_refine.solvent_model_details                    ? 
_refine.solvent_model_param_ksol                 ? 
_refine.solvent_model_param_bsol                 ? 
_refine.pdbx_solvent_vdw_probe_radii             ? 
_refine.pdbx_solvent_ion_probe_radii             ? 
_refine.pdbx_solvent_shrinkage_radii             ? 
_refine.pdbx_ls_cross_valid_method               ? 
_refine.details                                  'residues ASN163 and LEU164 are missing in the electron density' 
_refine.pdbx_starting_model                      'PDB ENTRY 1LGU' 
_refine.pdbx_method_to_determine_struct          'MOLECULAR REPLACEMENT' 
_refine.pdbx_isotropic_thermal_model             ? 
_refine.pdbx_stereochemistry_target_values       'Engh & Huber' 
_refine.pdbx_stereochem_target_val_spec_case     ? 
_refine.pdbx_R_Free_selection_details            ? 
_refine.pdbx_overall_ESU_R_Free                  ? 
_refine.overall_SU_B                             ? 
_refine.ls_redundancy_reflns_obs                 ? 
_refine.B_iso_min                                ? 
_refine.B_iso_max                                ? 
_refine.overall_SU_R_Cruickshank_DPI             ? 
_refine.overall_SU_R_free                        ? 
_refine.overall_SU_ML                            ? 
_refine.pdbx_overall_ESU_R                       ? 
_refine.pdbx_data_cutoff_high_rms_absF           ? 
_refine.pdbx_refine_id                           'X-RAY DIFFRACTION' 
_refine.pdbx_diffrn_id                           1 
_refine.pdbx_TLS_residual_ADP_flag               ? 
_refine.pdbx_overall_phase_error                 ? 
_refine.pdbx_overall_SU_R_free_Cruickshank_DPI   ? 
_refine.pdbx_overall_SU_R_Blow_DPI               ? 
_refine.pdbx_overall_SU_R_free_Blow_DPI          ? 
# 
_refine_hist.pdbx_refine_id                   'X-RAY DIFFRACTION' 
_refine_hist.cycle_id                         LAST 
_refine_hist.pdbx_number_atoms_protein        1290 
_refine_hist.pdbx_number_atoms_nucleic_acid   0 
_refine_hist.pdbx_number_atoms_ligand         18 
_refine_hist.number_atoms_solvent             68 
_refine_hist.number_atoms_total               1376 
_refine_hist.d_res_high                       2.0 
_refine_hist.d_res_low                        15. 
# 
loop_
_refine_ls_restr.type 
_refine_ls_restr.dev_ideal 
_refine_ls_restr.dev_ideal_target 
_refine_ls_restr.weight 
_refine_ls_restr.number 
_refine_ls_restr.pdbx_refine_id 
_refine_ls_restr.pdbx_restraint_function 
t_bond_d    0.016 ? ? ? 'X-RAY DIFFRACTION' ? 
t_angle_deg 2.6   ? ? ? 'X-RAY DIFFRACTION' ? 
# 
_struct.entry_id                  1LI6 
_struct.title                     'T4 lysozyme mutant L99A/M102Q bound by 5-methylpyrrole' 
_struct.pdbx_model_details        ? 
_struct.pdbx_CASP_flag            ? 
_struct.pdbx_model_type_details   ? 
# 
_struct_keywords.entry_id        1LI6 
_struct_keywords.pdbx_keywords   HYDROLASE 
_struct_keywords.text            'Glycosidase, Bacteriolytic enzyme, HYDROLASE' 
# 
loop_
_struct_asym.id 
_struct_asym.pdbx_blank_PDB_chainid_flag 
_struct_asym.pdbx_modified 
_struct_asym.entity_id 
_struct_asym.details 
A N N 1 ? 
B N N 2 ? 
C N N 2 ? 
D N N 3 ? 
E N N 4 ? 
F N N 5 ? 
# 
_struct_biol.id                    1 
_struct_biol.pdbx_parent_biol_id   ? 
_struct_biol.details               ? 
# 
loop_
_struct_conf.conf_type_id 
_struct_conf.id 
_struct_conf.pdbx_PDB_helix_id 
_struct_conf.beg_label_comp_id 
_struct_conf.beg_label_asym_id 
_struct_conf.beg_label_seq_id 
_struct_conf.pdbx_beg_PDB_ins_code 
_struct_conf.end_label_comp_id 
_struct_conf.end_label_asym_id 
_struct_conf.end_label_seq_id 
_struct_conf.pdbx_end_PDB_ins_code 
_struct_conf.beg_auth_comp_id 
_struct_conf.beg_auth_asym_id 
_struct_conf.beg_auth_seq_id 
_struct_conf.end_auth_comp_id 
_struct_conf.end_auth_asym_id 
_struct_conf.end_auth_seq_id 
_struct_conf.pdbx_PDB_helix_class 
_struct_conf.details 
_struct_conf.pdbx_PDB_helix_length 
HELX_P HELX_P1  1  ASN A 2   ? GLY A 12  ? ASN A 2   GLY A 12  1 ? 11 
HELX_P HELX_P2  2  SER A 38  ? GLY A 51  ? SER A 38  GLY A 51  1 ? 14 
HELX_P HELX_P3  3  THR A 59  ? ASN A 81  ? THR A 59  ASN A 81  1 ? 23 
HELX_P HELX_P4  4  LYS A 83  ? LEU A 91  ? LYS A 83  LEU A 91  1 ? 9  
HELX_P HELX_P5  5  ASP A 92  ? GLY A 113 ? ASP A 92  GLY A 113 1 ? 22 
HELX_P HELX_P6  6  PHE A 114 ? GLN A 123 ? PHE A 114 GLN A 123 1 ? 10 
HELX_P HELX_P7  7  ARG A 125 ? LYS A 135 ? ARG A 125 LYS A 135 1 ? 11 
HELX_P HELX_P8  8  SER A 136 ? THR A 142 ? SER A 136 THR A 142 1 ? 7  
HELX_P HELX_P9  9  THR A 142 ? GLY A 156 ? THR A 142 GLY A 156 1 ? 15 
HELX_P HELX_P10 10 TRP A 158 ? LYS A 162 ? TRP A 158 LYS A 162 5 ? 5  
# 
_struct_conf_type.id          HELX_P 
_struct_conf_type.criteria    ? 
_struct_conf_type.reference   ? 
# 
_struct_sheet.id               A 
_struct_sheet.type             ? 
_struct_sheet.number_strands   3 
_struct_sheet.details          ? 
# 
loop_
_struct_sheet_order.sheet_id 
_struct_sheet_order.range_id_1 
_struct_sheet_order.range_id_2 
_struct_sheet_order.offset 
_struct_sheet_order.sense 
A 1 2 ? anti-parallel 
A 2 3 ? anti-parallel 
# 
loop_
_struct_sheet_range.sheet_id 
_struct_sheet_range.id 
_struct_sheet_range.beg_label_comp_id 
_struct_sheet_range.beg_label_asym_id 
_struct_sheet_range.beg_label_seq_id 
_struct_sheet_range.pdbx_beg_PDB_ins_code 
_struct_sheet_range.end_label_comp_id 
_struct_sheet_range.end_label_asym_id 
_struct_sheet_range.end_label_seq_id 
_struct_sheet_range.pdbx_end_PDB_ins_code 
_struct_sheet_range.beg_auth_comp_id 
_struct_sheet_range.beg_auth_asym_id 
_struct_sheet_range.beg_auth_seq_id 
_struct_sheet_range.end_auth_comp_id 
_struct_sheet_range.end_auth_asym_id 
_struct_sheet_range.end_auth_seq_id 
A 1 ARG A 14 ? LYS A 19 ? ARG A 14 LYS A 19 
A 2 TYR A 25 ? GLY A 28 ? TYR A 25 GLY A 28 
A 3 HIS A 31 ? THR A 34 ? HIS A 31 THR A 34 
# 
loop_
_pdbx_struct_sheet_hbond.sheet_id 
_pdbx_struct_sheet_hbond.range_id_1 
_pdbx_struct_sheet_hbond.range_id_2 
_pdbx_struct_sheet_hbond.range_1_label_atom_id 
_pdbx_struct_sheet_hbond.range_1_label_comp_id 
_pdbx_struct_sheet_hbond.range_1_label_asym_id 
_pdbx_struct_sheet_hbond.range_1_label_seq_id 
_pdbx_struct_sheet_hbond.range_1_PDB_ins_code 
_pdbx_struct_sheet_hbond.range_1_auth_atom_id 
_pdbx_struct_sheet_hbond.range_1_auth_comp_id 
_pdbx_struct_sheet_hbond.range_1_auth_asym_id 
_pdbx_struct_sheet_hbond.range_1_auth_seq_id 
_pdbx_struct_sheet_hbond.range_2_label_atom_id 
_pdbx_struct_sheet_hbond.range_2_label_comp_id 
_pdbx_struct_sheet_hbond.range_2_label_asym_id 
_pdbx_struct_sheet_hbond.range_2_label_seq_id 
_pdbx_struct_sheet_hbond.range_2_PDB_ins_code 
_pdbx_struct_sheet_hbond.range_2_auth_atom_id 
_pdbx_struct_sheet_hbond.range_2_auth_comp_id 
_pdbx_struct_sheet_hbond.range_2_auth_asym_id 
_pdbx_struct_sheet_hbond.range_2_auth_seq_id 
A 1 2 N TYR A 18 ? N TYR A 18 O THR A 26 ? O THR A 26 
A 2 3 N TYR A 25 ? N TYR A 25 O LEU A 33 ? O LEU A 33 
# 
loop_
_struct_site.id 
_struct_site.pdbx_evidence_code 
_struct_site.pdbx_auth_asym_id 
_struct_site.pdbx_auth_comp_id 
_struct_site.pdbx_auth_seq_id 
_struct_site.pdbx_auth_ins_code 
_struct_site.pdbx_num_residues 
_struct_site.details 
AC1 Software A CL  173 ? 5 'BINDING SITE FOR RESIDUE CL A 173'  
AC2 Software A CL  178 ? 5 'BINDING SITE FOR RESIDUE CL A 178'  
AC3 Software A 5MP 400 ? 6 'BINDING SITE FOR RESIDUE 5MP A 400' 
AC4 Software A BME 170 ? 2 'BINDING SITE FOR RESIDUE BME A 170' 
# 
loop_
_struct_site_gen.id 
_struct_site_gen.site_id 
_struct_site_gen.pdbx_num_res 
_struct_site_gen.label_comp_id 
_struct_site_gen.label_asym_id 
_struct_site_gen.label_seq_id 
_struct_site_gen.pdbx_auth_ins_code 
_struct_site_gen.auth_comp_id 
_struct_site_gen.auth_asym_id 
_struct_site_gen.auth_seq_id 
_struct_site_gen.label_atom_id 
_struct_site_gen.label_alt_id 
_struct_site_gen.symmetry 
_struct_site_gen.details 
1  AC1 5 THR A 142 ? THR A 142 . ? 1_555 ? 
2  AC1 5 ASN A 144 ? ASN A 144 . ? 1_555 ? 
3  AC1 5 ARG A 145 ? ARG A 145 . ? 1_555 ? 
4  AC1 5 HOH F .   ? HOH A 291 . ? 4_655 ? 
5  AC1 5 HOH F .   ? HOH A 299 . ? 1_555 ? 
6  AC2 5 ALA A 49  ? ALA A 49  . ? 1_555 ? 
7  AC2 5 GLN A 69  ? GLN A 69  . ? 1_555 ? 
8  AC2 5 SER A 136 ? SER A 136 . ? 3_665 ? 
9  AC2 5 ASN A 140 ? ASN A 140 . ? 3_665 ? 
10 AC2 5 HOH F .   ? HOH A 282 . ? 1_555 ? 
11 AC3 6 LEU A 84  ? LEU A 84  . ? 1_555 ? 
12 AC3 6 TYR A 88  ? TYR A 88  . ? 1_555 ? 
13 AC3 6 ALA A 99  ? ALA A 99  . ? 1_555 ? 
14 AC3 6 GLN A 102 ? GLN A 102 . ? 1_555 ? 
15 AC3 6 VAL A 111 ? VAL A 111 . ? 1_555 ? 
16 AC3 6 LEU A 118 ? LEU A 118 . ? 1_555 ? 
17 AC4 2 ASP A 72  ? ASP A 72  . ? 5_555 ? 
18 AC4 2 HOH F .   ? HOH A 199 . ? 1_555 ? 
# 
_atom_sites.entry_id                    1LI6 
_atom_sites.fract_transf_matrix[1][1]   -0.00156434 
_atom_sites.fract_transf_matrix[1][2]   0.00833557 
_atom_sites.fract_transf_matrix[1][3]   -0.01699261 
_atom_sites.fract_transf_matrix[2][1]   -0.00904473 
_atom_sites.fract_transf_matrix[2][2]   0.01662046 
_atom_sites.fract_transf_matrix[2][3]   -0.00162764 
_atom_sites.fract_transf_matrix[3][1]   0.00882761 
_atom_sites.fract_transf_matrix[3][2]   0.00496274 
_atom_sites.fract_transf_matrix[3][3]   0.00162176 
_atom_sites.fract_transf_vector[1]      0.682427 
_atom_sites.fract_transf_vector[2]      0.220805 
_atom_sites.fract_transf_vector[3]      0.100717 
# 
loop_
_atom_type.symbol 
C  
CL 
N  
O  
S  
# 
loop_
_atom_site.group_PDB 
_atom_site.id 
_atom_site.type_symbol 
_atom_site.label_atom_id 
_atom_site.label_alt_id 
_atom_site.label_comp_id 
_atom_site.label_asym_id 
_atom_site.label_entity_id 
_atom_site.label_seq_id 
_atom_site.pdbx_PDB_ins_code 
_atom_site.Cartn_x 
_atom_site.Cartn_y 
_atom_site.Cartn_z 
_atom_site.occupancy 
_atom_site.B_iso_or_equiv 
_atom_site.pdbx_formal_charge 
_atom_site.auth_seq_id 
_atom_site.auth_comp_id 
_atom_site.auth_asym_id 
_atom_site.auth_atom_id 
_atom_site.pdbx_PDB_model_num 
ATOM   1    N  N   . MET A 1 1   ? 7.984   -13.445 -7.907  1.00 25.20  ? 1   MET A N   1 
ATOM   2    C  CA  . MET A 1 1   ? 7.369   -12.209 -7.471  1.00 26.09  ? 1   MET A CA  1 
ATOM   3    C  C   . MET A 1 1   ? 7.682   -11.951 -5.983  1.00 18.96  ? 1   MET A C   1 
ATOM   4    O  O   . MET A 1 1   ? 7.751   -12.880 -5.207  1.00 18.67  ? 1   MET A O   1 
ATOM   5    C  CB  . MET A 1 1   ? 5.887   -12.236 -7.955  1.00 20.60  ? 1   MET A CB  1 
ATOM   6    C  CG  . MET A 1 1   ? 5.035   -11.116 -7.384  1.00 41.79  ? 1   MET A CG  1 
ATOM   7    S  SD  . MET A 1 1   ? 4.768   -9.799  -8.590  1.00 37.10  ? 1   MET A SD  1 
ATOM   8    C  CE  . MET A 1 1   ? 4.776   -10.945 -9.926  1.00 22.42  ? 1   MET A CE  1 
ATOM   9    N  N   . ASN A 1 2   ? 7.749   -10.677 -5.588  1.00 12.47  ? 2   ASN A N   1 
ATOM   10   C  CA  . ASN A 1 2   ? 7.927   -10.311 -4.207  1.00 14.87  ? 2   ASN A CA  1 
ATOM   11   C  C   . ASN A 1 2   ? 7.145   -9.011  -3.986  1.00 16.66  ? 2   ASN A C   1 
ATOM   12   O  O   . ASN A 1 2   ? 6.616   -8.418  -4.916  1.00 10.46  ? 2   ASN A O   1 
ATOM   13   C  CB  . ASN A 1 2   ? 9.447   -10.268 -3.908  1.00 7.62   ? 2   ASN A CB  1 
ATOM   14   C  CG  . ASN A 1 2   ? 10.173  -9.238  -4.709  1.00 15.33  ? 2   ASN A CG  1 
ATOM   15   O  OD1 . ASN A 1 2   ? 9.858   -8.061  -4.693  1.00 12.90  ? 2   ASN A OD1 1 
ATOM   16   N  ND2 . ASN A 1 2   ? 11.174  -9.697  -5.417  1.00 8.41   ? 2   ASN A ND2 1 
ATOM   17   N  N   . ILE A 1 3   ? 7.115   -8.538  -2.750  1.00 7.18   ? 3   ILE A N   1 
ATOM   18   C  CA  . ILE A 1 3   ? 6.398   -7.306  -2.359  1.00 10.42  ? 3   ILE A CA  1 
ATOM   19   C  C   . ILE A 1 3   ? 6.751   -6.047  -3.213  1.00 11.34  ? 3   ILE A C   1 
ATOM   20   O  O   . ILE A 1 3   ? 5.919   -5.169  -3.502  1.00 11.16  ? 3   ILE A O   1 
ATOM   21   C  CB  . ILE A 1 3   ? 6.486   -7.131  -0.810  1.00 16.83  ? 3   ILE A CB  1 
ATOM   22   C  CG1 . ILE A 1 3   ? 5.545   -6.031  -0.284  1.00 9.03   ? 3   ILE A CG1 1 
ATOM   23   C  CG2 . ILE A 1 3   ? 7.929   -6.866  -0.307  1.00 18.59  ? 3   ILE A CG2 1 
ATOM   24   C  CD1 . ILE A 1 3   ? 4.142   -6.104  -0.932  1.00 9.61   ? 3   ILE A CD1 1 
ATOM   25   N  N   . PHE A 1 4   ? 8.069   -5.925  -3.530  1.00 8.69   ? 4   PHE A N   1 
ATOM   26   C  CA  . PHE A 1 4   ? 8.548   -4.737  -4.246  1.00 9.19   ? 4   PHE A CA  1 
ATOM   27   C  C   . PHE A 1 4   ? 8.067   -4.713  -5.650  1.00 14.41  ? 4   PHE A C   1 
ATOM   28   O  O   . PHE A 1 4   ? 7.621   -3.708  -6.182  1.00 11.60  ? 4   PHE A O   1 
ATOM   29   C  CB  . PHE A 1 4   ? 10.066  -4.636  -4.167  1.00 13.21  ? 4   PHE A CB  1 
ATOM   30   C  CG  . PHE A 1 4   ? 10.565  -4.306  -2.775  1.00 20.21  ? 4   PHE A CG  1 
ATOM   31   C  CD1 . PHE A 1 4   ? 11.099  -5.311  -1.966  1.00 18.48  ? 4   PHE A CD1 1 
ATOM   32   C  CD2 . PHE A 1 4   ? 10.519  -2.987  -2.308  1.00 18.78  ? 4   PHE A CD2 1 
ATOM   33   C  CE1 . PHE A 1 4   ? 11.517  -5.001  -0.672  1.00 16.48  ? 4   PHE A CE1 1 
ATOM   34   C  CE2 . PHE A 1 4   ? 11.027  -2.644  -1.056  1.00 16.32  ? 4   PHE A CE2 1 
ATOM   35   C  CZ  . PHE A 1 4   ? 11.493  -3.670  -0.239  1.00 18.88  ? 4   PHE A CZ  1 
ATOM   36   N  N   . GLU A 1 5   ? 8.194   -5.867  -6.280  1.00 9.52   ? 5   GLU A N   1 
ATOM   37   C  CA  . GLU A 1 5   ? 7.726   -5.969  -7.666  1.00 11.56  ? 5   GLU A CA  1 
ATOM   38   C  C   . GLU A 1 5   ? 6.220   -5.807  -7.708  1.00 16.56  ? 5   GLU A C   1 
ATOM   39   O  O   . GLU A 1 5   ? 5.623   -5.179  -8.557  1.00 14.87  ? 5   GLU A O   1 
ATOM   40   C  CB  . GLU A 1 5   ? 7.963   -7.432  -8.097  1.00 10.85  ? 5   GLU A CB  1 
ATOM   41   C  CG  . GLU A 1 5   ? 9.461   -7.811  -8.241  1.00 18.46  ? 5   GLU A CG  1 
ATOM   42   C  CD  . GLU A 1 5   ? 9.683   -9.211  -8.755  1.00 32.60  ? 5   GLU A CD  1 
ATOM   43   O  OE1 . GLU A 1 5   ? 8.923   -10.113 -8.479  1.00 65.43  ? 5   GLU A OE1 1 
ATOM   44   O  OE2 . GLU A 1 5   ? 10.723  -9.349  -9.536  1.00 100.00 ? 5   GLU A OE2 1 
ATOM   45   N  N   . MET A 1 6   ? 5.568   -6.421  -6.745  1.00 11.00  ? 6   MET A N   1 
ATOM   46   C  CA  . MET A 1 6   ? 4.115   -6.335  -6.680  1.00 9.41   ? 6   MET A CA  1 
ATOM   47   C  C   . MET A 1 6   ? 3.693   -4.884  -6.487  1.00 18.35  ? 6   MET A C   1 
ATOM   48   O  O   . MET A 1 6   ? 2.837   -4.315  -7.164  1.00 13.86  ? 6   MET A O   1 
ATOM   49   C  CB  . MET A 1 6   ? 3.624   -7.098  -5.426  1.00 11.70  ? 6   MET A CB  1 
ATOM   50   C  CG  . MET A 1 6   ? 2.106   -7.030  -5.270  1.00 11.38  ? 6   MET A CG  1 
ATOM   51   S  SD  . MET A 1 6   ? 1.511   -7.543  -3.615  1.00 13.59  ? 6   MET A SD  1 
ATOM   52   C  CE  . MET A 1 6   ? -0.142  -8.215  -3.932  1.00 16.02  ? 6   MET A CE  1 
ATOM   53   N  N   . LEU A 1 7   ? 4.252   -4.232  -5.505  1.00 13.22  ? 7   LEU A N   1 
ATOM   54   C  CA  . LEU A 1 7   ? 3.802   -2.846  -5.358  1.00 12.14  ? 7   LEU A CA  1 
ATOM   55   C  C   . LEU A 1 7   ? 4.274   -1.969  -6.489  1.00 18.58  ? 7   LEU A C   1 
ATOM   56   O  O   . LEU A 1 7   ? 3.686   -0.927  -6.818  1.00 13.71  ? 7   LEU A O   1 
ATOM   57   C  CB  . LEU A 1 7   ? 4.377   -2.206  -4.079  1.00 13.39  ? 7   LEU A CB  1 
ATOM   58   C  CG  . LEU A 1 7   ? 3.529   -2.583  -2.837  1.00 19.07  ? 7   LEU A CG  1 
ATOM   59   C  CD1 . LEU A 1 7   ? 4.372   -2.442  -1.583  1.00 19.51  ? 7   LEU A CD1 1 
ATOM   60   C  CD2 . LEU A 1 7   ? 2.246   -1.753  -2.747  1.00 13.58  ? 7   LEU A CD2 1 
ATOM   61   N  N   . ARG A 1 8   ? 5.403   -2.338  -7.070  1.00 10.44  ? 8   ARG A N   1 
ATOM   62   C  CA  . ARG A 1 8   ? 5.855   -1.435  -8.117  1.00 12.01  ? 8   ARG A CA  1 
ATOM   63   C  C   . ARG A 1 8   ? 4.886   -1.480  -9.263  1.00 17.09  ? 8   ARG A C   1 
ATOM   64   O  O   . ARG A 1 8   ? 4.681   -0.502  -9.953  1.00 16.85  ? 8   ARG A O   1 
ATOM   65   C  CB  . ARG A 1 8   ? 7.244   -1.760  -8.596  1.00 24.74  ? 8   ARG A CB  1 
ATOM   66   C  CG  . ARG A 1 8   ? 7.550   -1.194  -9.969  1.00 30.49  ? 8   ARG A CG  1 
ATOM   67   C  CD  . ARG A 1 8   ? 8.550   -0.055  -9.896  1.00 26.23  ? 8   ARG A CD  1 
ATOM   68   N  NE  . ARG A 1 8   ? 9.046   0.448   -11.195 1.00 49.93  ? 8   ARG A NE  1 
ATOM   69   C  CZ  . ARG A 1 8   ? 8.285   0.815   -12.254 1.00 100.00 ? 8   ARG A CZ  1 
ATOM   70   N  NH1 . ARG A 1 8   ? 6.946   0.749   -12.271 1.00 50.15  ? 8   ARG A NH1 1 
ATOM   71   N  NH2 . ARG A 1 8   ? 8.884   1.265   -13.359 1.00 100.00 ? 8   ARG A NH2 1 
ATOM   72   N  N   . ILE A 1 9   ? 4.235   -2.621  -9.411  1.00 14.12  ? 9   ILE A N   1 
ATOM   73   C  CA  . ILE A 1 9   ? 3.246   -2.761  -10.424 1.00 13.12  ? 9   ILE A CA  1 
ATOM   74   C  C   . ILE A 1 9   ? 1.986   -1.970  -10.068 1.00 22.25  ? 9   ILE A C   1 
ATOM   75   O  O   . ILE A 1 9   ? 1.438   -1.286  -10.901 1.00 15.13  ? 9   ILE A O   1 
ATOM   76   C  CB  . ILE A 1 9   ? 2.905   -4.226  -10.628 1.00 14.85  ? 9   ILE A CB  1 
ATOM   77   C  CG1 . ILE A 1 9   ? 3.869   -4.914  -11.587 1.00 9.54   ? 9   ILE A CG1 1 
ATOM   78   C  CG2 . ILE A 1 9   ? 1.540   -4.403  -11.273 1.00 14.94  ? 9   ILE A CG2 1 
ATOM   79   C  CD1 . ILE A 1 9   ? 3.834   -6.443  -11.422 1.00 20.11  ? 9   ILE A CD1 1 
ATOM   80   N  N   . ASP A 1 10  ? 1.533   -2.007  -8.824  1.00 11.62  ? 10  ASP A N   1 
ATOM   81   C  CA  . ASP A 1 10  ? 0.314   -1.344  -8.439  1.00 10.78  ? 10  ASP A CA  1 
ATOM   82   C  C   . ASP A 1 10  ? 0.453   0.170   -8.317  1.00 14.35  ? 10  ASP A C   1 
ATOM   83   O  O   . ASP A 1 10  ? -0.494  0.927   -8.528  1.00 15.50  ? 10  ASP A O   1 
ATOM   84   C  CB  . ASP A 1 10  ? -0.151  -1.911  -7.072  1.00 9.78   ? 10  ASP A CB  1 
ATOM   85   C  CG  . ASP A 1 10  ? -0.827  -3.223  -7.235  1.00 18.19  ? 10  ASP A CG  1 
ATOM   86   O  OD1 . ASP A 1 10  ? -1.384  -3.524  -8.282  1.00 13.30  ? 10  ASP A OD1 1 
ATOM   87   O  OD2 . ASP A 1 10  ? -0.683  -4.020  -6.213  1.00 12.65  ? 10  ASP A OD2 1 
ATOM   88   N  N   . GLU A 1 11  ? 1.625   0.659   -7.981  1.00 13.49  ? 11  GLU A N   1 
ATOM   89   C  CA  . GLU A 1 11  ? 1.757   2.114   -7.791  1.00 10.70  ? 11  GLU A CA  1 
ATOM   90   C  C   . GLU A 1 11  ? 2.385   2.927   -8.930  1.00 11.93  ? 11  GLU A C   1 
ATOM   91   O  O   . GLU A 1 11  ? 2.315   4.173   -9.005  1.00 20.49  ? 11  GLU A O   1 
ATOM   92   C  CB  . GLU A 1 11  ? 2.712   2.316   -6.597  1.00 10.20  ? 11  GLU A CB  1 
ATOM   93   C  CG  . GLU A 1 11  ? 2.054   1.812   -5.304  1.00 9.57   ? 11  GLU A CG  1 
ATOM   94   C  CD  . GLU A 1 11  ? 0.883   2.648   -4.836  1.00 14.72  ? 11  GLU A CD  1 
ATOM   95   O  OE1 . GLU A 1 11  ? 0.582   3.721   -5.303  1.00 21.24  ? 11  GLU A OE1 1 
ATOM   96   O  OE2 . GLU A 1 11  ? 0.127   2.072   -3.956  1.00 17.51  ? 11  GLU A OE2 1 
ATOM   97   N  N   . GLY A 1 12  ? 3.137   2.198   -9.732  1.00 12.73  ? 12  GLY A N   1 
ATOM   98   C  CA  . GLY A 1 12  ? 3.945   2.726   -10.821 1.00 15.80  ? 12  GLY A CA  1 
ATOM   99   C  C   . GLY A 1 12  ? 5.160   3.477   -10.316 1.00 29.14  ? 12  GLY A C   1 
ATOM   100  O  O   . GLY A 1 12  ? 5.420   3.458   -9.118  1.00 16.50  ? 12  GLY A O   1 
ATOM   101  N  N   . LEU A 1 13  ? 5.896   4.135   -11.238 1.00 18.81  ? 13  LEU A N   1 
ATOM   102  C  CA  . LEU A 1 13  ? 7.037   4.993   -10.865 1.00 26.55  ? 13  LEU A CA  1 
ATOM   103  C  C   . LEU A 1 13  ? 6.994   6.387   -11.535 1.00 22.48  ? 13  LEU A C   1 
ATOM   104  O  O   . LEU A 1 13  ? 6.964   6.478   -12.742 1.00 21.20  ? 13  LEU A O   1 
ATOM   105  C  CB  . LEU A 1 13  ? 8.363   4.348   -11.259 1.00 21.35  ? 13  LEU A CB  1 
ATOM   106  C  CG  . LEU A 1 13  ? 9.558   5.302   -11.039 1.00 35.67  ? 13  LEU A CG  1 
ATOM   107  C  CD1 . LEU A 1 13  ? 9.642   5.695   -9.566  1.00 28.64  ? 13  LEU A CD1 1 
ATOM   108  C  CD2 . LEU A 1 13  ? 10.854  4.600   -11.425 1.00 39.22  ? 13  LEU A CD2 1 
ATOM   109  N  N   . ARG A 1 14  ? 6.993   7.473   -10.768 1.00 20.90  ? 14  ARG A N   1 
ATOM   110  C  CA  . ARG A 1 14  ? 6.991   8.829   -11.313 1.00 21.51  ? 14  ARG A CA  1 
ATOM   111  C  C   . ARG A 1 14  ? 7.971   9.660   -10.536 1.00 24.59  ? 14  ARG A C   1 
ATOM   112  O  O   . ARG A 1 14  ? 7.948   9.662   -9.307  1.00 15.14  ? 14  ARG A O   1 
ATOM   113  C  CB  . ARG A 1 14  ? 5.681   9.555   -11.158 1.00 10.84  ? 14  ARG A CB  1 
ATOM   114  C  CG  . ARG A 1 14  ? 4.569   8.599   -11.523 1.00 33.54  ? 14  ARG A CG  1 
ATOM   115  C  CD  . ARG A 1 14  ? 3.617   9.167   -12.560 1.00 24.29  ? 14  ARG A CD  1 
ATOM   116  N  NE  . ARG A 1 14  ? 3.929   10.541  -12.931 1.00 100.00 ? 14  ARG A NE  1 
ATOM   117  C  CZ  . ARG A 1 14  ? 2.980   11.436  -13.255 1.00 100.00 ? 14  ARG A CZ  1 
ATOM   118  N  NH1 . ARG A 1 14  ? 1.660   11.088  -13.241 1.00 57.55  ? 14  ARG A NH1 1 
ATOM   119  N  NH2 . ARG A 1 14  ? 3.378   12.693  -13.592 1.00 100.00 ? 14  ARG A NH2 1 
ATOM   120  N  N   . LEU A 1 15  ? 8.871   10.301  -11.260 1.00 20.21  ? 15  LEU A N   1 
ATOM   121  C  CA  . LEU A 1 15  ? 9.942   11.127  -10.707 1.00 17.50  ? 15  LEU A CA  1 
ATOM   122  C  C   . LEU A 1 15  ? 9.573   12.594  -10.493 1.00 15.74  ? 15  LEU A C   1 
ATOM   123  O  O   . LEU A 1 15  ? 10.412  13.363  -10.014 1.00 30.76  ? 15  LEU A O   1 
ATOM   124  C  CB  . LEU A 1 15  ? 11.131  11.060  -11.660 1.00 14.99  ? 15  LEU A CB  1 
ATOM   125  C  CG  . LEU A 1 15  ? 11.521  9.591   -11.777 1.00 25.55  ? 15  LEU A CG  1 
ATOM   126  C  CD1 . LEU A 1 15  ? 12.872  9.383   -12.427 1.00 24.00  ? 15  LEU A CD1 1 
ATOM   127  C  CD2 . LEU A 1 15  ? 11.781  8.963   -10.417 1.00 35.17  ? 15  LEU A CD2 1 
ATOM   128  N  N   . LYS A 1 16  ? 8.325   12.981  -10.865 1.00 13.82  ? 16  LYS A N   1 
ATOM   129  C  CA  . LYS A 1 16  ? 7.955   14.365  -10.683 1.00 18.55  ? 16  LYS A CA  1 
ATOM   130  C  C   . LYS A 1 16  ? 6.747   14.356  -9.795  1.00 25.21  ? 16  LYS A C   1 
ATOM   131  O  O   . LYS A 1 16  ? 6.001   13.378  -9.838  1.00 31.95  ? 16  LYS A O   1 
ATOM   132  C  CB  . LYS A 1 16  ? 7.493   15.111  -11.976 1.00 24.13  ? 16  LYS A CB  1 
ATOM   133  C  CG  . LYS A 1 16  ? 6.127   15.787  -11.769 1.00 100.00 ? 16  LYS A CG  1 
ATOM   134  C  CD  . LYS A 1 16  ? 6.084   17.345  -11.715 1.00 100.00 ? 16  LYS A CD  1 
ATOM   135  C  CE  . LYS A 1 16  ? 6.620   18.050  -10.434 1.00 100.00 ? 16  LYS A CE  1 
ATOM   136  N  NZ  . LYS A 1 16  ? 5.972   19.324  -9.984  1.00 66.50  ? 16  LYS A NZ  1 
ATOM   137  N  N   . ILE A 1 17  ? 6.578   15.408  -8.979  1.00 17.82  ? 17  ILE A N   1 
ATOM   138  C  CA  . ILE A 1 17  ? 5.403   15.418  -8.110  1.00 7.32   ? 17  ILE A CA  1 
ATOM   139  C  C   . ILE A 1 17  ? 4.109   15.168  -8.928  1.00 26.09  ? 17  ILE A C   1 
ATOM   140  O  O   . ILE A 1 17  ? 3.906   15.741  -10.016 1.00 22.14  ? 17  ILE A O   1 
ATOM   141  C  CB  . ILE A 1 17  ? 5.247   16.738  -7.342  1.00 15.05  ? 17  ILE A CB  1 
ATOM   142  C  CG1 . ILE A 1 17  ? 6.354   16.781  -6.293  1.00 20.84  ? 17  ILE A CG1 1 
ATOM   143  C  CG2 . ILE A 1 17  ? 3.808   16.888  -6.767  1.00 14.50  ? 17  ILE A CG2 1 
ATOM   144  C  CD1 . ILE A 1 17  ? 6.323   18.062  -5.424  1.00 19.39  ? 17  ILE A CD1 1 
ATOM   145  N  N   . TYR A 1 18  ? 3.213   14.322  -8.380  1.00 13.57  ? 18  TYR A N   1 
ATOM   146  C  CA  . TYR A 1 18  ? 1.966   14.048  -9.023  1.00 10.54  ? 18  TYR A CA  1 
ATOM   147  C  C   . TYR A 1 18  ? 0.842   13.996  -8.000  1.00 16.04  ? 18  TYR A C   1 
ATOM   148  O  O   . TYR A 1 18  ? 1.050   13.982  -6.760  1.00 20.65  ? 18  TYR A O   1 
ATOM   149  C  CB  . TYR A 1 18  ? 2.210   12.874  -10.023 1.00 17.32  ? 18  TYR A CB  1 
ATOM   150  C  CG  . TYR A 1 18  ? 2.345   11.532  -9.327  1.00 24.74  ? 18  TYR A CG  1 
ATOM   151  C  CD1 . TYR A 1 18  ? 1.202   10.772  -9.052  1.00 25.26  ? 18  TYR A CD1 1 
ATOM   152  C  CD2 . TYR A 1 18  ? 3.595   11.050  -8.921  1.00 20.99  ? 18  TYR A CD2 1 
ATOM   153  C  CE1 . TYR A 1 18  ? 1.276   9.550   -8.371  1.00 19.86  ? 18  TYR A CE1 1 
ATOM   154  C  CE2 . TYR A 1 18  ? 3.701   9.816   -8.288  1.00 21.39  ? 18  TYR A CE2 1 
ATOM   155  C  CZ  . TYR A 1 18  ? 2.535   9.088   -7.993  1.00 30.45  ? 18  TYR A CZ  1 
ATOM   156  O  OH  . TYR A 1 18  ? 2.637   7.861   -7.420  1.00 24.47  ? 18  TYR A OH  1 
ATOM   157  N  N   . LYS A 1 19  ? -0.385  13.932  -8.554  1.00 13.84  ? 19  LYS A N   1 
ATOM   158  C  CA  . LYS A 1 19  ? -1.563  13.794  -7.722  1.00 11.85  ? 19  LYS A CA  1 
ATOM   159  C  C   . LYS A 1 19  ? -2.006  12.311  -7.728  1.00 30.56  ? 19  LYS A C   1 
ATOM   160  O  O   . LYS A 1 19  ? -2.123  11.705  -8.797  1.00 18.62  ? 19  LYS A O   1 
ATOM   161  C  CB  . LYS A 1 19  ? -2.724  14.774  -7.991  1.00 19.71  ? 19  LYS A CB  1 
ATOM   162  C  CG  . LYS A 1 19  ? -2.536  16.257  -7.658  1.00 23.00  ? 19  LYS A CG  1 
ATOM   163  C  CD  . LYS A 1 19  ? -3.870  16.972  -7.403  1.00 29.80  ? 19  LYS A CD  1 
ATOM   164  C  CE  . LYS A 1 19  ? -3.976  18.441  -7.831  1.00 27.23  ? 19  LYS A CE  1 
ATOM   165  N  NZ  . LYS A 1 19  ? -5.108  19.201  -7.242  1.00 54.64  ? 19  LYS A NZ  1 
ATOM   166  N  N   . ASP A 1 20  ? -2.276  11.676  -6.565  1.00 14.07  ? 20  ASP A N   1 
ATOM   167  C  CA  . ASP A 1 20  ? -2.677  10.298  -6.641  1.00 14.92  ? 20  ASP A CA  1 
ATOM   168  C  C   . ASP A 1 20  ? -4.156  10.202  -7.032  1.00 15.56  ? 20  ASP A C   1 
ATOM   169  O  O   . ASP A 1 20  ? -4.814  11.194  -7.304  1.00 18.21  ? 20  ASP A O   1 
ATOM   170  C  CB  . ASP A 1 20  ? -2.251  9.561   -5.367  1.00 15.12  ? 20  ASP A CB  1 
ATOM   171  C  CG  . ASP A 1 20  ? -3.082  10.061  -4.206  1.00 23.80  ? 20  ASP A CG  1 
ATOM   172  O  OD1 . ASP A 1 20  ? -3.854  10.967  -4.316  1.00 24.74  ? 20  ASP A OD1 1 
ATOM   173  O  OD2 . ASP A 1 20  ? -2.972  9.389   -3.108  1.00 24.63  ? 20  ASP A OD2 1 
ATOM   174  N  N   . THR A 1 21  ? -4.722  8.995   -6.955  1.00 16.10  ? 21  THR A N   1 
ATOM   175  C  CA  . THR A 1 21  ? -6.124  8.784   -7.341  1.00 19.00  ? 21  THR A CA  1 
ATOM   176  C  C   . THR A 1 21  ? -7.076  9.578   -6.475  1.00 33.70  ? 21  THR A C   1 
ATOM   177  O  O   . THR A 1 21  ? -8.181  9.793   -6.926  1.00 22.04  ? 21  THR A O   1 
ATOM   178  C  CB  . THR A 1 21  ? -6.509  7.296   -7.328  1.00 32.91  ? 21  THR A CB  1 
ATOM   179  O  OG1 . THR A 1 21  ? -6.632  6.919   -5.972  1.00 31.34  ? 21  THR A OG1 1 
ATOM   180  C  CG2 . THR A 1 21  ? -5.332  6.461   -7.868  1.00 41.91  ? 21  THR A CG2 1 
ATOM   181  N  N   . GLU A 1 22  ? -6.644  10.006  -5.255  1.00 26.51  ? 22  GLU A N   1 
ATOM   182  C  CA  . GLU A 1 22  ? -7.486  10.805  -4.324  1.00 14.86  ? 22  GLU A CA  1 
ATOM   183  C  C   . GLU A 1 22  ? -7.218  12.301  -4.406  1.00 17.92  ? 22  GLU A C   1 
ATOM   184  O  O   . GLU A 1 22  ? -7.872  13.046  -3.714  1.00 22.34  ? 22  GLU A O   1 
ATOM   185  C  CB  . GLU A 1 22  ? -7.385  10.505  -2.818  1.00 13.66  ? 22  GLU A CB  1 
ATOM   186  C  CG  . GLU A 1 22  ? -7.546  9.006   -2.501  1.00 26.13  ? 22  GLU A CG  1 
ATOM   187  C  CD  . GLU A 1 22  ? -8.930  8.583   -2.132  1.00 54.55  ? 22  GLU A CD  1 
ATOM   188  O  OE1 . GLU A 1 22  ? -9.801  9.354   -1.773  1.00 53.95  ? 22  GLU A OE1 1 
ATOM   189  O  OE2 . GLU A 1 22  ? -9.061  7.285   -2.191  1.00 100.00 ? 22  GLU A OE2 1 
ATOM   190  N  N   . GLY A 1 23  ? -6.261  12.660  -5.283  1.00 14.68  ? 23  GLY A N   1 
ATOM   191  C  CA  . GLY A 1 23  ? -5.871  14.021  -5.563  1.00 14.98  ? 23  GLY A CA  1 
ATOM   192  C  C   . GLY A 1 23  ? -4.739  14.503  -4.676  1.00 25.55  ? 23  GLY A C   1 
ATOM   193  O  O   . GLY A 1 23  ? -4.471  15.676  -4.676  1.00 24.28  ? 23  GLY A O   1 
ATOM   194  N  N   . TYR A 1 24  ? -4.047  13.628  -3.945  1.00 19.13  ? 24  TYR A N   1 
ATOM   195  C  CA  . TYR A 1 24  ? -2.975  14.137  -3.131  1.00 13.78  ? 24  TYR A CA  1 
ATOM   196  C  C   . TYR A 1 24  ? -1.624  14.038  -3.738  1.00 22.04  ? 24  TYR A C   1 
ATOM   197  O  O   . TYR A 1 24  ? -1.277  13.113  -4.474  1.00 16.52  ? 24  TYR A O   1 
ATOM   198  C  CB  . TYR A 1 24  ? -2.761  13.289  -1.912  1.00 19.88  ? 24  TYR A CB  1 
ATOM   199  C  CG  . TYR A 1 24  ? -4.037  13.222  -1.134  1.00 20.09  ? 24  TYR A CG  1 
ATOM   200  C  CD1 . TYR A 1 24  ? -4.503  12.009  -0.635  1.00 17.25  ? 24  TYR A CD1 1 
ATOM   201  C  CD2 . TYR A 1 24  ? -4.723  14.390  -0.812  1.00 31.14  ? 24  TYR A CD2 1 
ATOM   202  C  CE1 . TYR A 1 24  ? -5.683  11.916  0.108   1.00 27.97  ? 24  TYR A CE1 1 
ATOM   203  C  CE2 . TYR A 1 24  ? -5.886  14.312  -0.041  1.00 51.23  ? 24  TYR A CE2 1 
ATOM   204  C  CZ  . TYR A 1 24  ? -6.381  13.086  0.410   1.00 45.99  ? 24  TYR A CZ  1 
ATOM   205  O  OH  . TYR A 1 24  ? -7.523  13.026  1.179   1.00 51.47  ? 24  TYR A OH  1 
ATOM   206  N  N   . TYR A 1 25  ? -0.822  15.002  -3.333  1.00 17.90  ? 25  TYR A N   1 
ATOM   207  C  CA  . TYR A 1 25  ? 0.539   15.070  -3.821  1.00 17.45  ? 25  TYR A CA  1 
ATOM   208  C  C   . TYR A 1 25  ? 1.402   13.877  -3.422  1.00 14.90  ? 25  TYR A C   1 
ATOM   209  O  O   . TYR A 1 25  ? 1.681   13.577  -2.232  1.00 14.26  ? 25  TYR A O   1 
ATOM   210  C  CB  . TYR A 1 25  ? 1.194   16.357  -3.279  1.00 13.47  ? 25  TYR A CB  1 
ATOM   211  C  CG  . TYR A 1 25  ? 0.625   17.534  -4.023  1.00 23.84  ? 25  TYR A CG  1 
ATOM   212  C  CD1 . TYR A 1 25  ? 0.138   18.627  -3.312  1.00 24.40  ? 25  TYR A CD1 1 
ATOM   213  C  CD2 . TYR A 1 25  ? 0.502   17.524  -5.414  1.00 25.33  ? 25  TYR A CD2 1 
ATOM   214  C  CE1 . TYR A 1 25  ? -0.455  19.706  -3.968  1.00 18.36  ? 25  TYR A CE1 1 
ATOM   215  C  CE2 . TYR A 1 25  ? -0.082  18.605  -6.082  1.00 40.74  ? 25  TYR A CE2 1 
ATOM   216  C  CZ  . TYR A 1 25  ? -0.539  19.713  -5.357  1.00 27.56  ? 25  TYR A CZ  1 
ATOM   217  O  OH  . TYR A 1 25  ? -1.106  20.837  -5.945  1.00 31.02  ? 25  TYR A OH  1 
ATOM   218  N  N   . THR A 1 26  ? 1.970   13.308  -4.442  1.00 13.20  ? 26  THR A N   1 
ATOM   219  C  CA  . THR A 1 26  ? 2.740   12.125  -4.199  1.00 16.78  ? 26  THR A CA  1 
ATOM   220  C  C   . THR A 1 26  ? 3.930   12.106  -5.117  1.00 17.00  ? 26  THR A C   1 
ATOM   221  O  O   . THR A 1 26  ? 3.994   12.867  -6.095  1.00 15.47  ? 26  THR A O   1 
ATOM   222  C  CB  . THR A 1 26  ? 1.781   10.976  -4.715  1.00 23.35  ? 26  THR A CB  1 
ATOM   223  O  OG1 . THR A 1 26  ? 0.573   10.965  -3.944  1.00 13.44  ? 26  THR A OG1 1 
ATOM   224  C  CG2 . THR A 1 26  ? 2.275   9.532   -4.883  1.00 10.55  ? 26  THR A CG2 1 
ATOM   225  N  N   . ILE A 1 27  ? 4.850   11.185  -4.867  1.00 16.83  ? 27  ILE A N   1 
ATOM   226  C  CA  . ILE A 1 27  ? 5.989   11.069  -5.774  1.00 17.90  ? 27  ILE A CA  1 
ATOM   227  C  C   . ILE A 1 27  ? 6.594   9.657   -5.774  1.00 11.99  ? 27  ILE A C   1 
ATOM   228  O  O   . ILE A 1 27  ? 6.339   8.839   -4.923  1.00 13.92  ? 27  ILE A O   1 
ATOM   229  C  CB  . ILE A 1 27  ? 7.036   12.197  -5.552  1.00 25.52  ? 27  ILE A CB  1 
ATOM   230  C  CG1 . ILE A 1 27  ? 8.009   12.311  -6.729  1.00 18.83  ? 27  ILE A CG1 1 
ATOM   231  C  CG2 . ILE A 1 27  ? 7.843   11.785  -4.333  1.00 23.20  ? 27  ILE A CG2 1 
ATOM   232  C  CD1 . ILE A 1 27  ? 8.927   13.500  -6.687  1.00 21.18  ? 27  ILE A CD1 1 
ATOM   233  N  N   . GLY A 1 28  ? 7.493   9.395   -6.716  1.00 11.97  ? 28  GLY A N   1 
ATOM   234  C  CA  . GLY A 1 28  ? 8.186   8.131   -6.749  1.00 10.84  ? 28  GLY A CA  1 
ATOM   235  C  C   . GLY A 1 28  ? 7.228   6.956   -6.941  1.00 23.51  ? 28  GLY A C   1 
ATOM   236  O  O   . GLY A 1 28  ? 6.399   6.913   -7.868  1.00 12.35  ? 28  GLY A O   1 
ATOM   237  N  N   . ILE A 1 29  ? 7.396   5.967   -6.059  1.00 11.61  ? 29  ILE A N   1 
ATOM   238  C  CA  . ILE A 1 29  ? 6.569   4.748   -6.033  1.00 9.86   ? 29  ILE A CA  1 
ATOM   239  C  C   . ILE A 1 29  ? 5.496   4.805   -4.925  1.00 14.15  ? 29  ILE A C   1 
ATOM   240  O  O   . ILE A 1 29  ? 5.536   4.152   -3.841  1.00 18.47  ? 29  ILE A O   1 
ATOM   241  C  CB  . ILE A 1 29  ? 7.377   3.463   -5.893  1.00 13.43  ? 29  ILE A CB  1 
ATOM   242  C  CG1 . ILE A 1 29  ? 8.201   3.296   -7.189  1.00 17.05  ? 29  ILE A CG1 1 
ATOM   243  C  CG2 . ILE A 1 29  ? 6.349   2.329   -5.762  1.00 14.80  ? 29  ILE A CG2 1 
ATOM   244  C  CD1 . ILE A 1 29  ? 9.669   2.972   -6.965  1.00 25.68  ? 29  ILE A CD1 1 
ATOM   245  N  N   . GLY A 1 30  ? 4.514   5.646   -5.224  1.00 14.39  ? 30  GLY A N   1 
ATOM   246  C  CA  . GLY A 1 30  ? 3.402   5.839   -4.331  1.00 9.97   ? 30  GLY A CA  1 
ATOM   247  C  C   . GLY A 1 30  ? 3.776   6.513   -3.011  1.00 15.30  ? 30  GLY A C   1 
ATOM   248  O  O   . GLY A 1 30  ? 3.151   6.301   -2.013  1.00 16.04  ? 30  GLY A O   1 
ATOM   249  N  N   . HIS A 1 31  ? 4.751   7.377   -2.983  1.00 6.69   ? 31  HIS A N   1 
ATOM   250  C  CA  . HIS A 1 31  ? 5.090   7.972   -1.707  1.00 9.10   ? 31  HIS A CA  1 
ATOM   251  C  C   . HIS A 1 31  ? 4.303   9.254   -1.466  1.00 9.44   ? 31  HIS A C   1 
ATOM   252  O  O   . HIS A 1 31  ? 4.537   10.286  -2.117  1.00 13.45  ? 31  HIS A O   1 
ATOM   253  C  CB  . HIS A 1 31  ? 6.633   8.254   -1.761  1.00 11.71  ? 31  HIS A CB  1 
ATOM   254  C  CG  . HIS A 1 31  ? 7.027   8.892   -0.444  1.00 18.45  ? 31  HIS A CG  1 
ATOM   255  N  ND1 . HIS A 1 31  ? 7.330   8.141   0.705   1.00 11.96  ? 31  HIS A ND1 1 
ATOM   256  C  CD2 . HIS A 1 31  ? 7.096   10.196  -0.076  1.00 16.27  ? 31  HIS A CD2 1 
ATOM   257  C  CE1 . HIS A 1 31  ? 7.558   8.960   1.739   1.00 8.62   ? 31  HIS A CE1 1 
ATOM   258  N  NE2 . HIS A 1 31  ? 7.426   10.213  1.296   1.00 15.37  ? 31  HIS A NE2 1 
ATOM   259  N  N   . LEU A 1 32  ? 3.345   9.199   -0.547  1.00 15.74  ? 32  LEU A N   1 
ATOM   260  C  CA  . LEU A 1 32  ? 2.534   10.366  -0.348  1.00 20.84  ? 32  LEU A CA  1 
ATOM   261  C  C   . LEU A 1 32  ? 3.328   11.479  0.255   1.00 17.58  ? 32  LEU A C   1 
ATOM   262  O  O   . LEU A 1 32  ? 4.026   11.280  1.231   1.00 14.25  ? 32  LEU A O   1 
ATOM   263  C  CB  . LEU A 1 32  ? 1.335   10.042  0.559   1.00 25.17  ? 32  LEU A CB  1 
ATOM   264  C  CG  . LEU A 1 32  ? 0.510   11.263  0.994   1.00 42.98  ? 32  LEU A CG  1 
ATOM   265  C  CD1 . LEU A 1 32  ? -0.304  11.832  -0.169  1.00 26.33  ? 32  LEU A CD1 1 
ATOM   266  C  CD2 . LEU A 1 32  ? -0.371  10.907  2.185   1.00 23.69  ? 32  LEU A CD2 1 
ATOM   267  N  N   . LEU A 1 33  ? 3.189   12.673  -0.245  1.00 11.27  ? 33  LEU A N   1 
ATOM   268  C  CA  . LEU A 1 33  ? 3.988   13.664  0.430   1.00 12.87  ? 33  LEU A CA  1 
ATOM   269  C  C   . LEU A 1 33  ? 3.162   14.427  1.460   1.00 23.57  ? 33  LEU A C   1 
ATOM   270  O  O   . LEU A 1 33  ? 3.602   14.754  2.569   1.00 18.74  ? 33  LEU A O   1 
ATOM   271  C  CB  . LEU A 1 33  ? 4.472   14.723  -0.572  1.00 15.34  ? 33  LEU A CB  1 
ATOM   272  C  CG  . LEU A 1 33  ? 5.512   14.113  -1.453  1.00 24.41  ? 33  LEU A CG  1 
ATOM   273  C  CD1 . LEU A 1 33  ? 5.695   15.025  -2.650  1.00 16.49  ? 33  LEU A CD1 1 
ATOM   274  C  CD2 . LEU A 1 33  ? 6.831   14.088  -0.694  1.00 11.34  ? 33  LEU A CD2 1 
ATOM   275  N  N   . THR A 1 34  ? 1.954   14.763  1.026   1.00 20.22  ? 34  THR A N   1 
ATOM   276  C  CA  . THR A 1 34  ? 1.048   15.525  1.836   1.00 23.95  ? 34  THR A CA  1 
ATOM   277  C  C   . THR A 1 34  ? -0.367  15.505  1.309   1.00 36.71  ? 34  THR A C   1 
ATOM   278  O  O   . THR A 1 34  ? -0.599  15.386  0.086   1.00 31.82  ? 34  THR A O   1 
ATOM   279  C  CB  . THR A 1 34  ? 1.419   17.041  1.893   1.00 38.78  ? 34  THR A CB  1 
ATOM   280  O  OG1 . THR A 1 34  ? 0.527   17.681  2.812   1.00 32.08  ? 34  THR A OG1 1 
ATOM   281  C  CG2 . THR A 1 34  ? 1.473   17.852  0.590   1.00 22.10  ? 34  THR A CG2 1 
ATOM   282  N  N   . LYS A 1 35  ? -1.279  15.699  2.263   1.00 20.85  ? 35  LYS A N   1 
ATOM   283  C  CA  . LYS A 1 35  ? -2.690  15.781  1.939   1.00 34.39  ? 35  LYS A CA  1 
ATOM   284  C  C   . LYS A 1 35  ? -3.136  17.205  1.655   1.00 35.79  ? 35  LYS A C   1 
ATOM   285  O  O   . LYS A 1 35  ? -4.163  17.463  1.067   1.00 34.05  ? 35  LYS A O   1 
ATOM   286  C  CB  . LYS A 1 35  ? -3.616  15.064  2.881   1.00 28.84  ? 35  LYS A CB  1 
ATOM   287  C  CG  . LYS A 1 35  ? -3.227  13.601  3.047   1.00 47.38  ? 35  LYS A CG  1 
ATOM   288  C  CD  . LYS A 1 35  ? -4.314  12.686  3.610   1.00 23.91  ? 35  LYS A CD  1 
ATOM   289  C  CE  . LYS A 1 35  ? -3.993  11.955  4.924   1.00 100.00 ? 35  LYS A CE  1 
ATOM   290  N  NZ  . LYS A 1 35  ? -5.116  11.798  5.895   1.00 100.00 ? 35  LYS A NZ  1 
ATOM   291  N  N   . SER A 1 36  ? -2.336  18.153  2.012   1.00 23.83  ? 36  SER A N   1 
ATOM   292  C  CA  . SER A 1 36  ? -2.651  19.530  1.717   1.00 29.13  ? 36  SER A CA  1 
ATOM   293  C  C   . SER A 1 36  ? -2.588  19.770  0.213   1.00 39.17  ? 36  SER A C   1 
ATOM   294  O  O   . SER A 1 36  ? -1.779  19.168  -0.515  1.00 28.61  ? 36  SER A O   1 
ATOM   295  C  CB  . SER A 1 36  ? -1.810  20.490  2.571   1.00 30.74  ? 36  SER A CB  1 
ATOM   296  O  OG  . SER A 1 36  ? -1.508  21.742  1.940   1.00 48.29  ? 36  SER A OG  1 
ATOM   297  N  N   . PRO A 1 37  ? -3.426  20.725  -0.234  1.00 46.90  ? 37  PRO A N   1 
ATOM   298  C  CA  . PRO A 1 37  ? -3.545  21.134  -1.626  1.00 38.93  ? 37  PRO A CA  1 
ATOM   299  C  C   . PRO A 1 37  ? -2.580  22.208  -2.085  1.00 46.15  ? 37  PRO A C   1 
ATOM   300  O  O   . PRO A 1 37  ? -2.678  22.604  -3.252  1.00 60.14  ? 37  PRO A O   1 
ATOM   301  C  CB  . PRO A 1 37  ? -4.950  21.629  -1.790  1.00 41.74  ? 37  PRO A CB  1 
ATOM   302  C  CG  . PRO A 1 37  ? -5.377  22.052  -0.408  1.00 28.95  ? 37  PRO A CG  1 
ATOM   303  C  CD  . PRO A 1 37  ? -4.487  21.341  0.575   1.00 32.78  ? 37  PRO A CD  1 
ATOM   304  N  N   . SER A 1 38  ? -1.649  22.619  -1.184  1.00 48.41  ? 38  SER A N   1 
ATOM   305  C  CA  . SER A 1 38  ? -0.592  23.595  -1.485  1.00 55.37  ? 38  SER A CA  1 
ATOM   306  C  C   . SER A 1 38  ? 0.608   22.806  -2.022  1.00 30.64  ? 38  SER A C   1 
ATOM   307  O  O   . SER A 1 38  ? 1.182   22.002  -1.281  1.00 25.70  ? 38  SER A O   1 
ATOM   308  C  CB  . SER A 1 38  ? -0.175  24.586  -0.339  1.00 39.17  ? 38  SER A CB  1 
ATOM   309  O  OG  . SER A 1 38  ? 0.859   25.499  -0.811  1.00 37.86  ? 38  SER A OG  1 
ATOM   310  N  N   . LEU A 1 39  ? 0.983   23.040  -3.282  1.00 26.05  ? 39  LEU A N   1 
ATOM   311  C  CA  . LEU A 1 39  ? 2.116   22.396  -3.922  1.00 30.51  ? 39  LEU A CA  1 
ATOM   312  C  C   . LEU A 1 39  ? 3.408   22.723  -3.207  1.00 24.60  ? 39  LEU A C   1 
ATOM   313  O  O   . LEU A 1 39  ? 4.423   22.027  -3.245  1.00 30.90  ? 39  LEU A O   1 
ATOM   314  C  CB  . LEU A 1 39  ? 2.193   22.802  -5.420  1.00 18.35  ? 39  LEU A CB  1 
ATOM   315  C  CG  . LEU A 1 39  ? 3.409   22.272  -6.155  1.00 40.47  ? 39  LEU A CG  1 
ATOM   316  C  CD1 . LEU A 1 39  ? 3.350   20.752  -6.187  1.00 52.09  ? 39  LEU A CD1 1 
ATOM   317  C  CD2 . LEU A 1 39  ? 3.423   22.718  -7.612  1.00 37.02  ? 39  LEU A CD2 1 
ATOM   318  N  N   . ASN A 1 40  ? 3.383   23.873  -2.598  1.00 33.36  ? 40  ASN A N   1 
ATOM   319  C  CA  . ASN A 1 40  ? 4.579   24.332  -1.939  1.00 26.40  ? 40  ASN A CA  1 
ATOM   320  C  C   . ASN A 1 40  ? 4.796   23.460  -0.702  1.00 17.77  ? 40  ASN A C   1 
ATOM   321  O  O   . ASN A 1 40  ? 5.876   22.995  -0.440  1.00 27.50  ? 40  ASN A O   1 
ATOM   322  C  CB  . ASN A 1 40  ? 4.599   25.885  -2.055  1.00 59.11  ? 40  ASN A CB  1 
ATOM   323  C  CG  . ASN A 1 40  ? 4.916   26.386  -3.470  1.00 49.24  ? 40  ASN A CG  1 
ATOM   324  O  OD1 . ASN A 1 40  ? 5.998   26.128  -4.023  1.00 100.00 ? 40  ASN A OD1 1 
ATOM   325  N  ND2 . ASN A 1 40  ? 3.933   27.003  -4.134  1.00 100.00 ? 40  ASN A ND2 1 
ATOM   326  N  N   . ALA A 1 41  ? 3.708   23.203  0.021   1.00 20.64  ? 41  ALA A N   1 
ATOM   327  C  CA  . ALA A 1 41  ? 3.716   22.316  1.141   1.00 22.77  ? 41  ALA A CA  1 
ATOM   328  C  C   . ALA A 1 41  ? 4.322   20.987  0.694   1.00 31.82  ? 41  ALA A C   1 
ATOM   329  O  O   . ALA A 1 41  ? 5.125   20.365  1.361   1.00 26.87  ? 41  ALA A O   1 
ATOM   330  C  CB  . ALA A 1 41  ? 2.294   22.043  1.605   1.00 22.86  ? 41  ALA A CB  1 
ATOM   331  N  N   . ALA A 1 42  ? 3.949   20.589  -0.499  1.00 23.25  ? 42  ALA A N   1 
ATOM   332  C  CA  . ALA A 1 42  ? 4.417   19.333  -1.038  1.00 23.88  ? 42  ALA A CA  1 
ATOM   333  C  C   . ALA A 1 42  ? 5.887   19.356  -1.392  1.00 20.73  ? 42  ALA A C   1 
ATOM   334  O  O   . ALA A 1 42  ? 6.628   18.381  -1.167  1.00 19.16  ? 42  ALA A O   1 
ATOM   335  C  CB  . ALA A 1 42  ? 3.480   18.885  -2.159  1.00 22.60  ? 42  ALA A CB  1 
ATOM   336  N  N   . LYS A 1 43  ? 6.330   20.485  -1.924  1.00 23.03  ? 43  LYS A N   1 
ATOM   337  C  CA  . LYS A 1 43  ? 7.735   20.610  -2.295  1.00 26.96  ? 43  LYS A CA  1 
ATOM   338  C  C   . LYS A 1 43  ? 8.631   20.647  -1.081  1.00 22.97  ? 43  LYS A C   1 
ATOM   339  O  O   . LYS A 1 43  ? 9.707   20.090  -1.035  1.00 20.22  ? 43  LYS A O   1 
ATOM   340  C  CB  . LYS A 1 43  ? 7.957   21.910  -3.038  1.00 22.96  ? 43  LYS A CB  1 
ATOM   341  C  CG  . LYS A 1 43  ? 7.805   21.664  -4.513  1.00 24.26  ? 43  LYS A CG  1 
ATOM   342  C  CD  . LYS A 1 43  ? 7.084   22.793  -5.199  1.00 27.69  ? 43  LYS A CD  1 
ATOM   343  C  CE  . LYS A 1 43  ? 7.710   23.053  -6.560  1.00 40.98  ? 43  LYS A CE  1 
ATOM   344  N  NZ  . LYS A 1 43  ? 8.799   24.050  -6.483  1.00 100.00 ? 43  LYS A NZ  1 
ATOM   345  N  N   . SER A 1 44  ? 8.132   21.297  -0.063  1.00 16.44  ? 44  SER A N   1 
ATOM   346  C  CA  . SER A 1 44  ? 8.843   21.394  1.200   1.00 21.88  ? 44  SER A CA  1 
ATOM   347  C  C   . SER A 1 44  ? 8.979   19.994  1.793   1.00 14.02  ? 44  SER A C   1 
ATOM   348  O  O   . SER A 1 44  ? 10.012  19.585  2.269   1.00 17.43  ? 44  SER A O   1 
ATOM   349  C  CB  . SER A 1 44  ? 8.192   22.446  2.120   1.00 15.98  ? 44  SER A CB  1 
ATOM   350  O  OG  . SER A 1 44  ? 8.524   22.176  3.474   1.00 67.81  ? 44  SER A OG  1 
ATOM   351  N  N   . GLU A 1 45  ? 7.901   19.250  1.753   1.00 18.41  ? 45  GLU A N   1 
ATOM   352  C  CA  . GLU A 1 45  ? 7.926   17.896  2.255   1.00 18.94  ? 45  GLU A CA  1 
ATOM   353  C  C   . GLU A 1 45  ? 8.864   17.047  1.448   1.00 15.33  ? 45  GLU A C   1 
ATOM   354  O  O   . GLU A 1 45  ? 9.614   16.249  2.014   1.00 18.49  ? 45  GLU A O   1 
ATOM   355  C  CB  . GLU A 1 45  ? 6.604   17.144  2.128   1.00 11.19  ? 45  GLU A CB  1 
ATOM   356  C  CG  . GLU A 1 45  ? 5.513   17.583  3.146   1.00 16.02  ? 45  GLU A CG  1 
ATOM   357  C  CD  . GLU A 1 45  ? 5.980   17.345  4.580   1.00 42.43  ? 45  GLU A CD  1 
ATOM   358  O  OE1 . GLU A 1 45  ? 6.454   16.307  5.013   1.00 20.91  ? 45  GLU A OE1 1 
ATOM   359  O  OE2 . GLU A 1 45  ? 5.826   18.365  5.370   1.00 23.63  ? 45  GLU A OE2 1 
ATOM   360  N  N   . LEU A 1 46  ? 8.855   17.226  0.139   1.00 9.42   ? 46  LEU A N   1 
ATOM   361  C  CA  . LEU A 1 46  ? 9.815   16.476  -0.677  1.00 14.28  ? 46  LEU A CA  1 
ATOM   362  C  C   . LEU A 1 46  ? 11.315  16.685  -0.285  1.00 17.75  ? 46  LEU A C   1 
ATOM   363  O  O   . LEU A 1 46  ? 12.114  15.761  -0.069  1.00 21.25  ? 46  LEU A O   1 
ATOM   364  C  CB  . LEU A 1 46  ? 9.582   16.725  -2.174  1.00 9.60   ? 46  LEU A CB  1 
ATOM   365  C  CG  . LEU A 1 46  ? 10.645  16.025  -3.015  1.00 11.54  ? 46  LEU A CG  1 
ATOM   366  C  CD1 . LEU A 1 46  ? 10.415  14.496  -2.913  1.00 13.27  ? 46  LEU A CD1 1 
ATOM   367  C  CD2 . LEU A 1 46  ? 10.295  16.260  -4.467  1.00 17.45  ? 46  LEU A CD2 1 
ATOM   368  N  N   . ASP A 1 47  ? 11.675  17.950  -0.123  1.00 23.13  ? 47  ASP A N   1 
ATOM   369  C  CA  . ASP A 1 47  ? 13.002  18.377  0.226   1.00 26.83  ? 47  ASP A CA  1 
ATOM   370  C  C   . ASP A 1 47  ? 13.442  17.797  1.518   1.00 20.59  ? 47  ASP A C   1 
ATOM   371  O  O   . ASP A 1 47  ? 14.558  17.267  1.621   1.00 19.47  ? 47  ASP A O   1 
ATOM   372  C  CB  . ASP A 1 47  ? 13.045  19.903  0.180   1.00 27.10  ? 47  ASP A CB  1 
ATOM   373  C  CG  . ASP A 1 47  ? 13.028  20.400  -1.252  1.00 34.53  ? 47  ASP A CG  1 
ATOM   374  O  OD1 . ASP A 1 47  ? 13.183  19.759  -2.283  1.00 24.72  ? 47  ASP A OD1 1 
ATOM   375  O  OD2 . ASP A 1 47  ? 12.776  21.639  -1.289  1.00 27.32  ? 47  ASP A OD2 1 
ATOM   376  N  N   . LYS A 1 48  ? 12.515  17.918  2.469   1.00 15.18  ? 48  LYS A N   1 
ATOM   377  C  CA  . LYS A 1 48  ? 12.691  17.351  3.792   1.00 12.15  ? 48  LYS A CA  1 
ATOM   378  C  C   . LYS A 1 48  ? 12.952  15.813  3.702   1.00 14.44  ? 48  LYS A C   1 
ATOM   379  O  O   . LYS A 1 48  ? 13.859  15.240  4.332   1.00 15.92  ? 48  LYS A O   1 
ATOM   380  C  CB  . LYS A 1 48  ? 11.453  17.717  4.660   1.00 13.20  ? 48  LYS A CB  1 
ATOM   381  C  CG  . LYS A 1 48  ? 11.445  17.038  6.011   1.00 17.53  ? 48  LYS A CG  1 
ATOM   382  C  CD  . LYS A 1 48  ? 10.562  17.692  7.014   1.00 17.96  ? 48  LYS A CD  1 
ATOM   383  C  CE  . LYS A 1 48  ? 9.091   17.619  6.741   1.00 12.78  ? 48  LYS A CE  1 
ATOM   384  N  NZ  . LYS A 1 48  ? 8.543   16.328  7.128   1.00 11.76  ? 48  LYS A NZ  1 
ATOM   385  N  N   . ALA A 1 49  ? 12.129  15.110  2.927   1.00 14.36  ? 49  ALA A N   1 
ATOM   386  C  CA  . ALA A 1 49  ? 12.274  13.668  2.769   1.00 20.44  ? 49  ALA A CA  1 
ATOM   387  C  C   . ALA A 1 49  ? 13.599  13.233  2.138   1.00 19.63  ? 49  ALA A C   1 
ATOM   388  O  O   . ALA A 1 49  ? 14.232  12.265  2.566   1.00 14.65  ? 49  ALA A O   1 
ATOM   389  C  CB  . ALA A 1 49  ? 11.127  13.126  1.925   1.00 13.60  ? 49  ALA A CB  1 
ATOM   390  N  N   . ILE A 1 50  ? 14.014  13.961  1.114   1.00 16.69  ? 50  ILE A N   1 
ATOM   391  C  CA  . ILE A 1 50  ? 15.200  13.626  0.329   1.00 18.90  ? 50  ILE A CA  1 
ATOM   392  C  C   . ILE A 1 50  ? 16.485  14.198  0.876   1.00 20.12  ? 50  ILE A C   1 
ATOM   393  O  O   . ILE A 1 50  ? 17.607  13.661  0.737   1.00 21.30  ? 50  ILE A O   1 
ATOM   394  C  CB  . ILE A 1 50  ? 15.028  14.251  -1.071  1.00 24.69  ? 50  ILE A CB  1 
ATOM   395  C  CG1 . ILE A 1 50  ? 13.759  13.662  -1.680  1.00 21.91  ? 50  ILE A CG1 1 
ATOM   396  C  CG2 . ILE A 1 50  ? 16.189  13.852  -1.958  1.00 16.33  ? 50  ILE A CG2 1 
ATOM   397  C  CD1 . ILE A 1 50  ? 13.853  12.135  -1.796  1.00 8.29   ? 50  ILE A CD1 1 
ATOM   398  N  N   . GLY A 1 51  ? 16.307  15.329  1.512   1.00 19.82  ? 51  GLY A N   1 
ATOM   399  C  CA  . GLY A 1 51  ? 17.465  15.951  2.113   1.00 22.18  ? 51  GLY A CA  1 
ATOM   400  C  C   . GLY A 1 51  ? 18.172  16.887  1.165   1.00 21.92  ? 51  GLY A C   1 
ATOM   401  O  O   . GLY A 1 51  ? 19.383  17.020  1.174   1.00 28.64  ? 51  GLY A O   1 
ATOM   402  N  N   . ARG A 1 52  ? 17.422  17.544  0.331   1.00 34.21  ? 52  ARG A N   1 
ATOM   403  C  CA  . ARG A 1 52  ? 18.035  18.427  -0.635  1.00 23.22  ? 52  ARG A CA  1 
ATOM   404  C  C   . ARG A 1 52  ? 16.930  19.162  -1.307  1.00 23.79  ? 52  ARG A C   1 
ATOM   405  O  O   . ARG A 1 52  ? 15.748  18.773  -1.158  1.00 22.18  ? 52  ARG A O   1 
ATOM   406  C  CB  . ARG A 1 52  ? 18.944  17.659  -1.618  1.00 23.56  ? 52  ARG A CB  1 
ATOM   407  C  CG  . ARG A 1 52  ? 18.410  17.361  -3.032  1.00 31.44  ? 52  ARG A CG  1 
ATOM   408  C  CD  . ARG A 1 52  ? 19.244  16.294  -3.758  1.00 24.36  ? 52  ARG A CD  1 
ATOM   409  N  NE  . ARG A 1 52  ? 18.549  15.532  -4.809  1.00 24.89  ? 52  ARG A NE  1 
ATOM   410  C  CZ  . ARG A 1 52  ? 17.882  16.047  -5.843  1.00 31.80  ? 52  ARG A CZ  1 
ATOM   411  N  NH1 . ARG A 1 52  ? 17.838  17.345  -6.051  1.00 26.97  ? 52  ARG A NH1 1 
ATOM   412  N  NH2 . ARG A 1 52  ? 17.279  15.251  -6.711  1.00 25.90  ? 52  ARG A NH2 1 
ATOM   413  N  N   . ASN A 1 53  ? 17.347  20.206  -1.995  1.00 21.18  ? 53  ASN A N   1 
ATOM   414  C  CA  . ASN A 1 53  ? 16.439  21.059  -2.761  1.00 40.92  ? 53  ASN A CA  1 
ATOM   415  C  C   . ASN A 1 53  ? 16.133  20.320  -4.076  1.00 36.50  ? 53  ASN A C   1 
ATOM   416  O  O   . ASN A 1 53  ? 16.981  20.186  -4.999  1.00 26.47  ? 53  ASN A O   1 
ATOM   417  C  CB  . ASN A 1 53  ? 17.019  22.496  -2.874  1.00 70.26  ? 53  ASN A CB  1 
ATOM   418  C  CG  . ASN A 1 53  ? 16.502  23.443  -1.825  1.00 93.36  ? 53  ASN A CG  1 
ATOM   419  O  OD1 . ASN A 1 53  ? 16.700  23.209  -0.612  1.00 100.00 ? 53  ASN A OD1 1 
ATOM   420  N  ND2 . ASN A 1 53  ? 15.818  24.492  -2.295  1.00 100.00 ? 53  ASN A ND2 1 
ATOM   421  N  N   . CYS A 1 54  ? 14.931  19.737  -4.138  1.00 26.28  ? 54  CYS A N   1 
ATOM   422  C  CA  . CYS A 1 54  ? 14.584  18.923  -5.287  1.00 18.93  ? 54  CYS A CA  1 
ATOM   423  C  C   . CYS A 1 54  ? 13.890  19.697  -6.380  1.00 22.08  ? 54  CYS A C   1 
ATOM   424  O  O   . CYS A 1 54  ? 13.894  19.273  -7.521  1.00 33.51  ? 54  CYS A O   1 
ATOM   425  C  CB  . CYS A 1 54  ? 13.670  17.741  -4.823  1.00 18.31  ? 54  CYS A CB  1 
ATOM   426  S  SG  . CYS A 1 54  ? 14.745  16.628  -3.828  1.00 26.12  ? 54  CYS A SG  1 
ATOM   427  N  N   . ASN A 1 55  ? 13.184  20.729  -6.006  1.00 18.77  ? 55  ASN A N   1 
ATOM   428  C  CA  . ASN A 1 55  ? 12.399  21.412  -6.971  1.00 37.24  ? 55  ASN A CA  1 
ATOM   429  C  C   . ASN A 1 55  ? 11.377  20.421  -7.565  1.00 46.33  ? 55  ASN A C   1 
ATOM   430  O  O   . ASN A 1 55  ? 11.214  20.355  -8.797  1.00 36.02  ? 55  ASN A O   1 
ATOM   431  C  CB  . ASN A 1 55  ? 13.309  22.220  -7.956  1.00 50.36  ? 55  ASN A CB  1 
ATOM   432  C  CG  . ASN A 1 55  ? 12.592  23.336  -8.734  1.00 100.00 ? 55  ASN A CG  1 
ATOM   433  O  OD1 . ASN A 1 55  ? 11.692  24.061  -8.207  1.00 32.87  ? 55  ASN A OD1 1 
ATOM   434  N  ND2 . ASN A 1 55  ? 12.986  23.462  -10.012 1.00 39.82  ? 55  ASN A ND2 1 
ATOM   435  N  N   . GLY A 1 56  ? 10.693  19.625  -6.728  1.00 22.10  ? 56  GLY A N   1 
ATOM   436  C  CA  . GLY A 1 56  ? 9.667   18.726  -7.266  1.00 25.07  ? 56  GLY A CA  1 
ATOM   437  C  C   . GLY A 1 56  ? 10.103  17.577  -8.172  1.00 19.10  ? 56  GLY A C   1 
ATOM   438  O  O   . GLY A 1 56  ? 9.297   16.900  -8.805  1.00 21.43  ? 56  GLY A O   1 
ATOM   439  N  N   . VAL A 1 57  ? 11.383  17.315  -8.226  1.00 13.10  ? 57  VAL A N   1 
ATOM   440  C  CA  . VAL A 1 57  ? 11.784  16.195  -9.073  1.00 10.80  ? 57  VAL A CA  1 
ATOM   441  C  C   . VAL A 1 57  ? 12.860  15.395  -8.387  1.00 24.04  ? 57  VAL A C   1 
ATOM   442  O  O   . VAL A 1 57  ? 13.717  15.997  -7.750  1.00 17.55  ? 57  VAL A O   1 
ATOM   443  C  CB  . VAL A 1 57  ? 12.485  16.716  -10.280 1.00 18.61  ? 57  VAL A CB  1 
ATOM   444  C  CG1 . VAL A 1 57  ? 13.017  15.546  -11.060 1.00 23.93  ? 57  VAL A CG1 1 
ATOM   445  C  CG2 . VAL A 1 57  ? 11.495  17.627  -10.957 1.00 28.44  ? 57  VAL A CG2 1 
ATOM   446  N  N   . ILE A 1 58  ? 12.828  14.064  -8.499  1.00 14.59  ? 58  ILE A N   1 
ATOM   447  C  CA  . ILE A 1 58  ? 13.834  13.248  -7.838  1.00 16.39  ? 58  ILE A CA  1 
ATOM   448  C  C   . ILE A 1 58  ? 14.428  12.289  -8.827  1.00 19.23  ? 58  ILE A C   1 
ATOM   449  O  O   . ILE A 1 58  ? 13.961  12.228  -9.957  1.00 18.53  ? 58  ILE A O   1 
ATOM   450  C  CB  . ILE A 1 58  ? 13.252  12.427  -6.679  1.00 22.18  ? 58  ILE A CB  1 
ATOM   451  C  CG1 . ILE A 1 58  ? 12.123  11.491  -7.164  1.00 11.78  ? 58  ILE A CG1 1 
ATOM   452  C  CG2 . ILE A 1 58  ? 12.849  13.389  -5.550  1.00 13.43  ? 58  ILE A CG2 1 
ATOM   453  C  CD1 . ILE A 1 58  ? 11.503  10.741  -5.969  1.00 11.65  ? 58  ILE A CD1 1 
ATOM   454  N  N   . THR A 1 59  ? 15.425  11.551  -8.379  1.00 16.17  ? 59  THR A N   1 
ATOM   455  C  CA  . THR A 1 59  ? 16.026  10.551  -9.206  1.00 21.32  ? 59  THR A CA  1 
ATOM   456  C  C   . THR A 1 59  ? 15.459  9.171   -8.902  1.00 20.15  ? 59  THR A C   1 
ATOM   457  O  O   . THR A 1 59  ? 14.801  8.922   -7.926  1.00 20.83  ? 59  THR A O   1 
ATOM   458  C  CB  . THR A 1 59  ? 17.555  10.550  -8.993  1.00 34.27  ? 59  THR A CB  1 
ATOM   459  O  OG1 . THR A 1 59  ? 17.847  9.910   -7.771  1.00 21.18  ? 59  THR A OG1 1 
ATOM   460  C  CG2 . THR A 1 59  ? 18.165  11.953  -8.983  1.00 28.39  ? 59  THR A CG2 1 
ATOM   461  N  N   . LYS A 1 60  ? 15.761  8.220   -9.750  1.00 20.43  ? 60  LYS A N   1 
ATOM   462  C  CA  . LYS A 1 60  ? 15.272  6.867   -9.587  1.00 15.65  ? 60  LYS A CA  1 
ATOM   463  C  C   . LYS A 1 60  ? 15.736  6.250   -8.292  1.00 15.47  ? 60  LYS A C   1 
ATOM   464  O  O   . LYS A 1 60  ? 15.008  5.569   -7.549  1.00 15.43  ? 60  LYS A O   1 
ATOM   465  C  CB  . LYS A 1 60  ? 15.662  6.035   -10.836 1.00 18.90  ? 60  LYS A CB  1 
ATOM   466  C  CG  . LYS A 1 60  ? 14.759  4.818   -11.127 1.00 40.18  ? 60  LYS A CG  1 
ATOM   467  C  CD  . LYS A 1 60  ? 15.483  3.671   -11.822 1.00 94.18  ? 60  LYS A CD  1 
ATOM   468  C  CE  . LYS A 1 60  ? 14.580  2.757   -12.631 1.00 100.00 ? 60  LYS A CE  1 
ATOM   469  N  NZ  . LYS A 1 60  ? 15.240  1.488   -12.987 1.00 100.00 ? 60  LYS A NZ  1 
ATOM   470  N  N   . ASP A 1 61  ? 17.028  6.448   -8.063  1.00 19.59  ? 61  ASP A N   1 
ATOM   471  C  CA  . ASP A 1 61  ? 17.653  5.906   -6.859  1.00 14.61  ? 61  ASP A CA  1 
ATOM   472  C  C   . ASP A 1 61  ? 17.005  6.526   -5.647  1.00 11.70  ? 61  ASP A C   1 
ATOM   473  O  O   . ASP A 1 61  ? 16.803  5.841   -4.690  1.00 17.64  ? 61  ASP A O   1 
ATOM   474  C  CB  . ASP A 1 61  ? 19.163  6.156   -6.806  1.00 16.20  ? 61  ASP A CB  1 
ATOM   475  C  CG  . ASP A 1 61  ? 19.817  5.323   -7.905  1.00 75.88  ? 61  ASP A CG  1 
ATOM   476  O  OD1 . ASP A 1 61  ? 20.209  4.175   -7.752  1.00 100.00 ? 61  ASP A OD1 1 
ATOM   477  O  OD2 . ASP A 1 61  ? 19.816  5.922   -9.074  1.00 100.00 ? 61  ASP A OD2 1 
ATOM   478  N  N   . GLU A 1 62  ? 16.667  7.817   -5.736  1.00 22.17  ? 62  GLU A N   1 
ATOM   479  C  CA  . GLU A 1 62  ? 16.020  8.525   -4.669  1.00 15.36  ? 62  GLU A CA  1 
ATOM   480  C  C   . GLU A 1 62  ? 14.628  7.939   -4.452  1.00 24.19  ? 62  GLU A C   1 
ATOM   481  O  O   . GLU A 1 62  ? 14.200  7.742   -3.340  1.00 14.52  ? 62  GLU A O   1 
ATOM   482  C  CB  . GLU A 1 62  ? 15.869  9.967   -5.120  1.00 13.77  ? 62  GLU A CB  1 
ATOM   483  C  CG  . GLU A 1 62  ? 17.166  10.673  -4.758  1.00 20.27  ? 62  GLU A CG  1 
ATOM   484  C  CD  . GLU A 1 62  ? 17.201  12.100  -5.164  1.00 24.12  ? 62  GLU A CD  1 
ATOM   485  O  OE1 . GLU A 1 62  ? 16.372  12.635  -5.905  1.00 22.60  ? 62  GLU A OE1 1 
ATOM   486  O  OE2 . GLU A 1 62  ? 18.230  12.667  -4.609  1.00 18.58  ? 62  GLU A OE2 1 
ATOM   487  N  N   . ALA A 1 63  ? 13.923  7.655   -5.547  1.00 15.12  ? 63  ALA A N   1 
ATOM   488  C  CA  . ALA A 1 63  ? 12.592  7.089   -5.435  1.00 19.90  ? 63  ALA A CA  1 
ATOM   489  C  C   . ALA A 1 63  ? 12.625  5.698   -4.806  1.00 12.43  ? 63  ALA A C   1 
ATOM   490  O  O   . ALA A 1 63  ? 11.798  5.312   -3.981  1.00 13.00  ? 63  ALA A O   1 
ATOM   491  C  CB  . ALA A 1 63  ? 12.073  6.885   -6.835  1.00 15.69  ? 63  ALA A CB  1 
ATOM   492  N  N   . GLU A 1 64  ? 13.605  4.933   -5.235  1.00 15.70  ? 64  GLU A N   1 
ATOM   493  C  CA  . GLU A 1 64  ? 13.746  3.600   -4.729  1.00 15.64  ? 64  GLU A CA  1 
ATOM   494  C  C   . GLU A 1 64  ? 14.127  3.584   -3.260  1.00 20.60  ? 64  GLU A C   1 
ATOM   495  O  O   . GLU A 1 64  ? 13.825  2.662   -2.472  1.00 15.97  ? 64  GLU A O   1 
ATOM   496  C  CB  . GLU A 1 64  ? 14.778  2.881   -5.575  1.00 13.31  ? 64  GLU A CB  1 
ATOM   497  C  CG  . GLU A 1 64  ? 14.084  2.247   -6.763  1.00 21.50  ? 64  GLU A CG  1 
ATOM   498  C  CD  . GLU A 1 64  ? 15.071  1.782   -7.771  1.00 51.22  ? 64  GLU A CD  1 
ATOM   499  O  OE1 . GLU A 1 64  ? 16.287  1.880   -7.651  1.00 51.37  ? 64  GLU A OE1 1 
ATOM   500  O  OE2 . GLU A 1 64  ? 14.456  1.338   -8.817  1.00 46.03  ? 64  GLU A OE2 1 
ATOM   501  N  N   . LYS A 1 65  ? 14.838  4.605   -2.890  1.00 12.52  ? 65  LYS A N   1 
ATOM   502  C  CA  . LYS A 1 65  ? 15.219  4.679   -1.506  1.00 11.78  ? 65  LYS A CA  1 
ATOM   503  C  C   . LYS A 1 65  ? 13.974  4.953   -0.649  1.00 21.26  ? 65  LYS A C   1 
ATOM   504  O  O   . LYS A 1 65  ? 13.734  4.334   0.414   1.00 16.34  ? 65  LYS A O   1 
ATOM   505  C  CB  . LYS A 1 65  ? 16.232  5.770   -1.307  1.00 18.33  ? 65  LYS A CB  1 
ATOM   506  C  CG  . LYS A 1 65  ? 16.610  5.853   0.162   1.00 25.32  ? 65  LYS A CG  1 
ATOM   507  C  CD  . LYS A 1 65  ? 17.830  6.739   0.374   1.00 100.00 ? 65  LYS A CD  1 
ATOM   508  C  CE  . LYS A 1 65  ? 18.662  6.287   1.555   1.00 56.39  ? 65  LYS A CE  1 
ATOM   509  N  NZ  . LYS A 1 65  ? 19.464  7.383   2.092   1.00 42.27  ? 65  LYS A NZ  1 
ATOM   510  N  N   . LEU A 1 66  ? 13.160  5.894   -1.122  1.00 16.84  ? 66  LEU A N   1 
ATOM   511  C  CA  . LEU A 1 66  ? 11.905  6.159   -0.416  1.00 15.59  ? 66  LEU A CA  1 
ATOM   512  C  C   . LEU A 1 66  ? 11.026  4.919   -0.362  1.00 12.85  ? 66  LEU A C   1 
ATOM   513  O  O   . LEU A 1 66  ? 10.379  4.671   0.643   1.00 12.05  ? 66  LEU A O   1 
ATOM   514  C  CB  . LEU A 1 66  ? 10.953  7.149   -1.152  1.00 15.45  ? 66  LEU A CB  1 
ATOM   515  C  CG  . LEU A 1 66  ? 11.590  8.541   -1.185  1.00 21.88  ? 66  LEU A CG  1 
ATOM   516  C  CD1 . LEU A 1 66  ? 10.665  9.517   -1.893  1.00 16.72  ? 66  LEU A CD1 1 
ATOM   517  C  CD2 . LEU A 1 66  ? 11.787  9.052   0.243   1.00 19.42  ? 66  LEU A CD2 1 
ATOM   518  N  N   . PHE A 1 67  ? 11.040  4.142   -1.440  1.00 13.25  ? 67  PHE A N   1 
ATOM   519  C  CA  . PHE A 1 67  ? 10.228  2.957   -1.493  1.00 7.05   ? 67  PHE A CA  1 
ATOM   520  C  C   . PHE A 1 67  ? 10.654  1.957   -0.442  1.00 18.25  ? 67  PHE A C   1 
ATOM   521  O  O   . PHE A 1 67  ? 9.873   1.322   0.302   1.00 14.34  ? 67  PHE A O   1 
ATOM   522  C  CB  . PHE A 1 67  ? 10.365  2.454   -2.905  1.00 13.12  ? 67  PHE A CB  1 
ATOM   523  C  CG  . PHE A 1 67  ? 9.465   1.288   -3.295  1.00 20.31  ? 67  PHE A CG  1 
ATOM   524  C  CD1 . PHE A 1 67  ? 8.171   1.166   -2.776  1.00 16.59  ? 67  PHE A CD1 1 
ATOM   525  C  CD2 . PHE A 1 67  ? 9.883   0.354   -4.245  1.00 15.11  ? 67  PHE A CD2 1 
ATOM   526  C  CE1 . PHE A 1 67  ? 7.332   0.119   -3.161  1.00 15.39  ? 67  PHE A CE1 1 
ATOM   527  C  CE2 . PHE A 1 67  ? 9.067   -0.687  -4.692  1.00 12.55  ? 67  PHE A CE2 1 
ATOM   528  C  CZ  . PHE A 1 67  ? 7.813   -0.821  -4.081  1.00 12.76  ? 67  PHE A CZ  1 
ATOM   529  N  N   . ASN A 1 68  ? 11.938  1.805   -0.336  1.00 15.16  ? 68  ASN A N   1 
ATOM   530  C  CA  . ASN A 1 68  ? 12.474  0.864   0.663   1.00 13.29  ? 68  ASN A CA  1 
ATOM   531  C  C   . ASN A 1 68  ? 12.033  1.194   2.079   1.00 13.24  ? 68  ASN A C   1 
ATOM   532  O  O   . ASN A 1 68  ? 11.655  0.360   2.903   1.00 12.17  ? 68  ASN A O   1 
ATOM   533  C  CB  . ASN A 1 68  ? 14.031  0.855   0.595   1.00 18.37  ? 68  ASN A CB  1 
ATOM   534  C  CG  . ASN A 1 68  ? 14.620  -0.056  -0.504  1.00 27.46  ? 68  ASN A CG  1 
ATOM   535  O  OD1 . ASN A 1 68  ? 14.071  -1.123  -0.742  1.00 23.58  ? 68  ASN A OD1 1 
ATOM   536  N  ND2 . ASN A 1 68  ? 15.758  0.299   -1.152  1.00 30.63  ? 68  ASN A ND2 1 
ATOM   537  N  N   . GLN A 1 69  ? 12.159  2.495   2.363   1.00 9.34   ? 69  GLN A N   1 
ATOM   538  C  CA  . GLN A 1 69  ? 11.805  2.922   3.668   1.00 8.58   ? 69  GLN A CA  1 
ATOM   539  C  C   . GLN A 1 69  ? 10.342  2.761   3.868   1.00 12.37  ? 69  GLN A C   1 
ATOM   540  O  O   . GLN A 1 69  ? 9.866   2.567   4.954   1.00 14.46  ? 69  GLN A O   1 
ATOM   541  C  CB  . GLN A 1 69  ? 12.022  4.447   3.881   1.00 7.10   ? 69  GLN A CB  1 
ATOM   542  C  CG  . GLN A 1 69  ? 13.522  4.769   3.752   1.00 11.37  ? 69  GLN A CG  1 
ATOM   543  C  CD  . GLN A 1 69  ? 13.832  6.273   3.723   1.00 45.82  ? 69  GLN A CD  1 
ATOM   544  O  OE1 . GLN A 1 69  ? 14.973  6.677   3.795   1.00 18.30  ? 69  GLN A OE1 1 
ATOM   545  N  NE2 . GLN A 1 69  ? 12.835  7.131   3.681   1.00 13.89  ? 69  GLN A NE2 1 
ATOM   546  N  N   . ASP A 1 70  ? 9.598   2.951   2.816   1.00 13.01  ? 70  ASP A N   1 
ATOM   547  C  CA  . ASP A 1 70  ? 8.143   2.872   2.961   1.00 11.98  ? 70  ASP A CA  1 
ATOM   548  C  C   . ASP A 1 70  ? 7.642   1.435   3.130   1.00 17.38  ? 70  ASP A C   1 
ATOM   549  O  O   . ASP A 1 70  ? 6.667   1.170   3.840   1.00 8.73   ? 70  ASP A O   1 
ATOM   550  C  CB  . ASP A 1 70  ? 7.360   3.511   1.776   1.00 13.00  ? 70  ASP A CB  1 
ATOM   551  C  CG  . ASP A 1 70  ? 7.363   5.032   1.748   1.00 17.72  ? 70  ASP A CG  1 
ATOM   552  O  OD1 . ASP A 1 70  ? 7.677   5.697   2.688   1.00 16.51  ? 70  ASP A OD1 1 
ATOM   553  O  OD2 . ASP A 1 70  ? 7.223   5.550   0.565   1.00 13.01  ? 70  ASP A OD2 1 
ATOM   554  N  N   . VAL A 1 71  ? 8.305   0.504   2.472   1.00 11.99  ? 71  VAL A N   1 
ATOM   555  C  CA  . VAL A 1 71  ? 7.860   -0.846  2.655   1.00 16.25  ? 71  VAL A CA  1 
ATOM   556  C  C   . VAL A 1 71  ? 8.138   -1.245  4.116   1.00 10.67  ? 71  VAL A C   1 
ATOM   557  O  O   . VAL A 1 71  ? 7.392   -1.934  4.858   1.00 14.40  ? 71  VAL A O   1 
ATOM   558  C  CB  . VAL A 1 71  ? 8.527   -1.779  1.583   1.00 14.65  ? 71  VAL A CB  1 
ATOM   559  C  CG1 . VAL A 1 71  ? 8.243   -3.264  1.947   1.00 8.66   ? 71  VAL A CG1 1 
ATOM   560  C  CG2 . VAL A 1 71  ? 7.920   -1.561  0.165   1.00 6.46   ? 71  VAL A CG2 1 
ATOM   561  N  N   . ASP A 1 72  ? 9.347   -0.941  4.471   1.00 9.61   ? 72  ASP A N   1 
ATOM   562  C  CA  . ASP A 1 72  ? 9.748   -1.300  5.795   1.00 8.07   ? 72  ASP A CA  1 
ATOM   563  C  C   . ASP A 1 72  ? 8.818   -0.732  6.843   1.00 14.50  ? 72  ASP A C   1 
ATOM   564  O  O   . ASP A 1 72  ? 8.396   -1.403  7.803   1.00 16.65  ? 72  ASP A O   1 
ATOM   565  C  CB  . ASP A 1 72  ? 11.148  -0.763  5.980   1.00 12.84  ? 72  ASP A CB  1 
ATOM   566  C  CG  . ASP A 1 72  ? 11.821  -1.620  7.000   1.00 39.51  ? 72  ASP A CG  1 
ATOM   567  O  OD1 . ASP A 1 72  ? 11.723  -2.838  7.067   1.00 100.00 ? 72  ASP A OD1 1 
ATOM   568  O  OD2 . ASP A 1 72  ? 12.434  -0.898  7.863   1.00 31.85  ? 72  ASP A OD2 1 
ATOM   569  N  N   . ALA A 1 73  ? 8.492   0.518   6.656   1.00 16.19  ? 73  ALA A N   1 
ATOM   570  C  CA  . ALA A 1 73  ? 7.632   1.160   7.638   1.00 14.07  ? 73  ALA A CA  1 
ATOM   571  C  C   . ALA A 1 73  ? 6.301   0.452   7.747   1.00 24.35  ? 73  ALA A C   1 
ATOM   572  O  O   . ALA A 1 73  ? 5.755   0.268   8.832   1.00 22.35  ? 73  ALA A O   1 
ATOM   573  C  CB  . ALA A 1 73  ? 7.393   2.641   7.320   1.00 14.78  ? 73  ALA A CB  1 
ATOM   574  N  N   . ALA A 1 74  ? 5.738   0.082   6.604   1.00 21.05  ? 74  ALA A N   1 
ATOM   575  C  CA  . ALA A 1 74  ? 4.445   -0.645  6.576   1.00 25.34  ? 74  ALA A CA  1 
ATOM   576  C  C   . ALA A 1 74  ? 4.499   -1.984  7.339   1.00 17.12  ? 74  ALA A C   1 
ATOM   577  O  O   . ALA A 1 74  ? 3.615   -2.332  8.112   1.00 21.63  ? 74  ALA A O   1 
ATOM   578  C  CB  . ALA A 1 74  ? 3.951   -0.991  5.144   1.00 13.07  ? 74  ALA A CB  1 
ATOM   579  N  N   . VAL A 1 75  ? 5.545   -2.743  7.069   1.00 20.37  ? 75  VAL A N   1 
ATOM   580  C  CA  . VAL A 1 75  ? 5.657   -3.996  7.751   1.00 20.32  ? 75  VAL A CA  1 
ATOM   581  C  C   . VAL A 1 75  ? 5.711   -3.804  9.257   1.00 19.79  ? 75  VAL A C   1 
ATOM   582  O  O   . VAL A 1 75  ? 4.994   -4.512  10.039  1.00 21.10  ? 75  VAL A O   1 
ATOM   583  C  CB  . VAL A 1 75  ? 6.972   -4.667  7.404   1.00 28.61  ? 75  VAL A CB  1 
ATOM   584  C  CG1 . VAL A 1 75  ? 7.104   -5.963  8.220   1.00 32.62  ? 75  VAL A CG1 1 
ATOM   585  C  CG2 . VAL A 1 75  ? 6.935   -4.993  5.925   1.00 17.24  ? 75  VAL A CG2 1 
ATOM   586  N  N   . ARG A 1 76  ? 6.573   -2.839  9.596   1.00 13.15  ? 76  ARG A N   1 
ATOM   587  C  CA  . ARG A 1 76  ? 6.773   -2.531  10.981  1.00 20.00  ? 76  ARG A CA  1 
ATOM   588  C  C   . ARG A 1 76  ? 5.470   -2.007  11.548  1.00 15.44  ? 76  ARG A C   1 
ATOM   589  O  O   . ARG A 1 76  ? 5.059   -2.348  12.636  1.00 22.34  ? 76  ARG A O   1 
ATOM   590  C  CB  . ARG A 1 76  ? 8.044   -1.701  11.162  1.00 18.65  ? 76  ARG A CB  1 
ATOM   591  C  CG  . ARG A 1 76  ? 9.308   -2.533  11.244  1.00 33.63  ? 76  ARG A CG  1 
ATOM   592  C  CD  . ARG A 1 76  ? 10.546  -1.814  11.797  1.00 100.00 ? 76  ARG A CD  1 
ATOM   593  N  NE  . ARG A 1 76  ? 11.220  -0.812  10.947  1.00 100.00 ? 76  ARG A NE  1 
ATOM   594  C  CZ  . ARG A 1 76  ? 10.661  0.285   10.353  1.00 100.00 ? 76  ARG A CZ  1 
ATOM   595  N  NH1 . ARG A 1 76  ? 9.356   0.599   10.431  1.00 100.00 ? 76  ARG A NH1 1 
ATOM   596  N  NH2 . ARG A 1 76  ? 11.429  1.110   9.628   1.00 100.00 ? 76  ARG A NH2 1 
ATOM   597  N  N   . GLY A 1 77  ? 4.690   -1.249  10.788  1.00 11.86  ? 77  GLY A N   1 
ATOM   598  C  CA  . GLY A 1 77  ? 3.420   -0.818  11.325  1.00 14.80  ? 77  GLY A CA  1 
ATOM   599  C  C   . GLY A 1 77  ? 2.494   -2.021  11.576  1.00 34.20  ? 77  GLY A C   1 
ATOM   600  O  O   . GLY A 1 77  ? 1.719   -2.127  12.508  1.00 23.68  ? 77  GLY A O   1 
ATOM   601  N  N   . ILE A 1 78  ? 2.551   -2.975  10.696  1.00 15.65  ? 78  ILE A N   1 
ATOM   602  C  CA  . ILE A 1 78  ? 1.728   -4.162  10.884  1.00 14.51  ? 78  ILE A CA  1 
ATOM   603  C  C   . ILE A 1 78  ? 2.124   -4.864  12.149  1.00 23.61  ? 78  ILE A C   1 
ATOM   604  O  O   . ILE A 1 78  ? 1.316   -5.274  13.011  1.00 18.67  ? 78  ILE A O   1 
ATOM   605  C  CB  . ILE A 1 78  ? 2.036   -5.184  9.749   1.00 11.75  ? 78  ILE A CB  1 
ATOM   606  C  CG1 . ILE A 1 78  ? 1.140   -4.733  8.573   1.00 12.07  ? 78  ILE A CG1 1 
ATOM   607  C  CG2 . ILE A 1 78  ? 1.465   -6.573  10.140  1.00 10.60  ? 78  ILE A CG2 1 
ATOM   608  C  CD1 . ILE A 1 78  ? 1.418   -5.395  7.203   1.00 15.43  ? 78  ILE A CD1 1 
ATOM   609  N  N   . LEU A 1 79  ? 3.439   -4.978  12.290  1.00 17.74  ? 79  LEU A N   1 
ATOM   610  C  CA  . LEU A 1 79  ? 3.832   -5.787  13.417  1.00 14.93  ? 79  LEU A CA  1 
ATOM   611  C  C   . LEU A 1 79  ? 3.523   -5.218  14.750  1.00 24.83  ? 79  LEU A C   1 
ATOM   612  O  O   . LEU A 1 79  ? 3.499   -5.891  15.759  1.00 37.04  ? 79  LEU A O   1 
ATOM   613  C  CB  . LEU A 1 79  ? 5.304   -6.211  13.277  1.00 17.31  ? 79  LEU A CB  1 
ATOM   614  C  CG  . LEU A 1 79  ? 5.566   -7.064  12.038  1.00 19.81  ? 79  LEU A CG  1 
ATOM   615  C  CD1 . LEU A 1 79  ? 7.092   -7.087  11.972  1.00 22.04  ? 79  LEU A CD1 1 
ATOM   616  C  CD2 . LEU A 1 79  ? 5.006   -8.495  12.170  1.00 29.01  ? 79  LEU A CD2 1 
ATOM   617  N  N   . ARG A 1 80  ? 3.437   -3.925  14.767  1.00 25.94  ? 80  ARG A N   1 
ATOM   618  C  CA  . ARG A 1 80  ? 3.255   -3.262  16.028  1.00 26.36  ? 80  ARG A CA  1 
ATOM   619  C  C   . ARG A 1 80  ? 1.790   -3.158  16.353  1.00 36.52  ? 80  ARG A C   1 
ATOM   620  O  O   . ARG A 1 80  ? 1.427   -2.770  17.450  1.00 35.78  ? 80  ARG A O   1 
ATOM   621  C  CB  . ARG A 1 80  ? 3.903   -1.839  16.055  1.00 30.73  ? 80  ARG A CB  1 
ATOM   622  C  CG  . ARG A 1 80  ? 5.450   -1.758  15.989  1.00 100.00 ? 80  ARG A CG  1 
ATOM   623  C  CD  . ARG A 1 80  ? 6.043   -0.355  16.271  1.00 100.00 ? 80  ARG A CD  1 
ATOM   624  N  NE  . ARG A 1 80  ? 6.485   0.393   15.081  1.00 100.00 ? 80  ARG A NE  1 
ATOM   625  C  CZ  . ARG A 1 80  ? 5.708   1.187   14.306  1.00 100.00 ? 80  ARG A CZ  1 
ATOM   626  N  NH1 . ARG A 1 80  ? 4.403   1.423   14.539  1.00 95.19  ? 80  ARG A NH1 1 
ATOM   627  N  NH2 . ARG A 1 80  ? 6.271   1.772   13.246  1.00 100.00 ? 80  ARG A NH2 1 
ATOM   628  N  N   . ASN A 1 81  ? 0.952   -3.427  15.371  1.00 17.06  ? 81  ASN A N   1 
ATOM   629  C  CA  . ASN A 1 81  ? -0.471  -3.294  15.611  1.00 15.82  ? 81  ASN A CA  1 
ATOM   630  C  C   . ASN A 1 81  ? -1.048  -4.571  16.225  1.00 43.84  ? 81  ASN A C   1 
ATOM   631  O  O   . ASN A 1 81  ? -0.921  -5.669  15.688  1.00 31.55  ? 81  ASN A O   1 
ATOM   632  C  CB  . ASN A 1 81  ? -1.151  -2.711  14.364  1.00 20.36  ? 81  ASN A CB  1 
ATOM   633  C  CG  . ASN A 1 81  ? -2.618  -2.469  14.551  1.00 29.99  ? 81  ASN A CG  1 
ATOM   634  O  OD1 . ASN A 1 81  ? -3.403  -3.307  15.040  1.00 34.12  ? 81  ASN A OD1 1 
ATOM   635  N  ND2 . ASN A 1 81  ? -2.990  -1.301  14.108  1.00 29.89  ? 81  ASN A ND2 1 
ATOM   636  N  N   . ALA A 1 82  ? -1.690  -4.421  17.387  1.00 32.25  ? 82  ALA A N   1 
ATOM   637  C  CA  . ALA A 1 82  ? -2.282  -5.566  18.087  1.00 36.28  ? 82  ALA A CA  1 
ATOM   638  C  C   . ALA A 1 82  ? -3.391  -6.276  17.316  1.00 30.15  ? 82  ALA A C   1 
ATOM   639  O  O   . ALA A 1 82  ? -3.605  -7.475  17.421  1.00 34.61  ? 82  ALA A O   1 
ATOM   640  C  CB  . ALA A 1 82  ? -2.852  -5.162  19.454  1.00 34.67  ? 82  ALA A CB  1 
ATOM   641  N  N   . LYS A 1 83  ? -4.153  -5.529  16.554  1.00 22.46  ? 83  LYS A N   1 
ATOM   642  C  CA  . LYS A 1 83  ? -5.183  -6.170  15.796  1.00 29.08  ? 83  LYS A CA  1 
ATOM   643  C  C   . LYS A 1 83  ? -4.593  -6.785  14.524  1.00 29.60  ? 83  LYS A C   1 
ATOM   644  O  O   . LYS A 1 83  ? -5.039  -7.806  14.052  1.00 27.28  ? 83  LYS A O   1 
ATOM   645  C  CB  . LYS A 1 83  ? -6.274  -5.177  15.460  1.00 36.86  ? 83  LYS A CB  1 
ATOM   646  C  CG  . LYS A 1 83  ? -7.609  -5.607  16.065  1.00 100.00 ? 83  LYS A CG  1 
ATOM   647  C  CD  . LYS A 1 83  ? -7.798  -5.226  17.542  1.00 100.00 ? 83  LYS A CD  1 
ATOM   648  C  CE  . LYS A 1 83  ? -8.211  -6.380  18.477  1.00 100.00 ? 83  LYS A CE  1 
ATOM   649  N  NZ  . LYS A 1 83  ? -9.048  -7.441  17.860  1.00 100.00 ? 83  LYS A NZ  1 
ATOM   650  N  N   . LEU A 1 84  ? -3.562  -6.165  13.974  1.00 22.43  ? 84  LEU A N   1 
ATOM   651  C  CA  . LEU A 1 84  ? -2.992  -6.686  12.751  1.00 20.22  ? 84  LEU A CA  1 
ATOM   652  C  C   . LEU A 1 84  ? -2.011  -7.824  12.884  1.00 21.86  ? 84  LEU A C   1 
ATOM   653  O  O   . LEU A 1 84  ? -2.017  -8.760  12.110  1.00 18.16  ? 84  LEU A O   1 
ATOM   654  C  CB  . LEU A 1 84  ? -2.303  -5.582  11.961  1.00 17.71  ? 84  LEU A CB  1 
ATOM   655  C  CG  . LEU A 1 84  ? -3.229  -4.404  11.716  1.00 30.93  ? 84  LEU A CG  1 
ATOM   656  C  CD1 . LEU A 1 84  ? -2.558  -3.347  10.847  1.00 23.15  ? 84  LEU A CD1 1 
ATOM   657  C  CD2 . LEU A 1 84  ? -4.383  -4.898  10.884  1.00 18.57  ? 84  LEU A CD2 1 
ATOM   658  N  N   . LYS A 1 85  ? -1.118  -7.694  13.824  1.00 12.62  ? 85  LYS A N   1 
ATOM   659  C  CA  . LYS A 1 85  ? -0.067  -8.654  13.998  1.00 12.93  ? 85  LYS A CA  1 
ATOM   660  C  C   . LYS A 1 85  ? -0.472  -10.111 13.973  1.00 13.31  ? 85  LYS A C   1 
ATOM   661  O  O   . LYS A 1 85  ? 0.064   -10.964 13.269  1.00 16.32  ? 85  LYS A O   1 
ATOM   662  C  CB  . LYS A 1 85  ? 0.699   -8.312  15.245  1.00 18.77  ? 85  LYS A CB  1 
ATOM   663  C  CG  . LYS A 1 85  ? 1.949   -9.161  15.194  1.00 19.03  ? 85  LYS A CG  1 
ATOM   664  C  CD  . LYS A 1 85  ? 2.808   -9.171  16.443  1.00 25.87  ? 85  LYS A CD  1 
ATOM   665  C  CE  . LYS A 1 85  ? 4.088   -9.987  16.191  1.00 35.89  ? 85  LYS A CE  1 
ATOM   666  N  NZ  . LYS A 1 85  ? 4.190   -11.304 16.836  1.00 60.99  ? 85  LYS A NZ  1 
ATOM   667  N  N   . PRO A 1 86  ? -1.440  -10.434 14.793  1.00 14.52  ? 86  PRO A N   1 
ATOM   668  C  CA  . PRO A 1 86  ? -1.917  -11.806 14.840  1.00 34.32  ? 86  PRO A CA  1 
ATOM   669  C  C   . PRO A 1 86  ? -2.476  -12.306 13.502  1.00 17.32  ? 86  PRO A C   1 
ATOM   670  O  O   . PRO A 1 86  ? -2.324  -13.450 13.142  1.00 15.22  ? 86  PRO A O   1 
ATOM   671  C  CB  . PRO A 1 86  ? -2.936  -11.879 15.992  1.00 21.57  ? 86  PRO A CB  1 
ATOM   672  C  CG  . PRO A 1 86  ? -3.137  -10.447 16.436  1.00 33.64  ? 86  PRO A CG  1 
ATOM   673  C  CD  . PRO A 1 86  ? -2.277  -9.538  15.584  1.00 15.11  ? 86  PRO A CD  1 
ATOM   674  N  N   . VAL A 1 87  ? -3.125  -11.462 12.718  1.00 14.57  ? 87  VAL A N   1 
ATOM   675  C  CA  . VAL A 1 87  ? -3.635  -11.946 11.467  1.00 19.33  ? 87  VAL A CA  1 
ATOM   676  C  C   . VAL A 1 87  ? -2.472  -12.231 10.510  1.00 10.90  ? 87  VAL A C   1 
ATOM   677  O  O   . VAL A 1 87  ? -2.335  -13.250 9.841   1.00 10.60  ? 87  VAL A O   1 
ATOM   678  C  CB  . VAL A 1 87  ? -4.718  -10.977 10.873  1.00 11.87  ? 87  VAL A CB  1 
ATOM   679  C  CG1 . VAL A 1 87  ? -5.256  -11.647 9.571   1.00 14.15  ? 87  VAL A CG1 1 
ATOM   680  C  CG2 . VAL A 1 87  ? -5.769  -10.550 11.946  1.00 11.67  ? 87  VAL A CG2 1 
ATOM   681  N  N   . TYR A 1 88  ? -1.675  -11.212 10.409  1.00 10.28  ? 88  TYR A N   1 
ATOM   682  C  CA  . TYR A 1 88  ? -0.507  -11.271 9.568   1.00 11.24  ? 88  TYR A CA  1 
ATOM   683  C  C   . TYR A 1 88  ? 0.305   -12.512 9.826   1.00 17.24  ? 88  TYR A C   1 
ATOM   684  O  O   . TYR A 1 88  ? 0.711   -13.228 8.907   1.00 15.72  ? 88  TYR A O   1 
ATOM   685  C  CB  . TYR A 1 88  ? 0.331   -10.015 9.886   1.00 7.71   ? 88  TYR A CB  1 
ATOM   686  C  CG  . TYR A 1 88  ? 1.538   -9.918  8.977   1.00 9.28   ? 88  TYR A CG  1 
ATOM   687  C  CD1 . TYR A 1 88  ? 1.442   -9.447  7.666   1.00 9.73   ? 88  TYR A CD1 1 
ATOM   688  C  CD2 . TYR A 1 88  ? 2.763   -10.422 9.408   1.00 12.95  ? 88  TYR A CD2 1 
ATOM   689  C  CE1 . TYR A 1 88  ? 2.576   -9.349  6.861   1.00 12.58  ? 88  TYR A CE1 1 
ATOM   690  C  CE2 . TYR A 1 88  ? 3.910   -10.344 8.623   1.00 24.35  ? 88  TYR A CE2 1 
ATOM   691  C  CZ  . TYR A 1 88  ? 3.803   -9.808  7.339   1.00 25.99  ? 88  TYR A CZ  1 
ATOM   692  O  OH  . TYR A 1 88  ? 4.920   -9.748  6.557   1.00 26.75  ? 88  TYR A OH  1 
ATOM   693  N  N   . ASP A 1 89  ? 0.613   -12.789 11.103  1.00 17.53  ? 89  ASP A N   1 
ATOM   694  C  CA  . ASP A 1 89  ? 1.426   -13.989 11.385  1.00 7.94   ? 89  ASP A CA  1 
ATOM   695  C  C   . ASP A 1 89  ? 0.696   -15.277 11.125  1.00 18.58  ? 89  ASP A C   1 
ATOM   696  O  O   . ASP A 1 89  ? 1.296   -16.327 10.885  1.00 16.41  ? 89  ASP A O   1 
ATOM   697  C  CB  . ASP A 1 89  ? 1.770   -14.162 12.834  1.00 13.32  ? 89  ASP A CB  1 
ATOM   698  C  CG  . ASP A 1 89  ? 2.776   -13.149 13.286  1.00 22.81  ? 89  ASP A CG  1 
ATOM   699  O  OD1 . ASP A 1 89  ? 3.439   -12.494 12.500  1.00 20.67  ? 89  ASP A OD1 1 
ATOM   700  O  OD2 . ASP A 1 89  ? 2.785   -13.027 14.593  1.00 19.85  ? 89  ASP A OD2 1 
ATOM   701  N  N   . SER A 1 90  ? -0.626  -15.219 11.021  1.00 13.11  ? 90  SER A N   1 
ATOM   702  C  CA  . SER A 1 90  ? -1.244  -16.476 10.665  1.00 10.26  ? 90  SER A CA  1 
ATOM   703  C  C   . SER A 1 90  ? -1.193  -16.735 9.164   1.00 7.88   ? 90  SER A C   1 
ATOM   704  O  O   . SER A 1 90  ? -1.572  -17.795 8.691   1.00 11.06  ? 90  SER A O   1 
ATOM   705  C  CB  . SER A 1 90  ? -2.753  -16.473 10.899  1.00 14.90  ? 90  SER A CB  1 
ATOM   706  O  OG  . SER A 1 90  ? -3.432  -15.490 10.150  1.00 13.16  ? 90  SER A OG  1 
ATOM   707  N  N   . LEU A 1 91  ? -0.783  -15.787 8.345   1.00 7.21   ? 91  LEU A N   1 
ATOM   708  C  CA  . LEU A 1 91  ? -0.889  -16.059 6.898   1.00 8.25   ? 91  LEU A CA  1 
ATOM   709  C  C   . LEU A 1 91  ? 0.320   -16.639 6.251   1.00 11.08  ? 91  LEU A C   1 
ATOM   710  O  O   . LEU A 1 91  ? 1.388   -16.523 6.825   1.00 12.55  ? 91  LEU A O   1 
ATOM   711  C  CB  . LEU A 1 91  ? -0.970  -14.717 6.148   1.00 12.94  ? 91  LEU A CB  1 
ATOM   712  C  CG  . LEU A 1 91  ? -2.237  -13.897 6.538   1.00 21.54  ? 91  LEU A CG  1 
ATOM   713  C  CD1 . LEU A 1 91  ? -2.177  -12.425 6.127   1.00 16.85  ? 91  LEU A CD1 1 
ATOM   714  C  CD2 . LEU A 1 91  ? -3.470  -14.405 5.814   1.00 16.30  ? 91  LEU A CD2 1 
ATOM   715  N  N   . ASP A 1 92  ? 0.173   -17.210 5.081   1.00 11.13  ? 92  ASP A N   1 
ATOM   716  C  CA  . ASP A 1 92  ? 1.323   -17.702 4.372   1.00 2.92   ? 92  ASP A CA  1 
ATOM   717  C  C   . ASP A 1 92  ? 2.083   -16.538 3.721   1.00 12.25  ? 92  ASP A C   1 
ATOM   718  O  O   . ASP A 1 92  ? 1.680   -15.387 3.694   1.00 13.34  ? 92  ASP A O   1 
ATOM   719  C  CB  . ASP A 1 92  ? 0.923   -18.680 3.251   1.00 13.62  ? 92  ASP A CB  1 
ATOM   720  C  CG  . ASP A 1 92  ? -0.098  -18.006 2.311   1.00 18.18  ? 92  ASP A CG  1 
ATOM   721  O  OD1 . ASP A 1 92  ? 0.189   -17.431 1.282   1.00 13.76  ? 92  ASP A OD1 1 
ATOM   722  O  OD2 . ASP A 1 92  ? -1.321  -17.971 2.812   1.00 16.78  ? 92  ASP A OD2 1 
ATOM   723  N  N   . ALA A 1 93  ? 3.201   -16.819 3.114   1.00 11.14  ? 93  ALA A N   1 
ATOM   724  C  CA  . ALA A 1 93  ? 3.993   -15.751 2.526   1.00 12.04  ? 93  ALA A CA  1 
ATOM   725  C  C   . ALA A 1 93  ? 3.354   -14.952 1.409   1.00 18.52  ? 93  ALA A C   1 
ATOM   726  O  O   . ALA A 1 93  ? 3.593   -13.755 1.362   1.00 19.10  ? 93  ALA A O   1 
ATOM   727  C  CB  . ALA A 1 93  ? 5.409   -16.208 2.146   1.00 17.12  ? 93  ALA A CB  1 
ATOM   728  N  N   . VAL A 1 94  ? 2.588   -15.563 0.513   1.00 11.44  ? 94  VAL A N   1 
ATOM   729  C  CA  . VAL A 1 94  ? 2.028   -14.743 -0.535  1.00 11.22  ? 94  VAL A CA  1 
ATOM   730  C  C   . VAL A 1 94  ? 0.988   -13.792 0.045   1.00 6.37   ? 94  VAL A C   1 
ATOM   731  O  O   . VAL A 1 94  ? 0.930   -12.618 -0.282  1.00 15.38  ? 94  VAL A O   1 
ATOM   732  C  CB  . VAL A 1 94  ? 1.446   -15.672 -1.597  1.00 17.86  ? 94  VAL A CB  1 
ATOM   733  C  CG1 . VAL A 1 94  ? 0.833   -14.868 -2.742  1.00 11.02  ? 94  VAL A CG1 1 
ATOM   734  C  CG2 . VAL A 1 94  ? 2.581   -16.485 -2.177  1.00 11.30  ? 94  VAL A CG2 1 
ATOM   735  N  N   . ARG A 1 95  ? 0.102   -14.372 0.867   1.00 11.45  ? 95  ARG A N   1 
ATOM   736  C  CA  . ARG A 1 95  ? -0.997  -13.569 1.429   1.00 11.01  ? 95  ARG A CA  1 
ATOM   737  C  C   . ARG A 1 95  ? -0.463  -12.413 2.276   1.00 10.32  ? 95  ARG A C   1 
ATOM   738  O  O   . ARG A 1 95  ? -1.105  -11.369 2.390   1.00 15.24  ? 95  ARG A O   1 
ATOM   739  C  CB  . ARG A 1 95  ? -2.036  -14.455 2.156   1.00 7.25   ? 95  ARG A CB  1 
ATOM   740  C  CG  . ARG A 1 95  ? -2.777  -15.395 1.225   1.00 9.96   ? 95  ARG A CG  1 
ATOM   741  C  CD  . ARG A 1 95  ? -3.934  -16.071 1.936   1.00 11.15  ? 95  ARG A CD  1 
ATOM   742  N  NE  . ARG A 1 95  ? -4.859  -16.791 1.056   1.00 11.76  ? 95  ARG A NE  1 
ATOM   743  C  CZ  . ARG A 1 95  ? -4.636  -18.055 0.701   1.00 27.25  ? 95  ARG A CZ  1 
ATOM   744  N  NH1 . ARG A 1 95  ? -3.543  -18.695 1.111   1.00 11.92  ? 95  ARG A NH1 1 
ATOM   745  N  NH2 . ARG A 1 95  ? -5.512  -18.687 -0.063  1.00 9.51   ? 95  ARG A NH2 1 
ATOM   746  N  N   . ARG A 1 96  ? 0.727   -12.595 2.881   1.00 14.52  ? 96  ARG A N   1 
ATOM   747  C  CA  . ARG A 1 96  ? 1.336   -11.520 3.670   1.00 18.13  ? 96  ARG A CA  1 
ATOM   748  C  C   . ARG A 1 96  ? 1.721   -10.364 2.749   1.00 7.42   ? 96  ARG A C   1 
ATOM   749  O  O   . ARG A 1 96  ? 1.638   -9.208  3.162   1.00 16.88  ? 96  ARG A O   1 
ATOM   750  C  CB  . ARG A 1 96  ? 2.615   -11.892 4.385   1.00 7.82   ? 96  ARG A CB  1 
ATOM   751  C  CG  . ARG A 1 96  ? 2.327   -12.801 5.591   1.00 13.74  ? 96  ARG A CG  1 
ATOM   752  C  CD  . ARG A 1 96  ? 3.591   -13.346 6.225   1.00 13.70  ? 96  ARG A CD  1 
ATOM   753  N  NE  . ARG A 1 96  ? 3.235   -14.126 7.407   1.00 19.70  ? 96  ARG A NE  1 
ATOM   754  C  CZ  . ARG A 1 96  ? 4.142   -14.707 8.166   1.00 29.35  ? 96  ARG A CZ  1 
ATOM   755  N  NH1 . ARG A 1 96  ? 5.411   -14.590 7.841   1.00 30.64  ? 96  ARG A NH1 1 
ATOM   756  N  NH2 . ARG A 1 96  ? 3.788   -15.469 9.211   1.00 15.49  ? 96  ARG A NH2 1 
ATOM   757  N  N   . CYS A 1 97  ? 2.044   -10.704 1.499   1.00 13.16  ? 97  CYS A N   1 
ATOM   758  C  CA  . CYS A 1 97  ? 2.324   -9.627  0.588   1.00 11.35  ? 97  CYS A CA  1 
ATOM   759  C  C   . CYS A 1 97  ? 1.050   -8.862  0.290   1.00 10.53  ? 97  CYS A C   1 
ATOM   760  O  O   . CYS A 1 97  ? 1.104   -7.631  0.165   1.00 10.11  ? 97  CYS A O   1 
ATOM   761  C  CB  . CYS A 1 97  ? 2.853   -10.116 -0.757  1.00 12.10  ? 97  CYS A CB  1 
ATOM   762  S  SG  . CYS A 1 97  ? 4.535   -10.758 -0.471  1.00 16.34  ? 97  CYS A SG  1 
ATOM   763  N  N   . ALA A 1 98  ? -0.073  -9.563  0.200   1.00 13.59  ? 98  ALA A N   1 
ATOM   764  C  CA  . ALA A 1 98  ? -1.337  -8.834  -0.011  1.00 11.70  ? 98  ALA A CA  1 
ATOM   765  C  C   . ALA A 1 98  ? -1.617  -7.928  1.188   1.00 24.17  ? 98  ALA A C   1 
ATOM   766  O  O   . ALA A 1 98  ? -2.140  -6.803  1.038   1.00 12.18  ? 98  ALA A O   1 
ATOM   767  C  CB  . ALA A 1 98  ? -2.554  -9.722  -0.161  1.00 11.18  ? 98  ALA A CB  1 
ATOM   768  N  N   . ALA A 1 99  ? -1.262  -8.390  2.422   1.00 10.40  ? 99  ALA A N   1 
ATOM   769  C  CA  . ALA A 1 99  ? -1.506  -7.553  3.596   1.00 11.33  ? 99  ALA A CA  1 
ATOM   770  C  C   . ALA A 1 99  ? -0.638  -6.316  3.557   1.00 14.83  ? 99  ALA A C   1 
ATOM   771  O  O   . ALA A 1 99  ? -1.113  -5.232  3.854   1.00 12.16  ? 99  ALA A O   1 
ATOM   772  C  CB  . ALA A 1 99  ? -1.326  -8.298  4.947   1.00 8.17   ? 99  ALA A CB  1 
ATOM   773  N  N   . ILE A 1 100 ? 0.657   -6.474  3.224   1.00 9.67   ? 100 ILE A N   1 
ATOM   774  C  CA  . ILE A 1 100 ? 1.498   -5.311  3.145   1.00 14.07  ? 100 ILE A CA  1 
ATOM   775  C  C   . ILE A 1 100 ? 0.975   -4.274  2.140   1.00 14.45  ? 100 ILE A C   1 
ATOM   776  O  O   . ILE A 1 100 ? 0.966   -3.051  2.357   1.00 15.12  ? 100 ILE A O   1 
ATOM   777  C  CB  . ILE A 1 100 ? 2.946   -5.777  2.920   1.00 16.84  ? 100 ILE A CB  1 
ATOM   778  C  CG1 . ILE A 1 100 ? 3.430   -6.639  4.085   1.00 7.07   ? 100 ILE A CG1 1 
ATOM   779  C  CG2 . ILE A 1 100 ? 3.930   -4.618  2.798   1.00 9.57   ? 100 ILE A CG2 1 
ATOM   780  C  CD1 . ILE A 1 100 ? 4.657   -7.446  3.766   1.00 3.80   ? 100 ILE A CD1 1 
ATOM   781  N  N   . ASN A 1 101 ? 0.522   -4.765  0.994   1.00 12.87  ? 101 ASN A N   1 
ATOM   782  C  CA  . ASN A 1 101 ? 0.031   -3.890  -0.064  1.00 10.19  ? 101 ASN A CA  1 
ATOM   783  C  C   . ASN A 1 101 ? -1.148  -3.077  0.392   1.00 7.86   ? 101 ASN A C   1 
ATOM   784  O  O   . ASN A 1 101 ? -1.189  -1.884  0.217   1.00 11.25  ? 101 ASN A O   1 
ATOM   785  C  CB  . ASN A 1 101 ? -0.384  -4.773  -1.273  1.00 16.99  ? 101 ASN A CB  1 
ATOM   786  C  CG  . ASN A 1 101 ? -0.623  -4.040  -2.581  1.00 16.14  ? 101 ASN A CG  1 
ATOM   787  O  OD1 . ASN A 1 101 ? -1.365  -3.055  -2.587  1.00 15.65  ? 101 ASN A OD1 1 
ATOM   788  N  ND2 . ASN A 1 101 ? -0.072  -4.526  -3.691  1.00 9.57   ? 101 ASN A ND2 1 
ATOM   789  N  N   . GLN A 1 102 ? -2.089  -3.718  1.044   1.00 5.25   ? 102 GLN A N   1 
ATOM   790  C  CA  . GLN A 1 102 ? -3.190  -2.913  1.524   1.00 13.76  ? 102 GLN A CA  1 
ATOM   791  C  C   . GLN A 1 102 ? -2.732  -1.856  2.538   1.00 18.20  ? 102 GLN A C   1 
ATOM   792  O  O   . GLN A 1 102 ? -3.233  -0.702  2.597   1.00 12.37  ? 102 GLN A O   1 
ATOM   793  C  CB  . GLN A 1 102 ? -4.156  -3.851  2.306   1.00 13.83  ? 102 GLN A CB  1 
ATOM   794  C  CG  . GLN A 1 102 ? -5.600  -3.924  1.823   1.00 28.39  ? 102 GLN A CG  1 
ATOM   795  C  CD  . GLN A 1 102 ? -6.558  -4.704  2.712   1.00 26.09  ? 102 GLN A CD  1 
ATOM   796  O  OE1 . GLN A 1 102 ? -6.175  -5.578  3.489   1.00 15.07  ? 102 GLN A OE1 1 
ATOM   797  N  NE2 . GLN A 1 102 ? -7.819  -4.356  2.639   1.00 28.91  ? 102 GLN A NE2 1 
ATOM   798  N  N   . VAL A 1 103 ? -1.822  -2.276  3.430   1.00 16.09  ? 103 VAL A N   1 
ATOM   799  C  CA  . VAL A 1 103 ? -1.367  -1.341  4.439   1.00 8.44   ? 103 VAL A CA  1 
ATOM   800  C  C   . VAL A 1 103 ? -0.571  -0.234  3.819   1.00 22.01  ? 103 VAL A C   1 
ATOM   801  O  O   . VAL A 1 103 ? -0.692  0.884   4.232   1.00 23.97  ? 103 VAL A O   1 
ATOM   802  C  CB  . VAL A 1 103 ? -0.501  -1.958  5.548   1.00 11.32  ? 103 VAL A CB  1 
ATOM   803  C  CG1 . VAL A 1 103 ? -0.027  -0.863  6.505   1.00 12.12  ? 103 VAL A CG1 1 
ATOM   804  C  CG2 . VAL A 1 103 ? -1.405  -2.801  6.480   1.00 15.50  ? 103 VAL A CG2 1 
ATOM   805  N  N   . PHE A 1 104 ? 0.224   -0.541  2.807   1.00 10.33  ? 104 PHE A N   1 
ATOM   806  C  CA  . PHE A 1 104 ? 0.986   0.504   2.136   1.00 9.60   ? 104 PHE A CA  1 
ATOM   807  C  C   . PHE A 1 104 ? 0.067   1.504   1.454   1.00 16.48  ? 104 PHE A C   1 
ATOM   808  O  O   . PHE A 1 104 ? 0.228   2.698   1.506   1.00 20.32  ? 104 PHE A O   1 
ATOM   809  C  CB  . PHE A 1 104 ? 1.744   -0.175  0.983   1.00 8.47   ? 104 PHE A CB  1 
ATOM   810  C  CG  . PHE A 1 104 ? 2.692   0.729   0.293   1.00 11.62  ? 104 PHE A CG  1 
ATOM   811  C  CD1 . PHE A 1 104 ? 4.059   0.764   0.564   1.00 12.67  ? 104 PHE A CD1 1 
ATOM   812  C  CD2 . PHE A 1 104 ? 2.244   1.492   -0.772  1.00 6.60   ? 104 PHE A CD2 1 
ATOM   813  C  CE1 . PHE A 1 104 ? 4.953   1.548   -0.166  1.00 16.08  ? 104 PHE A CE1 1 
ATOM   814  C  CE2 . PHE A 1 104 ? 3.139   2.302   -1.482  1.00 20.60  ? 104 PHE A CE2 1 
ATOM   815  C  CZ  . PHE A 1 104 ? 4.506   2.338   -1.222  1.00 13.93  ? 104 PHE A CZ  1 
ATOM   816  N  N   . GLN A 1 105 ? -1.007  1.018   0.894   1.00 16.19  ? 105 GLN A N   1 
ATOM   817  C  CA  . GLN A 1 105 ? -1.915  1.896   0.204   1.00 18.41  ? 105 GLN A CA  1 
ATOM   818  C  C   . GLN A 1 105 ? -2.842  2.671   1.130   1.00 18.40  ? 105 GLN A C   1 
ATOM   819  O  O   . GLN A 1 105 ? -3.175  3.826   0.896   1.00 15.08  ? 105 GLN A O   1 
ATOM   820  C  CB  . GLN A 1 105 ? -2.785  1.096   -0.822  1.00 16.65  ? 105 GLN A CB  1 
ATOM   821  C  CG  . GLN A 1 105 ? -3.858  1.974   -1.527  1.00 16.48  ? 105 GLN A CG  1 
ATOM   822  C  CD  . GLN A 1 105 ? -4.963  1.232   -2.326  1.00 18.83  ? 105 GLN A CD  1 
ATOM   823  O  OE1 . GLN A 1 105 ? -5.005  0.011   -2.470  1.00 16.80  ? 105 GLN A OE1 1 
ATOM   824  N  NE2 . GLN A 1 105 ? -5.806  1.971   -2.995  1.00 17.48  ? 105 GLN A NE2 1 
ATOM   825  N  N   . MET A 1 106 ? -3.335  2.026   2.181   1.00 16.08  ? 106 MET A N   1 
ATOM   826  C  CA  . MET A 1 106 ? -4.351  2.669   3.004   1.00 13.94  ? 106 MET A CA  1 
ATOM   827  C  C   . MET A 1 106 ? -3.962  3.017   4.422   1.00 15.74  ? 106 MET A C   1 
ATOM   828  O  O   . MET A 1 106 ? -4.745  3.655   5.128   1.00 29.16  ? 106 MET A O   1 
ATOM   829  C  CB  . MET A 1 106 ? -5.727  1.986   2.699   1.00 18.19  ? 106 MET A CB  1 
ATOM   830  C  CG  . MET A 1 106 ? -6.191  0.748   3.456   1.00 29.01  ? 106 MET A CG  1 
ATOM   831  S  SD  . MET A 1 106 ? -7.640  0.064   2.585   1.00 31.95  ? 106 MET A SD  1 
ATOM   832  C  CE  . MET A 1 106 ? -7.813  -1.492  3.488   1.00 70.61  ? 106 MET A CE  1 
ATOM   833  N  N   . GLY A 1 107 ? -2.785  2.606   4.882   1.00 18.99  ? 107 GLY A N   1 
ATOM   834  C  CA  . GLY A 1 107 ? -2.520  2.918   6.265   1.00 14.31  ? 107 GLY A CA  1 
ATOM   835  C  C   . GLY A 1 107 ? -3.138  1.860   7.174   1.00 24.26  ? 107 GLY A C   1 
ATOM   836  O  O   . GLY A 1 107 ? -4.150  1.215   6.873   1.00 27.64  ? 107 GLY A O   1 
ATOM   837  N  N   . GLU A 1 108 ? -2.431  1.694   8.282   1.00 27.78  ? 108 GLU A N   1 
ATOM   838  C  CA  . GLU A 1 108 ? -2.601  0.700   9.343   1.00 37.49  ? 108 GLU A CA  1 
ATOM   839  C  C   . GLU A 1 108 ? -3.951  0.899   9.958   1.00 40.15  ? 108 GLU A C   1 
ATOM   840  O  O   . GLU A 1 108 ? -4.641  0.003   10.444  1.00 50.28  ? 108 GLU A O   1 
ATOM   841  C  CB  . GLU A 1 108 ? -1.272  0.582   10.155  1.00 37.13  ? 108 GLU A CB  1 
ATOM   842  C  CG  . GLU A 1 108 ? -1.410  0.766   11.668  1.00 51.75  ? 108 GLU A CG  1 
ATOM   843  C  CD  . GLU A 1 108 ? -0.100  1.140   12.272  1.00 93.97  ? 108 GLU A CD  1 
ATOM   844  O  OE1 . GLU A 1 108 ? 0.512   2.132   11.912  1.00 100.00 ? 108 GLU A OE1 1 
ATOM   845  O  OE2 . GLU A 1 108 ? 0.312   0.287   13.184  1.00 96.33  ? 108 GLU A OE2 1 
ATOM   846  N  N   . THR A 1 109 ? -4.284  2.153   9.856   1.00 50.04  ? 109 THR A N   1 
ATOM   847  C  CA  . THR A 1 109 ? -5.521  2.751   10.266  1.00 47.04  ? 109 THR A CA  1 
ATOM   848  C  C   . THR A 1 109 ? -6.734  2.214   9.505   1.00 68.55  ? 109 THR A C   1 
ATOM   849  O  O   . THR A 1 109 ? -7.636  1.597   10.095  1.00 70.79  ? 109 THR A O   1 
ATOM   850  C  CB  . THR A 1 109 ? -5.344  4.217   9.851   1.00 100.00 ? 109 THR A CB  1 
ATOM   851  O  OG1 . THR A 1 109 ? -4.170  4.388   9.032   1.00 83.88  ? 109 THR A OG1 1 
ATOM   852  C  CG2 . THR A 1 109 ? -5.192  4.739   11.276  1.00 45.84  ? 109 THR A CG2 1 
ATOM   853  N  N   . GLY A 1 110 ? -6.739  2.485   8.185   1.00 53.32  ? 110 GLY A N   1 
ATOM   854  C  CA  . GLY A 1 110 ? -7.778  2.028   7.278   1.00 46.53  ? 110 GLY A CA  1 
ATOM   855  C  C   . GLY A 1 110 ? -7.949  0.521   7.458   1.00 33.36  ? 110 GLY A C   1 
ATOM   856  O  O   . GLY A 1 110 ? -9.008  0.030   7.777   1.00 45.50  ? 110 GLY A O   1 
ATOM   857  N  N   . VAL A 1 111 ? -6.860  -0.211  7.361   1.00 29.41  ? 111 VAL A N   1 
ATOM   858  C  CA  . VAL A 1 111 ? -6.892  -1.641  7.469   1.00 28.25  ? 111 VAL A CA  1 
ATOM   859  C  C   . VAL A 1 111 ? -7.438  -2.180  8.747   1.00 43.00  ? 111 VAL A C   1 
ATOM   860  O  O   . VAL A 1 111 ? -8.248  -3.101  8.672   1.00 37.54  ? 111 VAL A O   1 
ATOM   861  C  CB  . VAL A 1 111 ? -5.551  -2.207  7.119   1.00 37.23  ? 111 VAL A CB  1 
ATOM   862  C  CG1 . VAL A 1 111 ? -5.722  -3.720  7.201   1.00 30.85  ? 111 VAL A CG1 1 
ATOM   863  C  CG2 . VAL A 1 111 ? -5.221  -1.547  5.776   1.00 29.17  ? 111 VAL A CG2 1 
ATOM   864  N  N   . ALA A 1 112 ? -7.014  -1.607  9.883   1.00 45.54  ? 112 ALA A N   1 
ATOM   865  C  CA  . ALA A 1 112 ? -7.485  -1.962  11.245  1.00 52.35  ? 112 ALA A CA  1 
ATOM   866  C  C   . ALA A 1 112 ? -9.058  -1.992  11.374  1.00 61.56  ? 112 ALA A C   1 
ATOM   867  O  O   . ALA A 1 112 ? -9.652  -2.763  12.175  1.00 50.64  ? 112 ALA A O   1 
ATOM   868  C  CB  . ALA A 1 112 ? -6.585  -1.265  12.290  1.00 39.99  ? 112 ALA A CB  1 
ATOM   869  N  N   . GLY A 1 113 ? -9.764  -1.185  10.540  1.00 30.36  ? 113 GLY A N   1 
ATOM   870  C  CA  . GLY A 1 113 ? -11.255 -1.129  10.473  1.00 41.46  ? 113 GLY A CA  1 
ATOM   871  C  C   . GLY A 1 113 ? -12.027 -2.212  9.642   1.00 72.24  ? 113 GLY A C   1 
ATOM   872  O  O   . GLY A 1 113 ? -13.272 -2.245  9.611   1.00 69.73  ? 113 GLY A O   1 
ATOM   873  N  N   . PHE A 1 114 ? -11.245 -3.092  8.991   1.00 35.23  ? 114 PHE A N   1 
ATOM   874  C  CA  . PHE A 1 114 ? -11.674 -4.236  8.213   1.00 13.07  ? 114 PHE A CA  1 
ATOM   875  C  C   . PHE A 1 114 ? -11.818 -5.454  9.104   1.00 20.82  ? 114 PHE A C   1 
ATOM   876  O  O   . PHE A 1 114 ? -11.542 -6.599  8.765   1.00 20.71  ? 114 PHE A O   1 
ATOM   877  C  CB  . PHE A 1 114 ? -10.680 -4.451  7.097   1.00 21.98  ? 114 PHE A CB  1 
ATOM   878  C  CG  . PHE A 1 114 ? -10.904 -3.618  5.846   1.00 37.34  ? 114 PHE A CG  1 
ATOM   879  C  CD1 . PHE A 1 114 ? -10.722 -2.235  5.868   1.00 43.74  ? 114 PHE A CD1 1 
ATOM   880  C  CD2 . PHE A 1 114 ? -11.262 -4.199  4.628   1.00 37.84  ? 114 PHE A CD2 1 
ATOM   881  C  CE1 . PHE A 1 114 ? -10.875 -1.488  4.698   1.00 32.49  ? 114 PHE A CE1 1 
ATOM   882  C  CE2 . PHE A 1 114 ? -11.436 -3.476  3.449   1.00 36.34  ? 114 PHE A CE2 1 
ATOM   883  C  CZ  . PHE A 1 114 ? -11.223 -2.099  3.493   1.00 31.48  ? 114 PHE A CZ  1 
ATOM   884  N  N   . THR A 1 115 ? -12.234 -5.157  10.300  1.00 18.21  ? 115 THR A N   1 
ATOM   885  C  CA  . THR A 1 115 ? -12.431 -6.134  11.333  1.00 15.84  ? 115 THR A CA  1 
ATOM   886  C  C   . THR A 1 115 ? -13.041 -7.444  10.903  1.00 28.63  ? 115 THR A C   1 
ATOM   887  O  O   . THR A 1 115 ? -12.533 -8.527  11.203  1.00 17.55  ? 115 THR A O   1 
ATOM   888  C  CB  . THR A 1 115 ? -13.415 -5.455  12.285  1.00 32.85  ? 115 THR A CB  1 
ATOM   889  O  OG1 . THR A 1 115 ? -12.723 -4.375  12.830  1.00 44.16  ? 115 THR A OG1 1 
ATOM   890  C  CG2 . THR A 1 115 ? -13.829 -6.361  13.398  1.00 47.31  ? 115 THR A CG2 1 
ATOM   891  N  N   . ASN A 1 116 ? -14.151 -7.351  10.193  1.00 19.96  ? 116 ASN A N   1 
ATOM   892  C  CA  . ASN A 1 116 ? -14.732 -8.584  9.766   1.00 25.26  ? 116 ASN A CA  1 
ATOM   893  C  C   . ASN A 1 116 ? -13.854 -9.321  8.777   1.00 19.43  ? 116 ASN A C   1 
ATOM   894  O  O   . ASN A 1 116 ? -13.746 -10.532 8.801   1.00 18.31  ? 116 ASN A O   1 
ATOM   895  C  CB  . ASN A 1 116 ? -16.178 -8.429  9.215   1.00 16.31  ? 116 ASN A CB  1 
ATOM   896  C  CG  . ASN A 1 116 ? -17.079 -7.810  10.290  1.00 33.23  ? 116 ASN A CG  1 
ATOM   897  O  OD1 . ASN A 1 116 ? -17.131 -8.331  11.399  1.00 36.22  ? 116 ASN A OD1 1 
ATOM   898  N  ND2 . ASN A 1 116 ? -17.805 -6.725  10.012  1.00 20.49  ? 116 ASN A ND2 1 
ATOM   899  N  N   . SER A 1 117 ? -13.298 -8.619  7.822   1.00 14.67  ? 117 SER A N   1 
ATOM   900  C  CA  . SER A 1 117 ? -12.534 -9.384  6.860   1.00 10.84  ? 117 SER A CA  1 
ATOM   901  C  C   . SER A 1 117 ? -11.316 -9.947  7.541   1.00 15.06  ? 117 SER A C   1 
ATOM   902  O  O   . SER A 1 117 ? -10.816 -10.989 7.228   1.00 12.00  ? 117 SER A O   1 
ATOM   903  C  CB  . SER A 1 117 ? -11.894 -8.477  5.852   1.00 16.51  ? 117 SER A CB  1 
ATOM   904  O  OG  . SER A 1 117 ? -12.874 -7.699  5.210   1.00 24.90  ? 117 SER A OG  1 
ATOM   905  N  N   . LEU A 1 118 ? -10.836 -9.212  8.524   1.00 12.17  ? 118 LEU A N   1 
ATOM   906  C  CA  . LEU A 1 118 ? -9.652  -9.662  9.192   1.00 19.50  ? 118 LEU A CA  1 
ATOM   907  C  C   . LEU A 1 118 ? -9.911  -10.942 9.890   1.00 17.70  ? 118 LEU A C   1 
ATOM   908  O  O   . LEU A 1 118 ? -9.097  -11.889 9.885   1.00 16.14  ? 118 LEU A O   1 
ATOM   909  C  CB  . LEU A 1 118 ? -9.175  -8.679  10.271  1.00 22.02  ? 118 LEU A CB  1 
ATOM   910  C  CG  . LEU A 1 118 ? -8.511  -7.449  9.650   1.00 31.42  ? 118 LEU A CG  1 
ATOM   911  C  CD1 . LEU A 1 118 ? -8.423  -6.430  10.766  1.00 27.21  ? 118 LEU A CD1 1 
ATOM   912  C  CD2 . LEU A 1 118 ? -7.111  -7.711  9.041   1.00 17.05  ? 118 LEU A CD2 1 
ATOM   913  N  N   . ARG A 1 119 ? -11.072 -10.968 10.503  1.00 15.93  ? 119 ARG A N   1 
ATOM   914  C  CA  . ARG A 1 119 ? -11.333 -12.226 11.192  1.00 17.73  ? 119 ARG A CA  1 
ATOM   915  C  C   . ARG A 1 119 ? -11.473 -13.413 10.231  1.00 29.79  ? 119 ARG A C   1 
ATOM   916  O  O   . ARG A 1 119 ? -11.040 -14.564 10.498  1.00 22.79  ? 119 ARG A O   1 
ATOM   917  C  CB  . ARG A 1 119 ? -12.594 -12.298 12.072  1.00 21.14  ? 119 ARG A CB  1 
ATOM   918  C  CG  . ARG A 1 119 ? -13.218 -10.965 12.463  1.00 76.10  ? 119 ARG A CG  1 
ATOM   919  C  CD  . ARG A 1 119 ? -14.623 -11.200 13.041  1.00 100.00 ? 119 ARG A CD  1 
ATOM   920  N  NE  . ARG A 1 119 ? -15.126 -12.584 12.874  1.00 100.00 ? 119 ARG A NE  1 
ATOM   921  C  CZ  . ARG A 1 119 ? -16.245 -12.961 12.206  1.00 100.00 ? 119 ARG A CZ  1 
ATOM   922  N  NH1 . ARG A 1 119 ? -17.046 -12.064 11.603  1.00 100.00 ? 119 ARG A NH1 1 
ATOM   923  N  NH2 . ARG A 1 119 ? -16.565 -14.272 12.130  1.00 100.00 ? 119 ARG A NH2 1 
ATOM   924  N  N   . MET A 1 120 ? -12.098 -13.134 9.083   1.00 14.60  ? 120 MET A N   1 
ATOM   925  C  CA  . MET A 1 120 ? -12.276 -14.207 8.124   1.00 13.42  ? 120 MET A CA  1 
ATOM   926  C  C   . MET A 1 120 ? -10.940 -14.678 7.588   1.00 12.11  ? 120 MET A C   1 
ATOM   927  O  O   . MET A 1 120 ? -10.725 -15.856 7.316   1.00 14.24  ? 120 MET A O   1 
ATOM   928  C  CB  . MET A 1 120 ? -13.212 -13.798 6.970   1.00 9.03   ? 120 MET A CB  1 
ATOM   929  C  CG  . MET A 1 120 ? -14.667 -13.768 7.362   1.00 26.65  ? 120 MET A CG  1 
ATOM   930  S  SD  . MET A 1 120 ? -15.553 -12.833 6.068   1.00 33.26  ? 120 MET A SD  1 
ATOM   931  C  CE  . MET A 1 120 ? -17.084 -12.270 6.872   1.00 33.80  ? 120 MET A CE  1 
ATOM   932  N  N   . LEU A 1 121 ? -10.036 -13.721 7.401   1.00 13.25  ? 121 LEU A N   1 
ATOM   933  C  CA  . LEU A 1 121 ? -8.740  -14.134 6.878   1.00 17.17  ? 121 LEU A CA  1 
ATOM   934  C  C   . LEU A 1 121 ? -8.048  -14.967 7.963   1.00 30.21  ? 121 LEU A C   1 
ATOM   935  O  O   . LEU A 1 121 ? -7.324  -15.950 7.755   1.00 14.49  ? 121 LEU A O   1 
ATOM   936  C  CB  . LEU A 1 121 ? -7.907  -12.859 6.639   1.00 16.73  ? 121 LEU A CB  1 
ATOM   937  C  CG  . LEU A 1 121 ? -8.401  -12.127 5.381   1.00 15.68  ? 121 LEU A CG  1 
ATOM   938  C  CD1 . LEU A 1 121 ? -7.792  -10.725 5.333   1.00 25.17  ? 121 LEU A CD1 1 
ATOM   939  C  CD2 . LEU A 1 121 ? -7.983  -12.926 4.138   1.00 9.16   ? 121 LEU A CD2 1 
ATOM   940  N  N   . GLN A 1 122 ? -8.241  -14.567 9.200   1.00 8.27   ? 122 GLN A N   1 
ATOM   941  C  CA  . GLN A 1 122 ? -7.540  -15.329 10.189  1.00 17.31  ? 122 GLN A CA  1 
ATOM   942  C  C   . GLN A 1 122 ? -8.056  -16.779 10.294  1.00 23.76  ? 122 GLN A C   1 
ATOM   943  O  O   . GLN A 1 122 ? -7.357  -17.733 10.607  1.00 20.57  ? 122 GLN A O   1 
ATOM   944  C  CB  . GLN A 1 122 ? -7.716  -14.558 11.490  1.00 16.13  ? 122 GLN A CB  1 
ATOM   945  C  CG  . GLN A 1 122 ? -6.921  -15.249 12.596  1.00 22.73  ? 122 GLN A CG  1 
ATOM   946  C  CD  . GLN A 1 122 ? -7.059  -14.458 13.859  1.00 39.15  ? 122 GLN A CD  1 
ATOM   947  O  OE1 . GLN A 1 122 ? -8.012  -13.653 13.973  1.00 100.00 ? 122 GLN A OE1 1 
ATOM   948  N  NE2 . GLN A 1 122 ? -6.152  -14.747 14.804  1.00 53.95  ? 122 GLN A NE2 1 
ATOM   949  N  N   . GLN A 1 123 ? -9.332  -16.943 10.049  1.00 13.99  ? 123 GLN A N   1 
ATOM   950  C  CA  . GLN A 1 123 ? -9.954  -18.235 10.091  1.00 11.76  ? 123 GLN A CA  1 
ATOM   951  C  C   . GLN A 1 123 ? -9.740  -19.001 8.816   1.00 27.90  ? 123 GLN A C   1 
ATOM   952  O  O   . GLN A 1 123 ? -10.163 -20.138 8.786   1.00 25.77  ? 123 GLN A O   1 
ATOM   953  C  CB  . GLN A 1 123 ? -11.477 -18.110 10.130  1.00 17.08  ? 123 GLN A CB  1 
ATOM   954  C  CG  . GLN A 1 123 ? -11.879 -17.538 11.481  1.00 28.09  ? 123 GLN A CG  1 
ATOM   955  C  CD  . GLN A 1 123 ? -13.395 -17.597 11.742  1.00 26.14  ? 123 GLN A CD  1 
ATOM   956  O  OE1 . GLN A 1 123 ? -13.812 -18.208 12.734  1.00 61.51  ? 123 GLN A OE1 1 
ATOM   957  N  NE2 . GLN A 1 123 ? -14.212 -16.962 10.871  1.00 49.64  ? 123 GLN A NE2 1 
ATOM   958  N  N   . LYS A 1 124 ? -9.080  -18.406 7.788   1.00 16.26  ? 124 LYS A N   1 
ATOM   959  C  CA  . LYS A 1 124 ? -8.783  -19.070 6.509   1.00 11.26  ? 124 LYS A CA  1 
ATOM   960  C  C   . LYS A 1 124 ? -10.049 -19.347 5.644   1.00 11.60  ? 124 LYS A C   1 
ATOM   961  O  O   . LYS A 1 124 ? -10.110 -20.241 4.777   1.00 16.93  ? 124 LYS A O   1 
ATOM   962  C  CB  . LYS A 1 124 ? -7.765  -20.224 6.477   1.00 18.61  ? 124 LYS A CB  1 
ATOM   963  C  CG  . LYS A 1 124 ? -6.619  -20.097 7.465   1.00 16.30  ? 124 LYS A CG  1 
ATOM   964  C  CD  . LYS A 1 124 ? -5.376  -20.918 7.122   1.00 19.56  ? 124 LYS A CD  1 
ATOM   965  C  CE  . LYS A 1 124 ? -4.126  -20.468 7.903   1.00 6.40   ? 124 LYS A CE  1 
ATOM   966  N  NZ  . LYS A 1 124 ? -3.671  -19.182 7.413   1.00 18.06  ? 124 LYS A NZ  1 
ATOM   967  N  N   . ARG A 1 125 ? -11.038 -18.474 5.809   1.00 16.75  ? 125 ARG A N   1 
ATOM   968  C  CA  . ARG A 1 125 ? -12.254 -18.529 5.006   1.00 13.53  ? 125 ARG A CA  1 
ATOM   969  C  C   . ARG A 1 125 ? -12.014 -17.601 3.813   1.00 19.31  ? 125 ARG A C   1 
ATOM   970  O  O   . ARG A 1 125 ? -12.528 -16.485 3.748   1.00 11.96  ? 125 ARG A O   1 
ATOM   971  C  CB  . ARG A 1 125 ? -13.396 -18.114 5.949   1.00 16.76  ? 125 ARG A CB  1 
ATOM   972  C  CG  . ARG A 1 125 ? -13.669 -19.025 7.159   1.00 14.78  ? 125 ARG A CG  1 
ATOM   973  C  CD  . ARG A 1 125 ? -14.698 -18.325 8.094   1.00 35.18  ? 125 ARG A CD  1 
ATOM   974  N  NE  . ARG A 1 125 ? -15.660 -19.116 8.861   1.00 91.36  ? 125 ARG A NE  1 
ATOM   975  C  CZ  . ARG A 1 125 ? -15.370 -20.153 9.674   1.00 100.00 ? 125 ARG A CZ  1 
ATOM   976  N  NH1 . ARG A 1 125 ? -14.124 -20.629 9.858   1.00 100.00 ? 125 ARG A NH1 1 
ATOM   977  N  NH2 . ARG A 1 125 ? -16.379 -20.749 10.322  1.00 53.45  ? 125 ARG A NH2 1 
ATOM   978  N  N   . TRP A 1 126 ? -11.202 -18.089 2.857   1.00 13.96  ? 126 TRP A N   1 
ATOM   979  C  CA  . TRP A 1 126 ? -10.789 -17.319 1.682   1.00 13.71  ? 126 TRP A CA  1 
ATOM   980  C  C   . TRP A 1 126 ? -11.899 -16.700 0.873   1.00 15.95  ? 126 TRP A C   1 
ATOM   981  O  O   . TRP A 1 126 ? -11.900 -15.549 0.494   1.00 11.94  ? 126 TRP A O   1 
ATOM   982  C  CB  . TRP A 1 126 ? -9.784  -18.115 0.831   1.00 4.53   ? 126 TRP A CB  1 
ATOM   983  C  CG  . TRP A 1 126 ? -8.723  -18.759 1.752   1.00 11.65  ? 126 TRP A CG  1 
ATOM   984  C  CD1 . TRP A 1 126 ? -8.293  -20.051 1.686   1.00 11.86  ? 126 TRP A CD1 1 
ATOM   985  C  CD2 . TRP A 1 126 ? -7.791  -18.126 2.649   1.00 10.01  ? 126 TRP A CD2 1 
ATOM   986  N  NE1 . TRP A 1 126 ? -7.213  -20.293 2.503   1.00 8.71   ? 126 TRP A NE1 1 
ATOM   987  C  CE2 . TRP A 1 126 ? -6.892  -19.150 3.128   1.00 9.15   ? 126 TRP A CE2 1 
ATOM   988  C  CE3 . TRP A 1 126 ? -7.601  -16.772 3.112   1.00 11.30  ? 126 TRP A CE3 1 
ATOM   989  C  CZ2 . TRP A 1 126 ? -5.894  -18.899 4.057   1.00 16.22  ? 126 TRP A CZ2 1 
ATOM   990  C  CZ3 . TRP A 1 126 ? -6.609  -16.548 4.068   1.00 9.54   ? 126 TRP A CZ3 1 
ATOM   991  C  CH2 . TRP A 1 126 ? -5.743  -17.585 4.498   1.00 9.93   ? 126 TRP A CH2 1 
ATOM   992  N  N   . ASP A 1 127 ? -12.827 -17.503 0.473   1.00 11.29  ? 127 ASP A N   1 
ATOM   993  C  CA  . ASP A 1 127 ? -13.850 -16.929 -0.358  1.00 12.11  ? 127 ASP A CA  1 
ATOM   994  C  C   . ASP A 1 127 ? -14.741 -16.013 0.412   1.00 23.14  ? 127 ASP A C   1 
ATOM   995  O  O   . ASP A 1 127 ? -15.156 -14.994 -0.109  1.00 18.54  ? 127 ASP A O   1 
ATOM   996  C  CB  . ASP A 1 127 ? -14.595 -17.997 -1.167  1.00 20.07  ? 127 ASP A CB  1 
ATOM   997  C  CG  . ASP A 1 127 ? -13.699 -18.882 -2.047  1.00 23.30  ? 127 ASP A CG  1 
ATOM   998  O  OD1 . ASP A 1 127 ? -12.476 -18.924 -2.082  1.00 37.84  ? 127 ASP A OD1 1 
ATOM   999  O  OD2 . ASP A 1 127 ? -14.437 -19.631 -2.806  1.00 36.91  ? 127 ASP A OD2 1 
ATOM   1000 N  N   . GLU A 1 128 ? -14.992 -16.307 1.675   1.00 14.41  ? 128 GLU A N   1 
ATOM   1001 C  CA  . GLU A 1 128 ? -15.824 -15.381 2.389   1.00 12.41  ? 128 GLU A CA  1 
ATOM   1002 C  C   . GLU A 1 128 ? -15.206 -14.056 2.579   1.00 18.65  ? 128 GLU A C   1 
ATOM   1003 O  O   . GLU A 1 128 ? -15.902 -13.041 2.463   1.00 17.70  ? 128 GLU A O   1 
ATOM   1004 C  CB  . GLU A 1 128 ? -16.186 -15.880 3.767   1.00 23.42  ? 128 GLU A CB  1 
ATOM   1005 C  CG  . GLU A 1 128 ? -17.079 -17.108 3.541   1.00 31.05  ? 128 GLU A CG  1 
ATOM   1006 C  CD  . GLU A 1 128 ? -17.244 -17.891 4.804   1.00 100.00 ? 128 GLU A CD  1 
ATOM   1007 O  OE1 . GLU A 1 128 ? -17.663 -17.401 5.865   1.00 100.00 ? 128 GLU A OE1 1 
ATOM   1008 O  OE2 . GLU A 1 128 ? -16.841 -19.135 4.625   1.00 100.00 ? 128 GLU A OE2 1 
ATOM   1009 N  N   . ALA A 1 129 ? -13.901 -14.084 2.845   1.00 16.29  ? 129 ALA A N   1 
ATOM   1010 C  CA  . ALA A 1 129 ? -13.152 -12.837 3.060   1.00 16.74  ? 129 ALA A CA  1 
ATOM   1011 C  C   . ALA A 1 129 ? -13.101 -11.908 1.812   1.00 11.52  ? 129 ALA A C   1 
ATOM   1012 O  O   . ALA A 1 129 ? -13.253 -10.689 1.923   1.00 13.31  ? 129 ALA A O   1 
ATOM   1013 C  CB  . ALA A 1 129 ? -11.772 -13.203 3.576   1.00 12.83  ? 129 ALA A CB  1 
ATOM   1014 N  N   . ALA A 1 130 ? -12.930 -12.555 0.637   1.00 9.15   ? 130 ALA A N   1 
ATOM   1015 C  CA  . ALA A 1 130 ? -12.841 -11.910 -0.662  1.00 14.10  ? 130 ALA A CA  1 
ATOM   1016 C  C   . ALA A 1 130 ? -14.133 -11.121 -0.932  1.00 25.64  ? 130 ALA A C   1 
ATOM   1017 O  O   . ALA A 1 130 ? -14.080 -9.953  -1.229  1.00 21.84  ? 130 ALA A O   1 
ATOM   1018 C  CB  . ALA A 1 130 ? -12.393 -12.986 -1.641  1.00 11.97  ? 130 ALA A CB  1 
ATOM   1019 N  N   . VAL A 1 131 ? -15.303 -11.736 -0.759  1.00 14.42  ? 131 VAL A N   1 
ATOM   1020 C  CA  . VAL A 1 131 ? -16.613 -11.081 -0.857  1.00 17.13  ? 131 VAL A CA  1 
ATOM   1021 C  C   . VAL A 1 131 ? -16.721 -9.930  0.133   1.00 13.84  ? 131 VAL A C   1 
ATOM   1022 O  O   . VAL A 1 131 ? -17.033 -8.807  -0.213  1.00 20.27  ? 131 VAL A O   1 
ATOM   1023 C  CB  . VAL A 1 131 ? -17.765 -12.085 -0.621  1.00 18.94  ? 131 VAL A CB  1 
ATOM   1024 C  CG1 . VAL A 1 131 ? -19.128 -11.445 -0.444  1.00 16.90  ? 131 VAL A CG1 1 
ATOM   1025 C  CG2 . VAL A 1 131 ? -17.929 -13.009 -1.812  1.00 18.12  ? 131 VAL A CG2 1 
ATOM   1026 N  N   . ASN A 1 132 ? -16.349 -10.184 1.382   1.00 20.81  ? 132 ASN A N   1 
ATOM   1027 C  CA  . ASN A 1 132 ? -16.399 -9.143  2.379   1.00 11.06  ? 132 ASN A CA  1 
ATOM   1028 C  C   . ASN A 1 132 ? -15.511 -7.962  2.051   1.00 18.62  ? 132 ASN A C   1 
ATOM   1029 O  O   . ASN A 1 132 ? -15.807 -6.776  2.169   1.00 12.43  ? 132 ASN A O   1 
ATOM   1030 C  CB  . ASN A 1 132 ? -15.967 -9.703  3.748   1.00 10.85  ? 132 ASN A CB  1 
ATOM   1031 C  CG  . ASN A 1 132 ? -16.240 -8.702  4.835   1.00 16.52  ? 132 ASN A CG  1 
ATOM   1032 O  OD1 . ASN A 1 132 ? -15.378 -7.935  5.302   1.00 21.24  ? 132 ASN A OD1 1 
ATOM   1033 N  ND2 . ASN A 1 132 ? -17.508 -8.589  5.192   1.00 22.88  ? 132 ASN A ND2 1 
ATOM   1034 N  N   . LEU A 1 133 ? -14.330 -8.285  1.622   1.00 19.72  ? 133 LEU A N   1 
ATOM   1035 C  CA  . LEU A 1 133 ? -13.382 -7.208  1.313   1.00 16.26  ? 133 LEU A CA  1 
ATOM   1036 C  C   . LEU A 1 133 ? -13.898 -6.294  0.181   1.00 12.93  ? 133 LEU A C   1 
ATOM   1037 O  O   . LEU A 1 133 ? -13.591 -5.097  0.103   1.00 15.74  ? 133 LEU A O   1 
ATOM   1038 C  CB  . LEU A 1 133 ? -11.935 -7.800  0.903   1.00 13.04  ? 133 LEU A CB  1 
ATOM   1039 C  CG  . LEU A 1 133 ? -10.934 -8.332  1.993   1.00 13.87  ? 133 LEU A CG  1 
ATOM   1040 C  CD1 . LEU A 1 133 ? -9.848  -9.194  1.290   1.00 8.86   ? 133 LEU A CD1 1 
ATOM   1041 C  CD2 . LEU A 1 133 ? -10.237 -7.149  2.711   1.00 14.91  ? 133 LEU A CD2 1 
ATOM   1042 N  N   . ALA A 1 134 ? -14.635 -6.880  -0.759  1.00 13.17  ? 134 ALA A N   1 
ATOM   1043 C  CA  . ALA A 1 134 ? -15.131 -6.121  -1.923  1.00 15.17  ? 134 ALA A CA  1 
ATOM   1044 C  C   . ALA A 1 134 ? -16.211 -5.115  -1.564  1.00 10.56  ? 134 ALA A C   1 
ATOM   1045 O  O   . ALA A 1 134 ? -16.474 -4.170  -2.336  1.00 15.84  ? 134 ALA A O   1 
ATOM   1046 C  CB  . ALA A 1 134 ? -15.462 -7.058  -3.095  1.00 13.98  ? 134 ALA A CB  1 
ATOM   1047 N  N   . LYS A 1 135 ? -16.846 -5.356  -0.409  1.00 14.38  ? 135 LYS A N   1 
ATOM   1048 C  CA  . LYS A 1 135 ? -17.888 -4.477  0.114   1.00 14.12  ? 135 LYS A CA  1 
ATOM   1049 C  C   . LYS A 1 135 ? -17.222 -3.280  0.826   1.00 15.05  ? 135 LYS A C   1 
ATOM   1050 O  O   . LYS A 1 135 ? -17.289 -3.122  2.045   1.00 19.00  ? 135 LYS A O   1 
ATOM   1051 C  CB  . LYS A 1 135 ? -18.929 -5.247  0.962   1.00 15.18  ? 135 LYS A CB  1 
ATOM   1052 C  CG  . LYS A 1 135 ? -19.580 -6.386  0.159   1.00 22.93  ? 135 LYS A CG  1 
ATOM   1053 C  CD  . LYS A 1 135 ? -20.671 -7.270  0.814   1.00 23.10  ? 135 LYS A CD  1 
ATOM   1054 C  CE  . LYS A 1 135 ? -20.728 -7.434  2.342   1.00 73.43  ? 135 LYS A CE  1 
ATOM   1055 N  NZ  . LYS A 1 135 ? -21.761 -8.405  2.805   1.00 81.72  ? 135 LYS A NZ  1 
ATOM   1056 N  N   . SER A 1 136 ? -16.529 -2.429  0.056   1.00 12.97  ? 136 SER A N   1 
ATOM   1057 C  CA  . SER A 1 136 ? -15.783 -1.365  0.662   1.00 14.90  ? 136 SER A CA  1 
ATOM   1058 C  C   . SER A 1 136 ? -15.576 -0.242  -0.303  1.00 20.58  ? 136 SER A C   1 
ATOM   1059 O  O   . SER A 1 136 ? -15.634 -0.364  -1.538  1.00 9.86   ? 136 SER A O   1 
ATOM   1060 C  CB  . SER A 1 136 ? -14.344 -1.825  1.057   1.00 15.68  ? 136 SER A CB  1 
ATOM   1061 O  OG  . SER A 1 136 ? -13.664 -2.350  -0.116  1.00 16.11  ? 136 SER A OG  1 
ATOM   1062 N  N   . ARG A 1 137 ? -15.296 0.871   0.321   1.00 8.09   ? 137 ARG A N   1 
ATOM   1063 C  CA  . ARG A 1 137 ? -15.067 2.050   -0.492  1.00 10.46  ? 137 ARG A CA  1 
ATOM   1064 C  C   . ARG A 1 137 ? -13.810 1.806   -1.297  1.00 20.73  ? 137 ARG A C   1 
ATOM   1065 O  O   . ARG A 1 137 ? -13.706 2.191   -2.444  1.00 12.83  ? 137 ARG A O   1 
ATOM   1066 C  CB  . ARG A 1 137 ? -14.789 3.221   0.431   1.00 14.31  ? 137 ARG A CB  1 
ATOM   1067 C  CG  . ARG A 1 137 ? -14.424 4.399   -0.472  1.00 19.39  ? 137 ARG A CG  1 
ATOM   1068 C  CD  . ARG A 1 137 ? -13.909 5.589   0.318   1.00 18.88  ? 137 ARG A CD  1 
ATOM   1069 N  NE  . ARG A 1 137 ? -13.915 6.836   -0.435  1.00 74.02  ? 137 ARG A NE  1 
ATOM   1070 C  CZ  . ARG A 1 137 ? -12.819 7.323   -1.006  1.00 54.44  ? 137 ARG A CZ  1 
ATOM   1071 N  NH1 . ARG A 1 137 ? -11.658 6.686   -0.911  1.00 28.36  ? 137 ARG A NH1 1 
ATOM   1072 N  NH2 . ARG A 1 137 ? -12.886 8.470   -1.678  1.00 45.16  ? 137 ARG A NH2 1 
ATOM   1073 N  N   . TRP A 1 138 ? -12.832 1.134   -0.634  1.00 13.57  ? 138 TRP A N   1 
ATOM   1074 C  CA  . TRP A 1 138 ? -11.545 0.766   -1.232  1.00 16.58  ? 138 TRP A CA  1 
ATOM   1075 C  C   . TRP A 1 138 ? -11.717 0.024   -2.586  1.00 16.99  ? 138 TRP A C   1 
ATOM   1076 O  O   . TRP A 1 138 ? -11.179 0.406   -3.643  1.00 16.64  ? 138 TRP A O   1 
ATOM   1077 C  CB  . TRP A 1 138 ? -10.733 -0.129  -0.265  1.00 18.60  ? 138 TRP A CB  1 
ATOM   1078 C  CG  . TRP A 1 138 ? -9.545  -0.843  -0.891  1.00 16.11  ? 138 TRP A CG  1 
ATOM   1079 C  CD1 . TRP A 1 138 ? -8.390  -0.258  -1.310  1.00 17.34  ? 138 TRP A CD1 1 
ATOM   1080 C  CD2 . TRP A 1 138 ? -9.303  -2.248  -0.927  1.00 8.67   ? 138 TRP A CD2 1 
ATOM   1081 N  NE1 . TRP A 1 138 ? -7.481  -1.214  -1.739  1.00 14.35  ? 138 TRP A NE1 1 
ATOM   1082 C  CE2 . TRP A 1 138 ? -8.015  -2.451  -1.484  1.00 9.48   ? 138 TRP A CE2 1 
ATOM   1083 C  CE3 . TRP A 1 138 ? -10.060 -3.345  -0.540  1.00 10.08  ? 138 TRP A CE3 1 
ATOM   1084 C  CZ2 . TRP A 1 138 ? -7.440  -3.737  -1.648  1.00 9.14   ? 138 TRP A CZ2 1 
ATOM   1085 C  CZ3 . TRP A 1 138 ? -9.503  -4.597  -0.715  1.00 25.49  ? 138 TRP A CZ3 1 
ATOM   1086 C  CH2 . TRP A 1 138 ? -8.231  -4.807  -1.299  1.00 21.47  ? 138 TRP A CH2 1 
ATOM   1087 N  N   . TYR A 1 139 ? -12.538 -1.039  -2.568  1.00 12.26  ? 139 TYR A N   1 
ATOM   1088 C  CA  . TYR A 1 139 ? -12.798 -1.763  -3.829  1.00 13.05  ? 139 TYR A CA  1 
ATOM   1089 C  C   . TYR A 1 139 ? -13.511 -0.877  -4.883  1.00 22.48  ? 139 TYR A C   1 
ATOM   1090 O  O   . TYR A 1 139 ? -13.156 -0.847  -6.061  1.00 17.32  ? 139 TYR A O   1 
ATOM   1091 C  CB  . TYR A 1 139 ? -13.779 -2.871  -3.514  1.00 19.30  ? 139 TYR A CB  1 
ATOM   1092 C  CG  . TYR A 1 139 ? -14.189 -3.620  -4.736  1.00 20.02  ? 139 TYR A CG  1 
ATOM   1093 C  CD1 . TYR A 1 139 ? -13.367 -4.643  -5.206  1.00 20.05  ? 139 TYR A CD1 1 
ATOM   1094 C  CD2 . TYR A 1 139 ? -15.437 -3.418  -5.325  1.00 16.33  ? 139 TYR A CD2 1 
ATOM   1095 C  CE1 . TYR A 1 139 ? -13.712 -5.424  -6.306  1.00 32.79  ? 139 TYR A CE1 1 
ATOM   1096 C  CE2 . TYR A 1 139 ? -15.803 -4.201  -6.418  1.00 26.32  ? 139 TYR A CE2 1 
ATOM   1097 C  CZ  . TYR A 1 139 ? -14.951 -5.199  -6.904  1.00 54.67  ? 139 TYR A CZ  1 
ATOM   1098 O  OH  . TYR A 1 139 ? -15.309 -5.976  -7.975  1.00 100.00 ? 139 TYR A OH  1 
ATOM   1099 N  N   . ASN A 1 140 ? -14.542 -0.104  -4.438  1.00 17.09  ? 140 ASN A N   1 
ATOM   1100 C  CA  . ASN A 1 140 ? -15.264 0.787   -5.353  1.00 12.03  ? 140 ASN A CA  1 
ATOM   1101 C  C   . ASN A 1 140 ? -14.461 1.971   -5.868  1.00 19.29  ? 140 ASN A C   1 
ATOM   1102 O  O   . ASN A 1 140 ? -14.737 2.402   -6.950  1.00 19.07  ? 140 ASN A O   1 
ATOM   1103 C  CB  . ASN A 1 140 ? -16.507 1.397   -4.726  1.00 28.06  ? 140 ASN A CB  1 
ATOM   1104 C  CG  . ASN A 1 140 ? -17.499 0.281   -4.563  1.00 23.72  ? 140 ASN A CG  1 
ATOM   1105 O  OD1 . ASN A 1 140 ? -17.675 -0.244  -3.462  1.00 30.75  ? 140 ASN A OD1 1 
ATOM   1106 N  ND2 . ASN A 1 140 ? -18.048 -0.178  -5.689  1.00 32.61  ? 140 ASN A ND2 1 
ATOM   1107 N  N   . GLN A 1 141 ? -13.461 2.486   -5.156  1.00 13.75  ? 141 GLN A N   1 
ATOM   1108 C  CA  . GLN A 1 141 ? -12.692 3.565   -5.746  1.00 12.62  ? 141 GLN A CA  1 
ATOM   1109 C  C   . GLN A 1 141 ? -11.508 3.113   -6.578  1.00 19.37  ? 141 GLN A C   1 
ATOM   1110 O  O   . GLN A 1 141 ? -11.109 3.745   -7.567  1.00 18.95  ? 141 GLN A O   1 
ATOM   1111 C  CB  . GLN A 1 141 ? -12.033 4.477   -4.743  1.00 16.62  ? 141 GLN A CB  1 
ATOM   1112 C  CG  . GLN A 1 141 ? -13.188 5.068   -3.949  1.00 30.30  ? 141 GLN A CG  1 
ATOM   1113 C  CD  . GLN A 1 141 ? -14.106 5.939   -4.775  1.00 85.40  ? 141 GLN A CD  1 
ATOM   1114 O  OE1 . GLN A 1 141 ? -15.341 5.824   -4.707  1.00 28.96  ? 141 GLN A OE1 1 
ATOM   1115 N  NE2 . GLN A 1 141 ? -13.514 6.880   -5.487  1.00 25.69  ? 141 GLN A NE2 1 
ATOM   1116 N  N   . THR A 1 142 ? -10.928 1.991   -6.218  1.00 11.11  ? 142 THR A N   1 
ATOM   1117 C  CA  . THR A 1 142 ? -9.806  1.484   -7.051  1.00 8.70   ? 142 THR A CA  1 
ATOM   1118 C  C   . THR A 1 142 ? -10.002 -0.013  -7.269  1.00 11.15  ? 142 THR A C   1 
ATOM   1119 O  O   . THR A 1 142 ? -9.240  -0.856  -6.794  1.00 12.91  ? 142 THR A O   1 
ATOM   1120 C  CB  . THR A 1 142 ? -8.425  1.607   -6.357  1.00 19.36  ? 142 THR A CB  1 
ATOM   1121 O  OG1 . THR A 1 142 ? -8.520  1.154   -4.998  1.00 17.82  ? 142 THR A OG1 1 
ATOM   1122 C  CG2 . THR A 1 142 ? -8.152  3.104   -6.347  1.00 9.72   ? 142 THR A CG2 1 
ATOM   1123 N  N   . PRO A 1 143 ? -11.033 -0.336  -8.009  1.00 18.85  ? 143 PRO A N   1 
ATOM   1124 C  CA  . PRO A 1 143 ? -11.394 -1.721  -8.290  1.00 20.84  ? 143 PRO A CA  1 
ATOM   1125 C  C   . PRO A 1 143 ? -10.330 -2.621  -9.005  1.00 8.67   ? 143 PRO A C   1 
ATOM   1126 O  O   . PRO A 1 143 ? -10.184 -3.855  -8.761  1.00 10.43  ? 143 PRO A O   1 
ATOM   1127 C  CB  . PRO A 1 143 ? -12.679 -1.573  -9.162  1.00 17.61  ? 143 PRO A CB  1 
ATOM   1128 C  CG  . PRO A 1 143 ? -12.608 -0.182  -9.819  1.00 9.84   ? 143 PRO A CG  1 
ATOM   1129 C  CD  . PRO A 1 143 ? -11.828 0.644   -8.803  1.00 19.79  ? 143 PRO A CD  1 
ATOM   1130 N  N   . ASN A 1 144 ? -9.611  -2.049  -9.975  1.00 6.57   ? 144 ASN A N   1 
ATOM   1131 C  CA  . ASN A 1 144 ? -8.703  -2.911  -10.682 1.00 11.49  ? 144 ASN A CA  1 
ATOM   1132 C  C   . ASN A 1 144 ? -7.625  -3.421  -9.718  1.00 25.54  ? 144 ASN A C   1 
ATOM   1133 O  O   . ASN A 1 144 ? -7.302  -4.584  -9.702  1.00 13.27  ? 144 ASN A O   1 
ATOM   1134 C  CB  . ASN A 1 144 ? -8.034  -2.186  -11.876 1.00 16.35  ? 144 ASN A CB  1 
ATOM   1135 C  CG  . ASN A 1 144 ? -8.912  -1.820  -13.110 1.00 29.40  ? 144 ASN A CG  1 
ATOM   1136 O  OD1 . ASN A 1 144 ? -9.959  -2.431  -13.426 1.00 24.74  ? 144 ASN A OD1 1 
ATOM   1137 N  ND2 . ASN A 1 144 ? -8.437  -0.847  -13.895 1.00 36.45  ? 144 ASN A ND2 1 
ATOM   1138 N  N   . ARG A 1 145 ? -7.040  -2.498  -8.950  1.00 10.52  ? 145 ARG A N   1 
ATOM   1139 C  CA  . ARG A 1 145 ? -6.024  -2.819  -7.943  1.00 12.84  ? 145 ARG A CA  1 
ATOM   1140 C  C   . ARG A 1 145 ? -6.617  -3.674  -6.794  1.00 13.46  ? 145 ARG A C   1 
ATOM   1141 O  O   . ARG A 1 145 ? -6.113  -4.751  -6.423  1.00 14.39  ? 145 ARG A O   1 
ATOM   1142 C  CB  . ARG A 1 145 ? -5.376  -1.579  -7.334  1.00 16.25  ? 145 ARG A CB  1 
ATOM   1143 C  CG  . ARG A 1 145 ? -4.218  -1.967  -6.402  1.00 14.78  ? 145 ARG A CG  1 
ATOM   1144 C  CD  . ARG A 1 145 ? -3.835  -0.912  -5.443  1.00 19.41  ? 145 ARG A CD  1 
ATOM   1145 N  NE  . ARG A 1 145 ? -2.708  -1.268  -4.616  1.00 17.21  ? 145 ARG A NE  1 
ATOM   1146 C  CZ  . ARG A 1 145 ? -1.882  -0.324  -4.351  1.00 13.81  ? 145 ARG A CZ  1 
ATOM   1147 N  NH1 . ARG A 1 145 ? -2.150  0.831   -4.924  1.00 11.84  ? 145 ARG A NH1 1 
ATOM   1148 N  NH2 . ARG A 1 145 ? -0.831  -0.467  -3.504  1.00 7.73   ? 145 ARG A NH2 1 
ATOM   1149 N  N   . ALA A 1 146 ? -7.773  -3.220  -6.262  1.00 11.71  ? 146 ALA A N   1 
ATOM   1150 C  CA  . ALA A 1 146 ? -8.433  -3.992  -5.220  1.00 11.78  ? 146 ALA A CA  1 
ATOM   1151 C  C   . ALA A 1 146 ? -8.645  -5.430  -5.686  1.00 12.84  ? 146 ALA A C   1 
ATOM   1152 O  O   . ALA A 1 146 ? -8.385  -6.360  -4.939  1.00 13.93  ? 146 ALA A O   1 
ATOM   1153 C  CB  . ALA A 1 146 ? -9.721  -3.339  -4.763  1.00 14.22  ? 146 ALA A CB  1 
ATOM   1154 N  N   . LYS A 1 147 ? -9.027  -5.630  -6.958  1.00 17.59  ? 147 LYS A N   1 
ATOM   1155 C  CA  . LYS A 1 147 ? -9.268  -6.970  -7.435  1.00 11.58  ? 147 LYS A CA  1 
ATOM   1156 C  C   . LYS A 1 147 ? -8.056  -7.890  -7.410  1.00 13.89  ? 147 LYS A C   1 
ATOM   1157 O  O   . LYS A 1 147 ? -8.140  -9.125  -7.110  1.00 15.83  ? 147 LYS A O   1 
ATOM   1158 C  CB  . LYS A 1 147 ? -9.777  -6.998  -8.890  1.00 13.72  ? 147 LYS A CB  1 
ATOM   1159 C  CG  . LYS A 1 147 ? -11.176 -6.433  -8.874  1.00 34.65  ? 147 LYS A CG  1 
ATOM   1160 C  CD  . LYS A 1 147 ? -11.869 -6.440  -10.224 1.00 41.90  ? 147 LYS A CD  1 
ATOM   1161 C  CE  . LYS A 1 147 ? -12.835 -5.266  -10.452 1.00 60.90  ? 147 LYS A CE  1 
ATOM   1162 N  NZ  . LYS A 1 147 ? -12.360 -4.247  -11.426 1.00 80.12  ? 147 LYS A NZ  1 
ATOM   1163 N  N   . ARG A 1 148 ? -6.953  -7.270  -7.772  1.00 11.87  ? 148 ARG A N   1 
ATOM   1164 C  CA  . ARG A 1 148 ? -5.699  -8.005  -7.781  1.00 12.38  ? 148 ARG A CA  1 
ATOM   1165 C  C   . ARG A 1 148 ? -5.282  -8.400  -6.386  1.00 11.89  ? 148 ARG A C   1 
ATOM   1166 O  O   . ARG A 1 148 ? -4.870  -9.538  -6.177  1.00 14.28  ? 148 ARG A O   1 
ATOM   1167 C  CB  . ARG A 1 148 ? -4.526  -7.148  -8.270  1.00 7.80   ? 148 ARG A CB  1 
ATOM   1168 C  CG  . ARG A 1 148 ? -4.521  -7.054  -9.798  1.00 18.96  ? 148 ARG A CG  1 
ATOM   1169 C  CD  . ARG A 1 148 ? -3.217  -6.533  -10.382 1.00 14.47  ? 148 ARG A CD  1 
ATOM   1170 N  NE  . ARG A 1 148 ? -2.959  -5.109  -10.069 1.00 22.62  ? 148 ARG A NE  1 
ATOM   1171 C  CZ  . ARG A 1 148 ? -3.438  -4.041  -10.717 1.00 20.69  ? 148 ARG A CZ  1 
ATOM   1172 N  NH1 . ARG A 1 148 ? -4.295  -4.135  -11.709 1.00 14.48  ? 148 ARG A NH1 1 
ATOM   1173 N  NH2 . ARG A 1 148 ? -3.121  -2.833  -10.328 1.00 18.03  ? 148 ARG A NH2 1 
ATOM   1174 N  N   . VAL A 1 149 ? -5.475  -7.486  -5.440  1.00 7.77   ? 149 VAL A N   1 
ATOM   1175 C  CA  . VAL A 1 149 ? -5.095  -7.819  -4.049  1.00 10.25  ? 149 VAL A CA  1 
ATOM   1176 C  C   . VAL A 1 149 ? -5.971  -8.873  -3.408  1.00 13.89  ? 149 VAL A C   1 
ATOM   1177 O  O   . VAL A 1 149 ? -5.541  -9.751  -2.652  1.00 10.85  ? 149 VAL A O   1 
ATOM   1178 C  CB  . VAL A 1 149 ? -5.145  -6.599  -3.130  1.00 16.66  ? 149 VAL A CB  1 
ATOM   1179 C  CG1 . VAL A 1 149 ? -4.935  -6.994  -1.648  1.00 15.48  ? 149 VAL A CG1 1 
ATOM   1180 C  CG2 . VAL A 1 149 ? -4.047  -5.616  -3.606  1.00 8.89   ? 149 VAL A CG2 1 
ATOM   1181 N  N   . ILE A 1 150 ? -7.238  -8.727  -3.742  1.00 12.66  ? 150 ILE A N   1 
ATOM   1182 C  CA  . ILE A 1 150 ? -8.260  -9.628  -3.266  1.00 13.63  ? 150 ILE A CA  1 
ATOM   1183 C  C   . ILE A 1 150 ? -8.059  -11.018 -3.837  1.00 18.26  ? 150 ILE A C   1 
ATOM   1184 O  O   . ILE A 1 150 ? -8.312  -11.998 -3.198  1.00 14.64  ? 150 ILE A O   1 
ATOM   1185 C  CB  . ILE A 1 150 ? -9.695  -9.109  -3.536  1.00 13.31  ? 150 ILE A CB  1 
ATOM   1186 C  CG1 . ILE A 1 150 ? -9.985  -7.883  -2.691  1.00 10.30  ? 150 ILE A CG1 1 
ATOM   1187 C  CG2 . ILE A 1 150 ? -10.714 -10.180 -3.180  1.00 17.72  ? 150 ILE A CG2 1 
ATOM   1188 C  CD1 . ILE A 1 150 ? -11.312 -7.250  -3.013  1.00 7.68   ? 150 ILE A CD1 1 
ATOM   1189 N  N   . THR A 1 151 ? -7.710  -11.111 -5.100  1.00 8.77   ? 151 THR A N   1 
ATOM   1190 C  CA  . THR A 1 151 ? -7.500  -12.446 -5.622  1.00 13.34  ? 151 THR A CA  1 
ATOM   1191 C  C   . THR A 1 151 ? -6.301  -13.090 -4.998  1.00 13.43  ? 151 THR A C   1 
ATOM   1192 O  O   . THR A 1 151 ? -6.204  -14.302 -4.887  1.00 15.23  ? 151 THR A O   1 
ATOM   1193 C  CB  . THR A 1 151 ? -7.037  -12.364 -7.070  1.00 22.85  ? 151 THR A CB  1 
ATOM   1194 O  OG1 . THR A 1 151 ? -8.185  -11.857 -7.709  1.00 26.86  ? 151 THR A OG1 1 
ATOM   1195 C  CG2 . THR A 1 151 ? -6.524  -13.608 -7.791  1.00 19.55  ? 151 THR A CG2 1 
ATOM   1196 N  N   . THR A 1 152 ? -5.389  -12.219 -4.624  1.00 14.60  ? 152 THR A N   1 
ATOM   1197 C  CA  . THR A 1 152 ? -4.173  -12.648 -3.991  1.00 22.01  ? 152 THR A CA  1 
ATOM   1198 C  C   . THR A 1 152 ? -4.524  -13.254 -2.602  1.00 18.28  ? 152 THR A C   1 
ATOM   1199 O  O   . THR A 1 152 ? -4.078  -14.366 -2.217  1.00 17.03  ? 152 THR A O   1 
ATOM   1200 C  CB  . THR A 1 152 ? -3.159  -11.487 -4.001  1.00 9.95   ? 152 THR A CB  1 
ATOM   1201 O  OG1 . THR A 1 152 ? -2.796  -11.093 -5.314  1.00 10.56  ? 152 THR A OG1 1 
ATOM   1202 C  CG2 . THR A 1 152 ? -1.899  -11.969 -3.291  1.00 14.07  ? 152 THR A CG2 1 
ATOM   1203 N  N   . PHE A 1 153 ? -5.367  -12.535 -1.860  1.00 13.51  ? 153 PHE A N   1 
ATOM   1204 C  CA  . PHE A 1 153 ? -5.787  -13.060 -0.572  1.00 14.61  ? 153 PHE A CA  1 
ATOM   1205 C  C   . PHE A 1 153 ? -6.637  -14.303 -0.751  1.00 22.76  ? 153 PHE A C   1 
ATOM   1206 O  O   . PHE A 1 153 ? -6.617  -15.252 0.037   1.00 14.32  ? 153 PHE A O   1 
ATOM   1207 C  CB  . PHE A 1 153 ? -6.756  -12.088 0.129   1.00 9.48   ? 153 PHE A CB  1 
ATOM   1208 C  CG  . PHE A 1 153 ? -6.073  -10.950 0.855   1.00 18.55  ? 153 PHE A CG  1 
ATOM   1209 C  CD1 . PHE A 1 153 ? -6.387  -9.615  0.576   1.00 19.72  ? 153 PHE A CD1 1 
ATOM   1210 C  CD2 . PHE A 1 153 ? -5.194  -11.210 1.921   1.00 23.25  ? 153 PHE A CD2 1 
ATOM   1211 C  CE1 . PHE A 1 153 ? -5.804  -8.592  1.341   1.00 17.86  ? 153 PHE A CE1 1 
ATOM   1212 C  CE2 . PHE A 1 153 ? -4.601  -10.193 2.686   1.00 16.90  ? 153 PHE A CE2 1 
ATOM   1213 C  CZ  . PHE A 1 153 ? -4.924  -8.864  2.396   1.00 17.03  ? 153 PHE A CZ  1 
ATOM   1214 N  N   . ARG A 1 154 ? -7.447  -14.289 -1.805  1.00 17.63  ? 154 ARG A N   1 
ATOM   1215 C  CA  . ARG A 1 154 ? -8.334  -15.427 -2.022  1.00 16.07  ? 154 ARG A CA  1 
ATOM   1216 C  C   . ARG A 1 154 ? -7.639  -16.734 -2.364  1.00 19.67  ? 154 ARG A C   1 
ATOM   1217 O  O   . ARG A 1 154 ? -8.033  -17.801 -1.908  1.00 22.50  ? 154 ARG A O   1 
ATOM   1218 C  CB  . ARG A 1 154 ? -9.288  -15.242 -3.199  1.00 19.12  ? 154 ARG A CB  1 
ATOM   1219 C  CG  . ARG A 1 154 ? -10.506 -16.176 -3.088  1.00 20.89  ? 154 ARG A CG  1 
ATOM   1220 C  CD  . ARG A 1 154 ? -11.549 -16.046 -4.211  1.00 23.46  ? 154 ARG A CD  1 
ATOM   1221 N  NE  . ARG A 1 154 ? -11.320 -14.985 -5.193  1.00 100.00 ? 154 ARG A NE  1 
ATOM   1222 C  CZ  . ARG A 1 154 ? -10.924 -15.222 -6.457  1.00 100.00 ? 154 ARG A CZ  1 
ATOM   1223 N  NH1 . ARG A 1 154 ? -10.704 -16.473 -6.869  1.00 93.87  ? 154 ARG A NH1 1 
ATOM   1224 N  NH2 . ARG A 1 154 ? -10.735 -14.202 -7.330  1.00 72.65  ? 154 ARG A NH2 1 
ATOM   1225 N  N   . THR A 1 155 ? -6.629  -16.632 -3.224  1.00 15.13  ? 155 THR A N   1 
ATOM   1226 C  CA  . THR A 1 155 ? -5.935  -17.784 -3.773  1.00 14.30  ? 155 THR A CA  1 
ATOM   1227 C  C   . THR A 1 155 ? -4.597  -18.097 -3.181  1.00 23.77  ? 155 THR A C   1 
ATOM   1228 O  O   . THR A 1 155 ? -4.155  -19.214 -3.333  1.00 24.64  ? 155 THR A O   1 
ATOM   1229 C  CB  . THR A 1 155 ? -5.650  -17.753 -5.306  1.00 15.21  ? 155 THR A CB  1 
ATOM   1230 O  OG1 . THR A 1 155 ? -4.898  -16.634 -5.704  1.00 16.64  ? 155 THR A OG1 1 
ATOM   1231 C  CG2 . THR A 1 155 ? -6.996  -17.610 -5.921  1.00 23.01  ? 155 THR A CG2 1 
ATOM   1232 N  N   . GLY A 1 156 ? -3.938  -17.146 -2.548  1.00 21.36  ? 156 GLY A N   1 
ATOM   1233 C  CA  . GLY A 1 156 ? -2.618  -17.460 -2.097  1.00 8.33   ? 156 GLY A CA  1 
ATOM   1234 C  C   . GLY A 1 156 ? -1.605  -17.687 -3.266  1.00 14.72  ? 156 GLY A C   1 
ATOM   1235 O  O   . GLY A 1 156 ? -0.545  -18.267 -3.087  1.00 15.91  ? 156 GLY A O   1 
ATOM   1236 N  N   . THR A 1 157 ? -1.846  -17.228 -4.498  1.00 19.89  ? 157 THR A N   1 
ATOM   1237 C  CA  . THR A 1 157 ? -0.900  -17.354 -5.622  1.00 11.00  ? 157 THR A CA  1 
ATOM   1238 C  C   . THR A 1 157 ? -0.710  -15.960 -6.245  1.00 20.26  ? 157 THR A C   1 
ATOM   1239 O  O   . THR A 1 157 ? -1.454  -15.035 -5.892  1.00 12.61  ? 157 THR A O   1 
ATOM   1240 C  CB  . THR A 1 157 ? -1.484  -18.152 -6.801  1.00 36.98  ? 157 THR A CB  1 
ATOM   1241 O  OG1 . THR A 1 157 ? -2.507  -17.394 -7.408  1.00 17.05  ? 157 THR A OG1 1 
ATOM   1242 C  CG2 . THR A 1 157 ? -2.061  -19.484 -6.330  1.00 23.39  ? 157 THR A CG2 1 
ATOM   1243 N  N   . TRP A 1 158 ? 0.238   -15.806 -7.159  1.00 11.10  ? 158 TRP A N   1 
ATOM   1244 C  CA  . TRP A 1 158 ? 0.498   -14.538 -7.828  1.00 9.29   ? 158 TRP A CA  1 
ATOM   1245 C  C   . TRP A 1 158 ? -0.222  -14.416 -9.173  1.00 23.11  ? 158 TRP A C   1 
ATOM   1246 O  O   . TRP A 1 158 ? 0.042   -13.577 -9.979  1.00 17.88  ? 158 TRP A O   1 
ATOM   1247 C  CB  . TRP A 1 158 ? 1.976   -14.399 -8.157  1.00 10.76  ? 158 TRP A CB  1 
ATOM   1248 C  CG  . TRP A 1 158 ? 2.781   -14.223 -6.904  1.00 20.95  ? 158 TRP A CG  1 
ATOM   1249 C  CD1 . TRP A 1 158 ? 3.620   -15.145 -6.412  1.00 18.38  ? 158 TRP A CD1 1 
ATOM   1250 C  CD2 . TRP A 1 158 ? 2.864   -13.068 -5.987  1.00 21.05  ? 158 TRP A CD2 1 
ATOM   1251 N  NE1 . TRP A 1 158 ? 4.232   -14.651 -5.272  1.00 15.18  ? 158 TRP A NE1 1 
ATOM   1252 C  CE2 . TRP A 1 158 ? 3.807   -13.388 -4.982  1.00 17.50  ? 158 TRP A CE2 1 
ATOM   1253 C  CE3 . TRP A 1 158 ? 2.257   -11.823 -5.908  1.00 16.23  ? 158 TRP A CE3 1 
ATOM   1254 C  CZ2 . TRP A 1 158 ? 4.158   -12.541 -3.942  1.00 14.86  ? 158 TRP A CZ2 1 
ATOM   1255 C  CZ3 . TRP A 1 158 ? 2.632   -10.974 -4.888  1.00 19.19  ? 158 TRP A CZ3 1 
ATOM   1256 C  CH2 . TRP A 1 158 ? 3.548   -11.331 -3.898  1.00 11.19  ? 158 TRP A CH2 1 
ATOM   1257 N  N   . ASP A 1 159 ? -1.203  -15.237 -9.397  1.00 15.81  ? 159 ASP A N   1 
ATOM   1258 C  CA  . ASP A 1 159 ? -1.907  -15.168 -10.639 1.00 13.77  ? 159 ASP A CA  1 
ATOM   1259 C  C   . ASP A 1 159 ? -2.425  -13.823 -11.094 1.00 24.95  ? 159 ASP A C   1 
ATOM   1260 O  O   . ASP A 1 159 ? -2.468  -13.567 -12.270 1.00 19.87  ? 159 ASP A O   1 
ATOM   1261 C  CB  . ASP A 1 159 ? -2.979  -16.284 -10.753 1.00 19.16  ? 159 ASP A CB  1 
ATOM   1262 C  CG  . ASP A 1 159 ? -2.391  -17.698 -10.538 1.00 30.63  ? 159 ASP A CG  1 
ATOM   1263 O  OD1 . ASP A 1 159 ? -1.185  -17.938 -10.615 1.00 68.89  ? 159 ASP A OD1 1 
ATOM   1264 O  OD2 . ASP A 1 159 ? -3.296  -18.620 -10.280 1.00 65.38  ? 159 ASP A OD2 1 
ATOM   1265 N  N   . ALA A 1 160 ? -2.845  -12.956 -10.216 1.00 16.37  ? 160 ALA A N   1 
ATOM   1266 C  CA  . ALA A 1 160 ? -3.410  -11.688 -10.649 1.00 12.04  ? 160 ALA A CA  1 
ATOM   1267 C  C   . ALA A 1 160 ? -2.319  -10.776 -11.110 1.00 19.85  ? 160 ALA A C   1 
ATOM   1268 O  O   . ALA A 1 160 ? -2.563  -9.778  -11.711 1.00 22.90  ? 160 ALA A O   1 
ATOM   1269 C  CB  . ALA A 1 160 ? -4.098  -11.002 -9.452  1.00 15.63  ? 160 ALA A CB  1 
ATOM   1270 N  N   . TYR A 1 161 ? -1.101  -11.129 -10.749 1.00 18.26  ? 161 TYR A N   1 
ATOM   1271 C  CA  . TYR A 1 161 ? 0.014   -10.317 -11.080 1.00 12.11  ? 161 TYR A CA  1 
ATOM   1272 C  C   . TYR A 1 161 ? 0.712   -10.975 -12.214 1.00 32.96  ? 161 TYR A C   1 
ATOM   1273 O  O   . TYR A 1 161 ? 1.691   -10.407 -12.705 1.00 27.36  ? 161 TYR A O   1 
ATOM   1274 C  CB  . TYR A 1 161 ? 0.922   -10.007 -9.894  1.00 14.90  ? 161 TYR A CB  1 
ATOM   1275 C  CG  . TYR A 1 161 ? 0.251   -9.010  -8.989  1.00 19.32  ? 161 TYR A CG  1 
ATOM   1276 C  CD1 . TYR A 1 161 ? -0.642  -9.496  -8.042  1.00 12.55  ? 161 TYR A CD1 1 
ATOM   1277 C  CD2 . TYR A 1 161 ? 0.455   -7.629  -9.087  1.00 7.37   ? 161 TYR A CD2 1 
ATOM   1278 C  CE1 . TYR A 1 161 ? -1.266  -8.620  -7.162  1.00 9.18   ? 161 TYR A CE1 1 
ATOM   1279 C  CE2 . TYR A 1 161 ? -0.168  -6.739  -8.221  1.00 6.96   ? 161 TYR A CE2 1 
ATOM   1280 C  CZ  . TYR A 1 161 ? -0.999  -7.259  -7.227  1.00 11.16  ? 161 TYR A CZ  1 
ATOM   1281 O  OH  . TYR A 1 161 ? -1.693  -6.422  -6.369  1.00 11.63  ? 161 TYR A OH  1 
ATOM   1282 N  N   . LYS A 1 162 ? 0.093   -12.098 -12.618 1.00 58.24  ? 162 LYS A N   1 
ATOM   1283 C  CA  . LYS A 1 162 ? 0.447   -12.976 -13.724 1.00 56.36  ? 162 LYS A CA  1 
ATOM   1284 C  C   . LYS A 1 162 ? 1.853   -13.526 -13.527 1.00 100.00 ? 162 LYS A C   1 
ATOM   1285 O  O   . LYS A 1 162 ? 2.169   -14.164 -12.513 1.00 76.09  ? 162 LYS A O   1 
ATOM   1286 C  CB  . LYS A 1 162 ? 0.082   -12.361 -15.058 1.00 45.49  ? 162 LYS A CB  1 
ATOM   1287 C  CG  . LYS A 1 162 ? 1.326   -11.946 -15.828 1.00 23.68  ? 162 LYS A CG  1 
ATOM   1288 C  CD  . LYS A 1 162 ? 0.957   -11.051 -17.016 1.00 88.99  ? 162 LYS A CD  1 
ATOM   1289 C  CE  . LYS A 1 162 ? 1.434   -9.604  -16.885 1.00 100.00 ? 162 LYS A CE  1 
ATOM   1290 N  NZ  . LYS A 1 162 ? 0.363   -8.673  -16.503 1.00 100.00 ? 162 LYS A NZ  1 
HETATM 1291 CL CL  . CL  B 2 .   ? -7.563  0.481   -9.693  1.00 40.42  ? 173 CL  A CL  1 
HETATM 1292 CL CL  . CL  C 2 .   ? 12.899  10.056  4.236   1.00 51.11  ? 178 CL  A CL  1 
HETATM 1293 C  C1  A 5MP D 3 .   ? -3.475  -7.643  7.536   0.50 16.93  ? 400 5MP A C1  1 
HETATM 1294 C  C1  B 5MP D 3 .   ? -3.444  -7.834  7.628   0.50 18.53  ? 400 5MP A C1  1 
HETATM 1295 C  C2  A 5MP D 3 .   ? -3.178  -6.243  7.168   0.50 46.29  ? 400 5MP A C2  1 
HETATM 1296 C  C2  B 5MP D 3 .   ? -4.423  -8.652  6.875   0.50 34.21  ? 400 5MP A C2  1 
HETATM 1297 C  C3  A 5MP D 3 .   ? -4.474  -8.036  6.735   0.50 30.81  ? 400 5MP A C3  1 
HETATM 1298 C  C3  B 5MP D 3 .   ? -3.519  -6.612  7.106   0.50 14.71  ? 400 5MP A C3  1 
HETATM 1299 C  C4  A 5MP D 3 .   ? -2.786  -8.447  8.605   0.50 17.94  ? 400 5MP A C4  1 
HETATM 1300 C  C4  B 5MP D 3 .   ? -2.530  -8.267  8.750   0.50 42.03  ? 400 5MP A C4  1 
HETATM 1301 C  C5  A 5MP D 3 .   ? -4.040  -5.941  6.183   0.50 21.64  ? 400 5MP A C5  1 
HETATM 1302 C  C5  B 5MP D 3 .   ? -4.985  -7.831  5.976   0.50 28.00  ? 400 5MP A C5  1 
HETATM 1303 N  N6  A 5MP D 3 .   ? -4.823  -7.017  5.904   0.50 20.68  ? 400 5MP A N6  1 
HETATM 1304 N  N6  B 5MP D 3 .   ? -4.452  -6.588  6.115   0.50 24.23  ? 400 5MP A N6  1 
HETATM 1305 C  C1  . BME E 4 .   ? 8.548   -10.203 2.683   1.00 34.38  ? 170 BME A C1  1 
HETATM 1306 C  C2  . BME E 4 .   ? 8.975   -8.850  3.251   1.00 65.17  ? 170 BME A C2  1 
HETATM 1307 O  O1  . BME E 4 .   ? 7.128   -10.300 2.562   1.00 46.44  ? 170 BME A O1  1 
HETATM 1308 S  S2  . BME E 4 .   ? 10.065  -9.109  4.644   1.00 67.13  ? 170 BME A S2  1 
HETATM 1309 O  O   . HOH F 5 .   ? 7.492   4.857   -1.949  1.00 9.47   ? 171 HOH A O   1 
HETATM 1310 O  O   . HOH F 5 .   ? -9.000  3.199   -2.340  1.00 39.30  ? 172 HOH A O   1 
HETATM 1311 O  O   . HOH F 5 .   ? -11.766 6.102   -9.111  1.00 19.67  ? 174 HOH A O   1 
HETATM 1312 O  O   . HOH F 5 .   ? -2.783  -12.830 -7.428  1.00 24.74  ? 175 HOH A O   1 
HETATM 1313 O  O   . HOH F 5 .   ? 10.932  20.015  -3.946  1.00 23.04  ? 176 HOH A O   1 
HETATM 1314 O  O   . HOH F 5 .   ? 17.319  5.531   5.137   1.00 20.25  ? 177 HOH A O   1 
HETATM 1315 O  O   . HOH F 5 .   ? 9.191   6.079   -3.944  1.00 14.04  ? 179 HOH A O   1 
HETATM 1316 O  O   . HOH F 5 .   ? -7.920  -6.248  -11.621 1.00 21.66  ? 180 HOH A O   1 
HETATM 1317 O  O   . HOH F 5 .   ? 3.291   -18.620 7.121   1.00 25.88  ? 181 HOH A O   1 
HETATM 1318 O  O   . HOH F 5 .   ? 10.019  7.021   3.447   1.00 25.26  ? 182 HOH A O   1 
HETATM 1319 O  O   . HOH F 5 .   ? 16.645  8.949   3.834   1.00 31.02  ? 183 HOH A O   1 
HETATM 1320 O  O   . HOH F 5 .   ? 14.051  0.983   6.301   1.00 30.02  ? 185 HOH A O   1 
HETATM 1321 O  O   . HOH F 5 .   ? 13.310  -0.234  -3.444  1.00 30.67  ? 186 HOH A O   1 
HETATM 1322 O  O   . HOH F 5 .   ? 11.007  -12.564 -8.347  1.00 47.67  ? 187 HOH A O   1 
HETATM 1323 O  O   . HOH F 5 .   ? -19.370 1.421   -8.125  1.00 46.56  ? 188 HOH A O   1 
HETATM 1324 O  O   . HOH F 5 .   ? -2.096  16.724  -1.593  1.00 27.64  ? 190 HOH A O   1 
HETATM 1325 O  O   . HOH F 5 .   ? -4.188  18.089  -2.984  1.00 42.85  ? 191 HOH A O   1 
HETATM 1326 O  O   . HOH F 5 .   ? -1.446  -15.660 14.698  1.00 19.34  ? 193 HOH A O   1 
HETATM 1327 O  O   . HOH F 5 .   ? 7.942   -10.410 -0.695  1.00 16.57  ? 195 HOH A O   1 
HETATM 1328 O  O   . HOH F 5 .   ? 15.974  17.680  -8.594  1.00 33.86  ? 196 HOH A O   1 
HETATM 1329 O  O   . HOH F 5 .   ? 8.217   21.043  5.806   1.00 26.97  ? 198 HOH A O   1 
HETATM 1330 O  O   . HOH F 5 .   ? 6.586   -12.587 2.754   1.00 29.58  ? 199 HOH A O   1 
HETATM 1331 O  O   . HOH F 5 .   ? 7.450   12.174  3.022   1.00 30.36  ? 200 HOH A O   1 
HETATM 1332 O  O   . HOH F 5 .   ? 11.040  3.352   7.281   1.00 35.15  ? 201 HOH A O   1 
HETATM 1333 O  O   . HOH F 5 .   ? -0.405  8.642   -2.490  1.00 24.78  ? 203 HOH A O   1 
HETATM 1334 O  O   . HOH F 5 .   ? -0.487  6.491   -4.594  1.00 40.46  ? 204 HOH A O   1 
HETATM 1335 O  O   . HOH F 5 .   ? -4.069  2.134   -6.501  1.00 28.03  ? 207 HOH A O   1 
HETATM 1336 O  O   . HOH F 5 .   ? -4.061  -2.391  -1.633  1.00 11.86  ? 208 HOH A O   1 
HETATM 1337 O  O   . HOH F 5 .   ? 0.423   -19.402 -0.676  1.00 25.85  ? 210 HOH A O   1 
HETATM 1338 O  O   . HOH F 5 .   ? -5.501  -6.266  -13.183 1.00 29.46  ? 211 HOH A O   1 
HETATM 1339 O  O   . HOH F 5 .   ? -4.882  -16.879 8.004   1.00 14.99  ? 213 HOH A O   1 
HETATM 1340 O  O   . HOH F 5 .   ? -10.956 -20.743 -1.560  1.00 40.26  ? 217 HOH A O   1 
HETATM 1341 O  O   . HOH F 5 .   ? -18.409 -12.862 3.098   1.00 34.28  ? 218 HOH A O   1 
HETATM 1342 O  O   . HOH F 5 .   ? -19.691 -10.203 3.810   1.00 27.24  ? 219 HOH A O   1 
HETATM 1343 O  O   . HOH F 5 .   ? 14.652  -12.253 -7.100  1.00 45.85  ? 221 HOH A O   1 
HETATM 1344 O  O   . HOH F 5 .   ? -0.568  15.588  5.047   1.00 38.58  ? 222 HOH A O   1 
HETATM 1345 O  O   . HOH F 5 .   ? 11.789  -12.696 -5.685  1.00 27.40  ? 223 HOH A O   1 
HETATM 1346 O  O   . HOH F 5 .   ? 6.280   -11.798 13.314  1.00 33.20  ? 226 HOH A O   1 
HETATM 1347 O  O   . HOH F 5 .   ? 0.863   5.772   -7.346  1.00 35.72  ? 229 HOH A O   1 
HETATM 1348 O  O   . HOH F 5 .   ? 1.860   -18.040 -8.040  1.00 37.38  ? 231 HOH A O   1 
HETATM 1349 O  O   . HOH F 5 .   ? -13.121 -20.319 1.285   1.00 35.67  ? 235 HOH A O   1 
HETATM 1350 O  O   . HOH F 5 .   ? -2.731  0.124   -9.178  1.00 44.65  ? 237 HOH A O   1 
HETATM 1351 O  O   . HOH F 5 .   ? -8.243  -20.842 -2.078  1.00 30.53  ? 238 HOH A O   1 
HETATM 1352 O  O   . HOH F 5 .   ? 15.998  9.987   1.672   1.00 31.47  ? 239 HOH A O   1 
HETATM 1353 O  O   . HOH F 5 .   ? 18.089  3.556   -4.223  1.00 31.86  ? 240 HOH A O   1 
HETATM 1354 O  O   . HOH F 5 .   ? 5.901   2.192   10.875  1.00 48.75  ? 242 HOH A O   1 
HETATM 1355 O  O   . HOH F 5 .   ? -19.060 -8.544  -2.779  1.00 39.89  ? 251 HOH A O   1 
HETATM 1356 O  O   . HOH F 5 .   ? -7.543  -8.885  14.843  1.00 42.17  ? 253 HOH A O   1 
HETATM 1357 O  O   . HOH F 5 .   ? -0.771  4.086   -2.537  1.00 33.14  ? 256 HOH A O   1 
HETATM 1358 O  O   . HOH F 5 .   ? 20.585  14.024  -0.944  1.00 49.10  ? 259 HOH A O   1 
HETATM 1359 O  O   . HOH F 5 .   ? 20.514  9.953   -6.173  1.00 50.55  ? 260 HOH A O   1 
HETATM 1360 O  O   . HOH F 5 .   ? 0.582   5.926   -1.193  1.00 48.43  ? 265 HOH A O   1 
HETATM 1361 O  O   . HOH F 5 .   ? -2.795  -2.073  18.471  1.00 54.99  ? 268 HOH A O   1 
HETATM 1362 O  O   . HOH F 5 .   ? -3.119  9.577   -10.061 1.00 38.40  ? 269 HOH A O   1 
HETATM 1363 O  O   . HOH F 5 .   ? -12.890 1.094   2.423   1.00 20.88  ? 270 HOH A O   1 
HETATM 1364 O  O   . HOH F 5 .   ? 1.633   -20.134 -4.042  1.00 41.37  ? 273 HOH A O   1 
HETATM 1365 O  O   . HOH F 5 .   ? -5.320  -21.704 -0.215  1.00 40.60  ? 277 HOH A O   1 
HETATM 1366 O  O   . HOH F 5 .   ? 12.571  22.952  -3.736  1.00 38.84  ? 278 HOH A O   1 
HETATM 1367 O  O   . HOH F 5 .   ? 5.262   13.957  4.056   1.00 27.62  ? 281 HOH A O   1 
HETATM 1368 O  O   . HOH F 5 .   ? 9.924   10.311  4.686   1.00 27.11  ? 282 HOH A O   1 
HETATM 1369 O  O   . HOH F 5 .   ? -1.950  -19.793 10.791  1.00 42.96  ? 291 HOH A O   1 
HETATM 1370 O  O   . HOH F 5 .   ? -14.735 -19.192 2.669   1.00 21.64  ? 293 HOH A O   1 
HETATM 1371 O  O   . HOH F 5 .   ? 7.198   -16.242 -8.021  1.00 33.97  ? 296 HOH A O   1 
HETATM 1372 O  O   . HOH F 5 .   ? -5.181  2.089   -9.005  1.00 42.64  ? 299 HOH A O   1 
HETATM 1373 O  O   . HOH F 5 .   ? -9.174  -11.037 14.024  1.00 40.84  ? 301 HOH A O   1 
HETATM 1374 O  O   . HOH F 5 .   ? 1.125   -13.239 16.723  1.00 47.30  ? 302 HOH A O   1 
HETATM 1375 O  O   . HOH F 5 .   ? -11.196 -21.422 2.240   1.00 35.05  ? 311 HOH A O   1 
HETATM 1376 O  O   . HOH F 5 .   ? 17.481  2.327   -1.822  1.00 37.13  ? 320 HOH A O   1 
# 
loop_
_pdbx_poly_seq_scheme.asym_id 
_pdbx_poly_seq_scheme.entity_id 
_pdbx_poly_seq_scheme.seq_id 
_pdbx_poly_seq_scheme.mon_id 
_pdbx_poly_seq_scheme.ndb_seq_num 
_pdbx_poly_seq_scheme.pdb_seq_num 
_pdbx_poly_seq_scheme.auth_seq_num 
_pdbx_poly_seq_scheme.pdb_mon_id 
_pdbx_poly_seq_scheme.auth_mon_id 
_pdbx_poly_seq_scheme.pdb_strand_id 
_pdbx_poly_seq_scheme.pdb_ins_code 
_pdbx_poly_seq_scheme.hetero 
A 1 1   MET 1   1   1   MET MET A . n 
A 1 2   ASN 2   2   2   ASN ASN A . n 
A 1 3   ILE 3   3   3   ILE ILE A . n 
A 1 4   PHE 4   4   4   PHE PHE A . n 
A 1 5   GLU 5   5   5   GLU GLU A . n 
A 1 6   MET 6   6   6   MET MET A . n 
A 1 7   LEU 7   7   7   LEU LEU A . n 
A 1 8   ARG 8   8   8   ARG ARG A . n 
A 1 9   ILE 9   9   9   ILE ILE A . n 
A 1 10  ASP 10  10  10  ASP ASP A . n 
A 1 11  GLU 11  11  11  GLU GLU A . n 
A 1 12  GLY 12  12  12  GLY GLY A . n 
A 1 13  LEU 13  13  13  LEU LEU A . n 
A 1 14  ARG 14  14  14  ARG ARG A . n 
A 1 15  LEU 15  15  15  LEU LEU A . n 
A 1 16  LYS 16  16  16  LYS LYS A . n 
A 1 17  ILE 17  17  17  ILE ILE A . n 
A 1 18  TYR 18  18  18  TYR TYR A . n 
A 1 19  LYS 19  19  19  LYS LYS A . n 
A 1 20  ASP 20  20  20  ASP ASP A . n 
A 1 21  THR 21  21  21  THR THR A . n 
A 1 22  GLU 22  22  22  GLU GLU A . n 
A 1 23  GLY 23  23  23  GLY GLY A . n 
A 1 24  TYR 24  24  24  TYR TYR A . n 
A 1 25  TYR 25  25  25  TYR TYR A . n 
A 1 26  THR 26  26  26  THR THR A . n 
A 1 27  ILE 27  27  27  ILE ILE A . n 
A 1 28  GLY 28  28  28  GLY GLY A . n 
A 1 29  ILE 29  29  29  ILE ILE A . n 
A 1 30  GLY 30  30  30  GLY GLY A . n 
A 1 31  HIS 31  31  31  HIS HIS A . n 
A 1 32  LEU 32  32  32  LEU LEU A . n 
A 1 33  LEU 33  33  33  LEU LEU A . n 
A 1 34  THR 34  34  34  THR THR A . n 
A 1 35  LYS 35  35  35  LYS LYS A . n 
A 1 36  SER 36  36  36  SER SER A . n 
A 1 37  PRO 37  37  37  PRO PRO A . n 
A 1 38  SER 38  38  38  SER SER A . n 
A 1 39  LEU 39  39  39  LEU LEU A . n 
A 1 40  ASN 40  40  40  ASN ASN A . n 
A 1 41  ALA 41  41  41  ALA ALA A . n 
A 1 42  ALA 42  42  42  ALA ALA A . n 
A 1 43  LYS 43  43  43  LYS LYS A . n 
A 1 44  SER 44  44  44  SER SER A . n 
A 1 45  GLU 45  45  45  GLU GLU A . n 
A 1 46  LEU 46  46  46  LEU LEU A . n 
A 1 47  ASP 47  47  47  ASP ASP A . n 
A 1 48  LYS 48  48  48  LYS LYS A . n 
A 1 49  ALA 49  49  49  ALA ALA A . n 
A 1 50  ILE 50  50  50  ILE ILE A . n 
A 1 51  GLY 51  51  51  GLY GLY A . n 
A 1 52  ARG 52  52  52  ARG ARG A . n 
A 1 53  ASN 53  53  53  ASN ASN A . n 
A 1 54  CYS 54  54  54  CYS CYS A . n 
A 1 55  ASN 55  55  55  ASN ASN A . n 
A 1 56  GLY 56  56  56  GLY GLY A . n 
A 1 57  VAL 57  57  57  VAL VAL A . n 
A 1 58  ILE 58  58  58  ILE ILE A . n 
A 1 59  THR 59  59  59  THR THR A . n 
A 1 60  LYS 60  60  60  LYS LYS A . n 
A 1 61  ASP 61  61  61  ASP ASP A . n 
A 1 62  GLU 62  62  62  GLU GLU A . n 
A 1 63  ALA 63  63  63  ALA ALA A . n 
A 1 64  GLU 64  64  64  GLU GLU A . n 
A 1 65  LYS 65  65  65  LYS LYS A . n 
A 1 66  LEU 66  66  66  LEU LEU A . n 
A 1 67  PHE 67  67  67  PHE PHE A . n 
A 1 68  ASN 68  68  68  ASN ASN A . n 
A 1 69  GLN 69  69  69  GLN GLN A . n 
A 1 70  ASP 70  70  70  ASP ASP A . n 
A 1 71  VAL 71  71  71  VAL VAL A . n 
A 1 72  ASP 72  72  72  ASP ASP A . n 
A 1 73  ALA 73  73  73  ALA ALA A . n 
A 1 74  ALA 74  74  74  ALA ALA A . n 
A 1 75  VAL 75  75  75  VAL VAL A . n 
A 1 76  ARG 76  76  76  ARG ARG A . n 
A 1 77  GLY 77  77  77  GLY GLY A . n 
A 1 78  ILE 78  78  78  ILE ILE A . n 
A 1 79  LEU 79  79  79  LEU LEU A . n 
A 1 80  ARG 80  80  80  ARG ARG A . n 
A 1 81  ASN 81  81  81  ASN ASN A . n 
A 1 82  ALA 82  82  82  ALA ALA A . n 
A 1 83  LYS 83  83  83  LYS LYS A . n 
A 1 84  LEU 84  84  84  LEU LEU A . n 
A 1 85  LYS 85  85  85  LYS LYS A . n 
A 1 86  PRO 86  86  86  PRO PRO A . n 
A 1 87  VAL 87  87  87  VAL VAL A . n 
A 1 88  TYR 88  88  88  TYR TYR A . n 
A 1 89  ASP 89  89  89  ASP ASP A . n 
A 1 90  SER 90  90  90  SER SER A . n 
A 1 91  LEU 91  91  91  LEU LEU A . n 
A 1 92  ASP 92  92  92  ASP ASP A . n 
A 1 93  ALA 93  93  93  ALA ALA A . n 
A 1 94  VAL 94  94  94  VAL VAL A . n 
A 1 95  ARG 95  95  95  ARG ARG A . n 
A 1 96  ARG 96  96  96  ARG ARG A . n 
A 1 97  CYS 97  97  97  CYS CYS A . n 
A 1 98  ALA 98  98  98  ALA ALA A . n 
A 1 99  ALA 99  99  99  ALA ALA A . n 
A 1 100 ILE 100 100 100 ILE ILE A . n 
A 1 101 ASN 101 101 101 ASN ASN A . n 
A 1 102 GLN 102 102 102 GLN GLN A . n 
A 1 103 VAL 103 103 103 VAL VAL A . n 
A 1 104 PHE 104 104 104 PHE PHE A . n 
A 1 105 GLN 105 105 105 GLN GLN A . n 
A 1 106 MET 106 106 106 MET MET A . n 
A 1 107 GLY 107 107 107 GLY GLY A . n 
A 1 108 GLU 108 108 108 GLU GLU A . n 
A 1 109 THR 109 109 109 THR THR A . n 
A 1 110 GLY 110 110 110 GLY GLY A . n 
A 1 111 VAL 111 111 111 VAL VAL A . n 
A 1 112 ALA 112 112 112 ALA ALA A . n 
A 1 113 GLY 113 113 113 GLY GLY A . n 
A 1 114 PHE 114 114 114 PHE PHE A . n 
A 1 115 THR 115 115 115 THR THR A . n 
A 1 116 ASN 116 116 116 ASN ASN A . n 
A 1 117 SER 117 117 117 SER SER A . n 
A 1 118 LEU 118 118 118 LEU LEU A . n 
A 1 119 ARG 119 119 119 ARG ARG A . n 
A 1 120 MET 120 120 120 MET MET A . n 
A 1 121 LEU 121 121 121 LEU LEU A . n 
A 1 122 GLN 122 122 122 GLN GLN A . n 
A 1 123 GLN 123 123 123 GLN GLN A . n 
A 1 124 LYS 124 124 124 LYS LYS A . n 
A 1 125 ARG 125 125 125 ARG ARG A . n 
A 1 126 TRP 126 126 126 TRP TRP A . n 
A 1 127 ASP 127 127 127 ASP ASP A . n 
A 1 128 GLU 128 128 128 GLU GLU A . n 
A 1 129 ALA 129 129 129 ALA ALA A . n 
A 1 130 ALA 130 130 130 ALA ALA A . n 
A 1 131 VAL 131 131 131 VAL VAL A . n 
A 1 132 ASN 132 132 132 ASN ASN A . n 
A 1 133 LEU 133 133 133 LEU LEU A . n 
A 1 134 ALA 134 134 134 ALA ALA A . n 
A 1 135 LYS 135 135 135 LYS LYS A . n 
A 1 136 SER 136 136 136 SER SER A . n 
A 1 137 ARG 137 137 137 ARG ARG A . n 
A 1 138 TRP 138 138 138 TRP TRP A . n 
A 1 139 TYR 139 139 139 TYR TYR A . n 
A 1 140 ASN 140 140 140 ASN ASN A . n 
A 1 141 GLN 141 141 141 GLN GLN A . n 
A 1 142 THR 142 142 142 THR THR A . n 
A 1 143 PRO 143 143 143 PRO PRO A . n 
A 1 144 ASN 144 144 144 ASN ASN A . n 
A 1 145 ARG 145 145 145 ARG ARG A . n 
A 1 146 ALA 146 146 146 ALA ALA A . n 
A 1 147 LYS 147 147 147 LYS LYS A . n 
A 1 148 ARG 148 148 148 ARG ARG A . n 
A 1 149 VAL 149 149 149 VAL VAL A . n 
A 1 150 ILE 150 150 150 ILE ILE A . n 
A 1 151 THR 151 151 151 THR THR A . n 
A 1 152 THR 152 152 152 THR THR A . n 
A 1 153 PHE 153 153 153 PHE PHE A . n 
A 1 154 ARG 154 154 154 ARG ARG A . n 
A 1 155 THR 155 155 155 THR THR A . n 
A 1 156 GLY 156 156 156 GLY GLY A . n 
A 1 157 THR 157 157 157 THR THR A . n 
A 1 158 TRP 158 158 158 TRP TRP A . n 
A 1 159 ASP 159 159 159 ASP ASP A . n 
A 1 160 ALA 160 160 160 ALA ALA A . n 
A 1 161 TYR 161 161 161 TYR TYR A . n 
A 1 162 LYS 162 162 162 LYS LYS A . n 
A 1 163 ASN 163 163 ?   ?   ?   A . n 
A 1 164 LEU 164 164 ?   ?   ?   A . n 
# 
loop_
_pdbx_nonpoly_scheme.asym_id 
_pdbx_nonpoly_scheme.entity_id 
_pdbx_nonpoly_scheme.mon_id 
_pdbx_nonpoly_scheme.ndb_seq_num 
_pdbx_nonpoly_scheme.pdb_seq_num 
_pdbx_nonpoly_scheme.auth_seq_num 
_pdbx_nonpoly_scheme.pdb_mon_id 
_pdbx_nonpoly_scheme.auth_mon_id 
_pdbx_nonpoly_scheme.pdb_strand_id 
_pdbx_nonpoly_scheme.pdb_ins_code 
B 2 CL  1  173 173 CL  SOL A . 
C 2 CL  1  178 178 CL  SOL A . 
D 3 5MP 1  400 400 5MP PYR A . 
E 4 BME 1  170 170 BME BME A . 
F 5 HOH 1  171 171 HOH SOL A . 
F 5 HOH 2  172 172 HOH SOL A . 
F 5 HOH 3  174 174 HOH SOL A . 
F 5 HOH 4  175 175 HOH SOL A . 
F 5 HOH 5  176 176 HOH SOL A . 
F 5 HOH 6  177 177 HOH SOL A . 
F 5 HOH 7  179 179 HOH SOL A . 
F 5 HOH 8  180 180 HOH SOL A . 
F 5 HOH 9  181 181 HOH SOL A . 
F 5 HOH 10 182 182 HOH SOL A . 
F 5 HOH 11 183 183 HOH SOL A . 
F 5 HOH 12 185 185 HOH SOL A . 
F 5 HOH 13 186 186 HOH SOL A . 
F 5 HOH 14 187 187 HOH SOL A . 
F 5 HOH 15 188 188 HOH SOL A . 
F 5 HOH 16 190 190 HOH SOL A . 
F 5 HOH 17 191 191 HOH SOL A . 
F 5 HOH 18 193 193 HOH SOL A . 
F 5 HOH 19 195 195 HOH SOL A . 
F 5 HOH 20 196 196 HOH SOL A . 
F 5 HOH 21 198 198 HOH SOL A . 
F 5 HOH 22 199 199 HOH SOL A . 
F 5 HOH 23 200 200 HOH SOL A . 
F 5 HOH 24 201 201 HOH SOL A . 
F 5 HOH 25 203 203 HOH SOL A . 
F 5 HOH 26 204 204 HOH SOL A . 
F 5 HOH 27 207 207 HOH SOL A . 
F 5 HOH 28 208 208 HOH SOL A . 
F 5 HOH 29 210 210 HOH SOL A . 
F 5 HOH 30 211 211 HOH SOL A . 
F 5 HOH 31 213 213 HOH SOL A . 
F 5 HOH 32 217 217 HOH SOL A . 
F 5 HOH 33 218 218 HOH SOL A . 
F 5 HOH 34 219 219 HOH SOL A . 
F 5 HOH 35 221 221 HOH SOL A . 
F 5 HOH 36 222 222 HOH SOL A . 
F 5 HOH 37 223 223 HOH SOL A . 
F 5 HOH 38 226 226 HOH SOL A . 
F 5 HOH 39 229 229 HOH SOL A . 
F 5 HOH 40 231 231 HOH SOL A . 
F 5 HOH 41 235 235 HOH SOL A . 
F 5 HOH 42 237 237 HOH SOL A . 
F 5 HOH 43 238 238 HOH SOL A . 
F 5 HOH 44 239 239 HOH SOL A . 
F 5 HOH 45 240 240 HOH SOL A . 
F 5 HOH 46 242 242 HOH SOL A . 
F 5 HOH 47 251 251 HOH SOL A . 
F 5 HOH 48 253 253 HOH SOL A . 
F 5 HOH 49 256 256 HOH SOL A . 
F 5 HOH 50 259 259 HOH SOL A . 
F 5 HOH 51 260 260 HOH SOL A . 
F 5 HOH 52 265 265 HOH SOL A . 
F 5 HOH 53 268 268 HOH SOL A . 
F 5 HOH 54 269 269 HOH SOL A . 
F 5 HOH 55 270 270 HOH SOL A . 
F 5 HOH 56 273 273 HOH SOL A . 
F 5 HOH 57 277 277 HOH SOL A . 
F 5 HOH 58 278 278 HOH SOL A . 
F 5 HOH 59 281 281 HOH SOL A . 
F 5 HOH 60 282 282 HOH SOL A . 
F 5 HOH 61 291 291 HOH SOL A . 
F 5 HOH 62 293 293 HOH SOL A . 
F 5 HOH 63 296 296 HOH SOL A . 
F 5 HOH 64 299 299 HOH SOL A . 
F 5 HOH 65 301 301 HOH SOL A . 
F 5 HOH 66 302 302 HOH SOL A . 
F 5 HOH 67 311 311 HOH SOL A . 
F 5 HOH 68 320 320 HOH SOL A . 
# 
_pdbx_struct_assembly.id                   1 
_pdbx_struct_assembly.details              author_defined_assembly 
_pdbx_struct_assembly.method_details       ? 
_pdbx_struct_assembly.oligomeric_details   monomeric 
_pdbx_struct_assembly.oligomeric_count     1 
# 
_pdbx_struct_assembly_gen.assembly_id       1 
_pdbx_struct_assembly_gen.oper_expression   1 
_pdbx_struct_assembly_gen.asym_id_list      A,B,C,D,E,F 
# 
_pdbx_struct_oper_list.id                   1 
_pdbx_struct_oper_list.type                 'identity operation' 
_pdbx_struct_oper_list.name                 1_555 
_pdbx_struct_oper_list.symmetry_operation   x,y,z 
_pdbx_struct_oper_list.matrix[1][1]         1.0000000000 
_pdbx_struct_oper_list.matrix[1][2]         0.0000000000 
_pdbx_struct_oper_list.matrix[1][3]         0.0000000000 
_pdbx_struct_oper_list.vector[1]            0.0000000000 
_pdbx_struct_oper_list.matrix[2][1]         0.0000000000 
_pdbx_struct_oper_list.matrix[2][2]         1.0000000000 
_pdbx_struct_oper_list.matrix[2][3]         0.0000000000 
_pdbx_struct_oper_list.vector[2]            0.0000000000 
_pdbx_struct_oper_list.matrix[3][1]         0.0000000000 
_pdbx_struct_oper_list.matrix[3][2]         0.0000000000 
_pdbx_struct_oper_list.matrix[3][3]         1.0000000000 
_pdbx_struct_oper_list.vector[3]            0.0000000000 
# 
loop_
_pdbx_audit_revision_history.ordinal 
_pdbx_audit_revision_history.data_content_type 
_pdbx_audit_revision_history.major_revision 
_pdbx_audit_revision_history.minor_revision 
_pdbx_audit_revision_history.revision_date 
1 'Structure model' 1 0 2002-05-08 
2 'Structure model' 1 1 2008-04-28 
3 'Structure model' 1 2 2011-07-13 
4 'Structure model' 1 3 2021-10-27 
5 'Structure model' 1 4 2023-08-16 
# 
_pdbx_audit_revision_details.ordinal             1 
_pdbx_audit_revision_details.revision_ordinal    1 
_pdbx_audit_revision_details.data_content_type   'Structure model' 
_pdbx_audit_revision_details.provider            repository 
_pdbx_audit_revision_details.type                'Initial release' 
_pdbx_audit_revision_details.description         ? 
_pdbx_audit_revision_details.details             ? 
# 
loop_
_pdbx_audit_revision_group.ordinal 
_pdbx_audit_revision_group.revision_ordinal 
_pdbx_audit_revision_group.data_content_type 
_pdbx_audit_revision_group.group 
1 2 'Structure model' 'Version format compliance' 
2 3 'Structure model' 'Version format compliance' 
3 4 'Structure model' 'Database references'       
4 4 'Structure model' 'Derived calculations'      
5 5 'Structure model' 'Data collection'           
6 5 'Structure model' 'Refinement description'    
# 
loop_
_pdbx_audit_revision_category.ordinal 
_pdbx_audit_revision_category.revision_ordinal 
_pdbx_audit_revision_category.data_content_type 
_pdbx_audit_revision_category.category 
1 4 'Structure model' database_2                    
2 4 'Structure model' struct_ref_seq_dif            
3 4 'Structure model' struct_site                   
4 5 'Structure model' chem_comp_atom                
5 5 'Structure model' chem_comp_bond                
6 5 'Structure model' pdbx_initial_refinement_model 
# 
loop_
_pdbx_audit_revision_item.ordinal 
_pdbx_audit_revision_item.revision_ordinal 
_pdbx_audit_revision_item.data_content_type 
_pdbx_audit_revision_item.item 
1 4 'Structure model' '_database_2.pdbx_DOI'                
2 4 'Structure model' '_database_2.pdbx_database_accession' 
3 4 'Structure model' '_struct_ref_seq_dif.details'         
4 4 'Structure model' '_struct_site.pdbx_auth_asym_id'      
5 4 'Structure model' '_struct_site.pdbx_auth_comp_id'      
6 4 'Structure model' '_struct_site.pdbx_auth_seq_id'       
# 
loop_
_software.name 
_software.classification 
_software.version 
_software.citation_id 
_software.pdbx_ordinal 
SDMS 'data collection' . ? 1 
SDMS 'data reduction'  . ? 2 
TNT  refinement        . ? 3 
SDMS 'data scaling'    . ? 4 
TNT  phasing           . ? 5 
# 
_pdbx_validate_rmsd_bond.id                        1 
_pdbx_validate_rmsd_bond.PDB_model_num             1 
_pdbx_validate_rmsd_bond.auth_atom_id_1            CD 
_pdbx_validate_rmsd_bond.auth_asym_id_1            A 
_pdbx_validate_rmsd_bond.auth_comp_id_1            GLU 
_pdbx_validate_rmsd_bond.auth_seq_id_1             128 
_pdbx_validate_rmsd_bond.PDB_ins_code_1            ? 
_pdbx_validate_rmsd_bond.label_alt_id_1            ? 
_pdbx_validate_rmsd_bond.auth_atom_id_2            OE2 
_pdbx_validate_rmsd_bond.auth_asym_id_2            A 
_pdbx_validate_rmsd_bond.auth_comp_id_2            GLU 
_pdbx_validate_rmsd_bond.auth_seq_id_2             128 
_pdbx_validate_rmsd_bond.PDB_ins_code_2            ? 
_pdbx_validate_rmsd_bond.label_alt_id_2            ? 
_pdbx_validate_rmsd_bond.bond_value                1.320 
_pdbx_validate_rmsd_bond.bond_target_value         1.252 
_pdbx_validate_rmsd_bond.bond_deviation            0.068 
_pdbx_validate_rmsd_bond.bond_standard_deviation   0.011 
_pdbx_validate_rmsd_bond.linker_flag               N 
# 
loop_
_pdbx_validate_rmsd_angle.id 
_pdbx_validate_rmsd_angle.PDB_model_num 
_pdbx_validate_rmsd_angle.auth_atom_id_1 
_pdbx_validate_rmsd_angle.auth_asym_id_1 
_pdbx_validate_rmsd_angle.auth_comp_id_1 
_pdbx_validate_rmsd_angle.auth_seq_id_1 
_pdbx_validate_rmsd_angle.PDB_ins_code_1 
_pdbx_validate_rmsd_angle.label_alt_id_1 
_pdbx_validate_rmsd_angle.auth_atom_id_2 
_pdbx_validate_rmsd_angle.auth_asym_id_2 
_pdbx_validate_rmsd_angle.auth_comp_id_2 
_pdbx_validate_rmsd_angle.auth_seq_id_2 
_pdbx_validate_rmsd_angle.PDB_ins_code_2 
_pdbx_validate_rmsd_angle.label_alt_id_2 
_pdbx_validate_rmsd_angle.auth_atom_id_3 
_pdbx_validate_rmsd_angle.auth_asym_id_3 
_pdbx_validate_rmsd_angle.auth_comp_id_3 
_pdbx_validate_rmsd_angle.auth_seq_id_3 
_pdbx_validate_rmsd_angle.PDB_ins_code_3 
_pdbx_validate_rmsd_angle.label_alt_id_3 
_pdbx_validate_rmsd_angle.angle_value 
_pdbx_validate_rmsd_angle.angle_target_value 
_pdbx_validate_rmsd_angle.angle_deviation 
_pdbx_validate_rmsd_angle.angle_standard_deviation 
_pdbx_validate_rmsd_angle.linker_flag 
1  1 NE  A ARG 8   ? ? CZ A ARG 8   ? ? NH1 A ARG 8   ? ? 123.90 120.30 3.60   0.50 N 
2  1 CA  A THR 26  ? ? CB A THR 26  ? ? CG2 A THR 26  ? ? 121.57 112.40 9.17   1.40 N 
3  1 CB  A ASN 40  ? ? CA A ASN 40  ? ? C   A ASN 40  ? ? 128.83 110.40 18.43  2.00 N 
4  1 CB  A ASP 47  ? ? CG A ASP 47  ? ? OD1 A ASP 47  ? ? 128.48 118.30 10.18  0.90 N 
5  1 CB  A ASP 47  ? ? CG A ASP 47  ? ? OD2 A ASP 47  ? ? 110.56 118.30 -7.74  0.90 N 
6  1 CB  A ASP 61  ? ? CG A ASP 61  ? ? OD1 A ASP 61  ? ? 124.08 118.30 5.78   0.90 N 
7  1 CB  A ASP 72  ? ? CG A ASP 72  ? ? OD1 A ASP 72  ? ? 124.97 118.30 6.67   0.90 N 
8  1 CB  A ASP 72  ? ? CG A ASP 72  ? ? OD2 A ASP 72  ? ? 110.64 118.30 -7.66  0.90 N 
9  1 NE  A ARG 76  ? ? CZ A ARG 76  ? ? NH1 A ARG 76  ? ? 124.08 120.30 3.78   0.50 N 
10 1 NE  A ARG 80  ? ? CZ A ARG 80  ? ? NH1 A ARG 80  ? ? 124.03 120.30 3.73   0.50 N 
11 1 CB  A ASP 89  ? ? CG A ASP 89  ? ? OD2 A ASP 89  ? ? 111.56 118.30 -6.74  0.90 N 
12 1 CB  A ASP 92  ? ? CG A ASP 92  ? ? OD1 A ASP 92  ? ? 124.59 118.30 6.29   0.90 N 
13 1 CG1 A VAL 103 ? ? CB A VAL 103 ? ? CG2 A VAL 103 ? ? 101.20 110.90 -9.70  1.60 N 
14 1 CB  A GLU 108 ? ? CA A GLU 108 ? ? C   A GLU 108 ? ? 124.31 110.40 13.91  2.00 N 
15 1 CA  A THR 109 ? ? CB A THR 109 ? ? CG2 A THR 109 ? ? 94.95  112.40 -17.45 1.40 N 
16 1 CB  A ALA 112 ? ? CA A ALA 112 ? ? C   A ALA 112 ? ? 122.24 110.10 12.14  1.50 N 
17 1 NE  A ARG 125 ? ? CZ A ARG 125 ? ? NH1 A ARG 125 ? ? 123.55 120.30 3.25   0.50 N 
18 1 CB  A ASP 127 ? ? CG A ASP 127 ? ? OD1 A ASP 127 ? ? 128.21 118.30 9.91   0.90 N 
19 1 CB  A ASP 127 ? ? CG A ASP 127 ? ? OD2 A ASP 127 ? ? 109.58 118.30 -8.72  0.90 N 
20 1 CB  A ALA 130 ? ? CA A ALA 130 ? ? C   A ALA 130 ? ? 119.79 110.10 9.69   1.50 N 
21 1 CA  A THR 142 ? ? CB A THR 142 ? ? CG2 A THR 142 ? ? 103.95 112.40 -8.45  1.40 N 
22 1 NE  A ARG 145 ? ? CZ A ARG 145 ? ? NH1 A ARG 145 ? ? 115.10 120.30 -5.20  0.50 N 
23 1 NE  A ARG 145 ? ? CZ A ARG 145 ? ? NH2 A ARG 145 ? ? 123.40 120.30 3.10   0.50 N 
# 
loop_
_pdbx_validate_torsion.id 
_pdbx_validate_torsion.PDB_model_num 
_pdbx_validate_torsion.auth_comp_id 
_pdbx_validate_torsion.auth_asym_id 
_pdbx_validate_torsion.auth_seq_id 
_pdbx_validate_torsion.PDB_ins_code 
_pdbx_validate_torsion.label_alt_id 
_pdbx_validate_torsion.phi 
_pdbx_validate_torsion.psi 
1 1 ILE A 29  ? ? -101.44 72.87 
2 1 PHE A 114 ? ? -88.25  34.35 
# 
loop_
_pdbx_unobs_or_zero_occ_residues.id 
_pdbx_unobs_or_zero_occ_residues.PDB_model_num 
_pdbx_unobs_or_zero_occ_residues.polymer_flag 
_pdbx_unobs_or_zero_occ_residues.occupancy_flag 
_pdbx_unobs_or_zero_occ_residues.auth_asym_id 
_pdbx_unobs_or_zero_occ_residues.auth_comp_id 
_pdbx_unobs_or_zero_occ_residues.auth_seq_id 
_pdbx_unobs_or_zero_occ_residues.PDB_ins_code 
_pdbx_unobs_or_zero_occ_residues.label_asym_id 
_pdbx_unobs_or_zero_occ_residues.label_comp_id 
_pdbx_unobs_or_zero_occ_residues.label_seq_id 
1 1 Y 1 A ASN 163 ? A ASN 163 
2 1 Y 1 A LEU 164 ? A LEU 164 
# 
loop_
_chem_comp_atom.comp_id 
_chem_comp_atom.atom_id 
_chem_comp_atom.type_symbol 
_chem_comp_atom.pdbx_aromatic_flag 
_chem_comp_atom.pdbx_stereo_config 
_chem_comp_atom.pdbx_ordinal 
5MP C1   C  Y N 1   
5MP C2   C  Y N 2   
5MP C3   C  Y N 3   
5MP C4   C  N N 4   
5MP C5   C  Y N 5   
5MP N6   N  Y N 6   
5MP HC2  H  N N 7   
5MP HC3  H  N N 8   
5MP HC41 H  N N 9   
5MP HC42 H  N N 10  
5MP HC43 H  N N 11  
5MP HC5  H  N N 12  
5MP HN6  H  N N 13  
ALA N    N  N N 14  
ALA CA   C  N S 15  
ALA C    C  N N 16  
ALA O    O  N N 17  
ALA CB   C  N N 18  
ALA OXT  O  N N 19  
ALA H    H  N N 20  
ALA H2   H  N N 21  
ALA HA   H  N N 22  
ALA HB1  H  N N 23  
ALA HB2  H  N N 24  
ALA HB3  H  N N 25  
ALA HXT  H  N N 26  
ARG N    N  N N 27  
ARG CA   C  N S 28  
ARG C    C  N N 29  
ARG O    O  N N 30  
ARG CB   C  N N 31  
ARG CG   C  N N 32  
ARG CD   C  N N 33  
ARG NE   N  N N 34  
ARG CZ   C  N N 35  
ARG NH1  N  N N 36  
ARG NH2  N  N N 37  
ARG OXT  O  N N 38  
ARG H    H  N N 39  
ARG H2   H  N N 40  
ARG HA   H  N N 41  
ARG HB2  H  N N 42  
ARG HB3  H  N N 43  
ARG HG2  H  N N 44  
ARG HG3  H  N N 45  
ARG HD2  H  N N 46  
ARG HD3  H  N N 47  
ARG HE   H  N N 48  
ARG HH11 H  N N 49  
ARG HH12 H  N N 50  
ARG HH21 H  N N 51  
ARG HH22 H  N N 52  
ARG HXT  H  N N 53  
ASN N    N  N N 54  
ASN CA   C  N S 55  
ASN C    C  N N 56  
ASN O    O  N N 57  
ASN CB   C  N N 58  
ASN CG   C  N N 59  
ASN OD1  O  N N 60  
ASN ND2  N  N N 61  
ASN OXT  O  N N 62  
ASN H    H  N N 63  
ASN H2   H  N N 64  
ASN HA   H  N N 65  
ASN HB2  H  N N 66  
ASN HB3  H  N N 67  
ASN HD21 H  N N 68  
ASN HD22 H  N N 69  
ASN HXT  H  N N 70  
ASP N    N  N N 71  
ASP CA   C  N S 72  
ASP C    C  N N 73  
ASP O    O  N N 74  
ASP CB   C  N N 75  
ASP CG   C  N N 76  
ASP OD1  O  N N 77  
ASP OD2  O  N N 78  
ASP OXT  O  N N 79  
ASP H    H  N N 80  
ASP H2   H  N N 81  
ASP HA   H  N N 82  
ASP HB2  H  N N 83  
ASP HB3  H  N N 84  
ASP HD2  H  N N 85  
ASP HXT  H  N N 86  
BME C1   C  N N 87  
BME C2   C  N N 88  
BME O1   O  N N 89  
BME S2   S  N N 90  
BME H11  H  N N 91  
BME H12  H  N N 92  
BME H21  H  N N 93  
BME H22  H  N N 94  
BME HO1  H  N N 95  
BME HS2  H  N N 96  
CL  CL   CL N N 97  
CYS N    N  N N 98  
CYS CA   C  N R 99  
CYS C    C  N N 100 
CYS O    O  N N 101 
CYS CB   C  N N 102 
CYS SG   S  N N 103 
CYS OXT  O  N N 104 
CYS H    H  N N 105 
CYS H2   H  N N 106 
CYS HA   H  N N 107 
CYS HB2  H  N N 108 
CYS HB3  H  N N 109 
CYS HG   H  N N 110 
CYS HXT  H  N N 111 
GLN N    N  N N 112 
GLN CA   C  N S 113 
GLN C    C  N N 114 
GLN O    O  N N 115 
GLN CB   C  N N 116 
GLN CG   C  N N 117 
GLN CD   C  N N 118 
GLN OE1  O  N N 119 
GLN NE2  N  N N 120 
GLN OXT  O  N N 121 
GLN H    H  N N 122 
GLN H2   H  N N 123 
GLN HA   H  N N 124 
GLN HB2  H  N N 125 
GLN HB3  H  N N 126 
GLN HG2  H  N N 127 
GLN HG3  H  N N 128 
GLN HE21 H  N N 129 
GLN HE22 H  N N 130 
GLN HXT  H  N N 131 
GLU N    N  N N 132 
GLU CA   C  N S 133 
GLU C    C  N N 134 
GLU O    O  N N 135 
GLU CB   C  N N 136 
GLU CG   C  N N 137 
GLU CD   C  N N 138 
GLU OE1  O  N N 139 
GLU OE2  O  N N 140 
GLU OXT  O  N N 141 
GLU H    H  N N 142 
GLU H2   H  N N 143 
GLU HA   H  N N 144 
GLU HB2  H  N N 145 
GLU HB3  H  N N 146 
GLU HG2  H  N N 147 
GLU HG3  H  N N 148 
GLU HE2  H  N N 149 
GLU HXT  H  N N 150 
GLY N    N  N N 151 
GLY CA   C  N N 152 
GLY C    C  N N 153 
GLY O    O  N N 154 
GLY OXT  O  N N 155 
GLY H    H  N N 156 
GLY H2   H  N N 157 
GLY HA2  H  N N 158 
GLY HA3  H  N N 159 
GLY HXT  H  N N 160 
HIS N    N  N N 161 
HIS CA   C  N S 162 
HIS C    C  N N 163 
HIS O    O  N N 164 
HIS CB   C  N N 165 
HIS CG   C  Y N 166 
HIS ND1  N  Y N 167 
HIS CD2  C  Y N 168 
HIS CE1  C  Y N 169 
HIS NE2  N  Y N 170 
HIS OXT  O  N N 171 
HIS H    H  N N 172 
HIS H2   H  N N 173 
HIS HA   H  N N 174 
HIS HB2  H  N N 175 
HIS HB3  H  N N 176 
HIS HD1  H  N N 177 
HIS HD2  H  N N 178 
HIS HE1  H  N N 179 
HIS HE2  H  N N 180 
HIS HXT  H  N N 181 
HOH O    O  N N 182 
HOH H1   H  N N 183 
HOH H2   H  N N 184 
ILE N    N  N N 185 
ILE CA   C  N S 186 
ILE C    C  N N 187 
ILE O    O  N N 188 
ILE CB   C  N S 189 
ILE CG1  C  N N 190 
ILE CG2  C  N N 191 
ILE CD1  C  N N 192 
ILE OXT  O  N N 193 
ILE H    H  N N 194 
ILE H2   H  N N 195 
ILE HA   H  N N 196 
ILE HB   H  N N 197 
ILE HG12 H  N N 198 
ILE HG13 H  N N 199 
ILE HG21 H  N N 200 
ILE HG22 H  N N 201 
ILE HG23 H  N N 202 
ILE HD11 H  N N 203 
ILE HD12 H  N N 204 
ILE HD13 H  N N 205 
ILE HXT  H  N N 206 
LEU N    N  N N 207 
LEU CA   C  N S 208 
LEU C    C  N N 209 
LEU O    O  N N 210 
LEU CB   C  N N 211 
LEU CG   C  N N 212 
LEU CD1  C  N N 213 
LEU CD2  C  N N 214 
LEU OXT  O  N N 215 
LEU H    H  N N 216 
LEU H2   H  N N 217 
LEU HA   H  N N 218 
LEU HB2  H  N N 219 
LEU HB3  H  N N 220 
LEU HG   H  N N 221 
LEU HD11 H  N N 222 
LEU HD12 H  N N 223 
LEU HD13 H  N N 224 
LEU HD21 H  N N 225 
LEU HD22 H  N N 226 
LEU HD23 H  N N 227 
LEU HXT  H  N N 228 
LYS N    N  N N 229 
LYS CA   C  N S 230 
LYS C    C  N N 231 
LYS O    O  N N 232 
LYS CB   C  N N 233 
LYS CG   C  N N 234 
LYS CD   C  N N 235 
LYS CE   C  N N 236 
LYS NZ   N  N N 237 
LYS OXT  O  N N 238 
LYS H    H  N N 239 
LYS H2   H  N N 240 
LYS HA   H  N N 241 
LYS HB2  H  N N 242 
LYS HB3  H  N N 243 
LYS HG2  H  N N 244 
LYS HG3  H  N N 245 
LYS HD2  H  N N 246 
LYS HD3  H  N N 247 
LYS HE2  H  N N 248 
LYS HE3  H  N N 249 
LYS HZ1  H  N N 250 
LYS HZ2  H  N N 251 
LYS HZ3  H  N N 252 
LYS HXT  H  N N 253 
MET N    N  N N 254 
MET CA   C  N S 255 
MET C    C  N N 256 
MET O    O  N N 257 
MET CB   C  N N 258 
MET CG   C  N N 259 
MET SD   S  N N 260 
MET CE   C  N N 261 
MET OXT  O  N N 262 
MET H    H  N N 263 
MET H2   H  N N 264 
MET HA   H  N N 265 
MET HB2  H  N N 266 
MET HB3  H  N N 267 
MET HG2  H  N N 268 
MET HG3  H  N N 269 
MET HE1  H  N N 270 
MET HE2  H  N N 271 
MET HE3  H  N N 272 
MET HXT  H  N N 273 
PHE N    N  N N 274 
PHE CA   C  N S 275 
PHE C    C  N N 276 
PHE O    O  N N 277 
PHE CB   C  N N 278 
PHE CG   C  Y N 279 
PHE CD1  C  Y N 280 
PHE CD2  C  Y N 281 
PHE CE1  C  Y N 282 
PHE CE2  C  Y N 283 
PHE CZ   C  Y N 284 
PHE OXT  O  N N 285 
PHE H    H  N N 286 
PHE H2   H  N N 287 
PHE HA   H  N N 288 
PHE HB2  H  N N 289 
PHE HB3  H  N N 290 
PHE HD1  H  N N 291 
PHE HD2  H  N N 292 
PHE HE1  H  N N 293 
PHE HE2  H  N N 294 
PHE HZ   H  N N 295 
PHE HXT  H  N N 296 
PRO N    N  N N 297 
PRO CA   C  N S 298 
PRO C    C  N N 299 
PRO O    O  N N 300 
PRO CB   C  N N 301 
PRO CG   C  N N 302 
PRO CD   C  N N 303 
PRO OXT  O  N N 304 
PRO H    H  N N 305 
PRO HA   H  N N 306 
PRO HB2  H  N N 307 
PRO HB3  H  N N 308 
PRO HG2  H  N N 309 
PRO HG3  H  N N 310 
PRO HD2  H  N N 311 
PRO HD3  H  N N 312 
PRO HXT  H  N N 313 
SER N    N  N N 314 
SER CA   C  N S 315 
SER C    C  N N 316 
SER O    O  N N 317 
SER CB   C  N N 318 
SER OG   O  N N 319 
SER OXT  O  N N 320 
SER H    H  N N 321 
SER H2   H  N N 322 
SER HA   H  N N 323 
SER HB2  H  N N 324 
SER HB3  H  N N 325 
SER HG   H  N N 326 
SER HXT  H  N N 327 
THR N    N  N N 328 
THR CA   C  N S 329 
THR C    C  N N 330 
THR O    O  N N 331 
THR CB   C  N R 332 
THR OG1  O  N N 333 
THR CG2  C  N N 334 
THR OXT  O  N N 335 
THR H    H  N N 336 
THR H2   H  N N 337 
THR HA   H  N N 338 
THR HB   H  N N 339 
THR HG1  H  N N 340 
THR HG21 H  N N 341 
THR HG22 H  N N 342 
THR HG23 H  N N 343 
THR HXT  H  N N 344 
TRP N    N  N N 345 
TRP CA   C  N S 346 
TRP C    C  N N 347 
TRP O    O  N N 348 
TRP CB   C  N N 349 
TRP CG   C  Y N 350 
TRP CD1  C  Y N 351 
TRP CD2  C  Y N 352 
TRP NE1  N  Y N 353 
TRP CE2  C  Y N 354 
TRP CE3  C  Y N 355 
TRP CZ2  C  Y N 356 
TRP CZ3  C  Y N 357 
TRP CH2  C  Y N 358 
TRP OXT  O  N N 359 
TRP H    H  N N 360 
TRP H2   H  N N 361 
TRP HA   H  N N 362 
TRP HB2  H  N N 363 
TRP HB3  H  N N 364 
TRP HD1  H  N N 365 
TRP HE1  H  N N 366 
TRP HE3  H  N N 367 
TRP HZ2  H  N N 368 
TRP HZ3  H  N N 369 
TRP HH2  H  N N 370 
TRP HXT  H  N N 371 
TYR N    N  N N 372 
TYR CA   C  N S 373 
TYR C    C  N N 374 
TYR O    O  N N 375 
TYR CB   C  N N 376 
TYR CG   C  Y N 377 
TYR CD1  C  Y N 378 
TYR CD2  C  Y N 379 
TYR CE1  C  Y N 380 
TYR CE2  C  Y N 381 
TYR CZ   C  Y N 382 
TYR OH   O  N N 383 
TYR OXT  O  N N 384 
TYR H    H  N N 385 
TYR H2   H  N N 386 
TYR HA   H  N N 387 
TYR HB2  H  N N 388 
TYR HB3  H  N N 389 
TYR HD1  H  N N 390 
TYR HD2  H  N N 391 
TYR HE1  H  N N 392 
TYR HE2  H  N N 393 
TYR HH   H  N N 394 
TYR HXT  H  N N 395 
VAL N    N  N N 396 
VAL CA   C  N S 397 
VAL C    C  N N 398 
VAL O    O  N N 399 
VAL CB   C  N N 400 
VAL CG1  C  N N 401 
VAL CG2  C  N N 402 
VAL OXT  O  N N 403 
VAL H    H  N N 404 
VAL H2   H  N N 405 
VAL HA   H  N N 406 
VAL HB   H  N N 407 
VAL HG11 H  N N 408 
VAL HG12 H  N N 409 
VAL HG13 H  N N 410 
VAL HG21 H  N N 411 
VAL HG22 H  N N 412 
VAL HG23 H  N N 413 
VAL HXT  H  N N 414 
# 
loop_
_chem_comp_bond.comp_id 
_chem_comp_bond.atom_id_1 
_chem_comp_bond.atom_id_2 
_chem_comp_bond.value_order 
_chem_comp_bond.pdbx_aromatic_flag 
_chem_comp_bond.pdbx_stereo_config 
_chem_comp_bond.pdbx_ordinal 
5MP C1  C2   sing Y N 1   
5MP C1  C3   doub Y N 2   
5MP C1  C4   sing N N 3   
5MP C2  C5   doub Y N 4   
5MP C2  HC2  sing N N 5   
5MP C3  N6   sing Y N 6   
5MP C3  HC3  sing N N 7   
5MP C4  HC41 sing N N 8   
5MP C4  HC42 sing N N 9   
5MP C4  HC43 sing N N 10  
5MP C5  N6   sing Y N 11  
5MP C5  HC5  sing N N 12  
5MP N6  HN6  sing N N 13  
ALA N   CA   sing N N 14  
ALA N   H    sing N N 15  
ALA N   H2   sing N N 16  
ALA CA  C    sing N N 17  
ALA CA  CB   sing N N 18  
ALA CA  HA   sing N N 19  
ALA C   O    doub N N 20  
ALA C   OXT  sing N N 21  
ALA CB  HB1  sing N N 22  
ALA CB  HB2  sing N N 23  
ALA CB  HB3  sing N N 24  
ALA OXT HXT  sing N N 25  
ARG N   CA   sing N N 26  
ARG N   H    sing N N 27  
ARG N   H2   sing N N 28  
ARG CA  C    sing N N 29  
ARG CA  CB   sing N N 30  
ARG CA  HA   sing N N 31  
ARG C   O    doub N N 32  
ARG C   OXT  sing N N 33  
ARG CB  CG   sing N N 34  
ARG CB  HB2  sing N N 35  
ARG CB  HB3  sing N N 36  
ARG CG  CD   sing N N 37  
ARG CG  HG2  sing N N 38  
ARG CG  HG3  sing N N 39  
ARG CD  NE   sing N N 40  
ARG CD  HD2  sing N N 41  
ARG CD  HD3  sing N N 42  
ARG NE  CZ   sing N N 43  
ARG NE  HE   sing N N 44  
ARG CZ  NH1  sing N N 45  
ARG CZ  NH2  doub N N 46  
ARG NH1 HH11 sing N N 47  
ARG NH1 HH12 sing N N 48  
ARG NH2 HH21 sing N N 49  
ARG NH2 HH22 sing N N 50  
ARG OXT HXT  sing N N 51  
ASN N   CA   sing N N 52  
ASN N   H    sing N N 53  
ASN N   H2   sing N N 54  
ASN CA  C    sing N N 55  
ASN CA  CB   sing N N 56  
ASN CA  HA   sing N N 57  
ASN C   O    doub N N 58  
ASN C   OXT  sing N N 59  
ASN CB  CG   sing N N 60  
ASN CB  HB2  sing N N 61  
ASN CB  HB3  sing N N 62  
ASN CG  OD1  doub N N 63  
ASN CG  ND2  sing N N 64  
ASN ND2 HD21 sing N N 65  
ASN ND2 HD22 sing N N 66  
ASN OXT HXT  sing N N 67  
ASP N   CA   sing N N 68  
ASP N   H    sing N N 69  
ASP N   H2   sing N N 70  
ASP CA  C    sing N N 71  
ASP CA  CB   sing N N 72  
ASP CA  HA   sing N N 73  
ASP C   O    doub N N 74  
ASP C   OXT  sing N N 75  
ASP CB  CG   sing N N 76  
ASP CB  HB2  sing N N 77  
ASP CB  HB3  sing N N 78  
ASP CG  OD1  doub N N 79  
ASP CG  OD2  sing N N 80  
ASP OD2 HD2  sing N N 81  
ASP OXT HXT  sing N N 82  
BME C1  C2   sing N N 83  
BME C1  O1   sing N N 84  
BME C1  H11  sing N N 85  
BME C1  H12  sing N N 86  
BME C2  S2   sing N N 87  
BME C2  H21  sing N N 88  
BME C2  H22  sing N N 89  
BME O1  HO1  sing N N 90  
BME S2  HS2  sing N N 91  
CYS N   CA   sing N N 92  
CYS N   H    sing N N 93  
CYS N   H2   sing N N 94  
CYS CA  C    sing N N 95  
CYS CA  CB   sing N N 96  
CYS CA  HA   sing N N 97  
CYS C   O    doub N N 98  
CYS C   OXT  sing N N 99  
CYS CB  SG   sing N N 100 
CYS CB  HB2  sing N N 101 
CYS CB  HB3  sing N N 102 
CYS SG  HG   sing N N 103 
CYS OXT HXT  sing N N 104 
GLN N   CA   sing N N 105 
GLN N   H    sing N N 106 
GLN N   H2   sing N N 107 
GLN CA  C    sing N N 108 
GLN CA  CB   sing N N 109 
GLN CA  HA   sing N N 110 
GLN C   O    doub N N 111 
GLN C   OXT  sing N N 112 
GLN CB  CG   sing N N 113 
GLN CB  HB2  sing N N 114 
GLN CB  HB3  sing N N 115 
GLN CG  CD   sing N N 116 
GLN CG  HG2  sing N N 117 
GLN CG  HG3  sing N N 118 
GLN CD  OE1  doub N N 119 
GLN CD  NE2  sing N N 120 
GLN NE2 HE21 sing N N 121 
GLN NE2 HE22 sing N N 122 
GLN OXT HXT  sing N N 123 
GLU N   CA   sing N N 124 
GLU N   H    sing N N 125 
GLU N   H2   sing N N 126 
GLU CA  C    sing N N 127 
GLU CA  CB   sing N N 128 
GLU CA  HA   sing N N 129 
GLU C   O    doub N N 130 
GLU C   OXT  sing N N 131 
GLU CB  CG   sing N N 132 
GLU CB  HB2  sing N N 133 
GLU CB  HB3  sing N N 134 
GLU CG  CD   sing N N 135 
GLU CG  HG2  sing N N 136 
GLU CG  HG3  sing N N 137 
GLU CD  OE1  doub N N 138 
GLU CD  OE2  sing N N 139 
GLU OE2 HE2  sing N N 140 
GLU OXT HXT  sing N N 141 
GLY N   CA   sing N N 142 
GLY N   H    sing N N 143 
GLY N   H2   sing N N 144 
GLY CA  C    sing N N 145 
GLY CA  HA2  sing N N 146 
GLY CA  HA3  sing N N 147 
GLY C   O    doub N N 148 
GLY C   OXT  sing N N 149 
GLY OXT HXT  sing N N 150 
HIS N   CA   sing N N 151 
HIS N   H    sing N N 152 
HIS N   H2   sing N N 153 
HIS CA  C    sing N N 154 
HIS CA  CB   sing N N 155 
HIS CA  HA   sing N N 156 
HIS C   O    doub N N 157 
HIS C   OXT  sing N N 158 
HIS CB  CG   sing N N 159 
HIS CB  HB2  sing N N 160 
HIS CB  HB3  sing N N 161 
HIS CG  ND1  sing Y N 162 
HIS CG  CD2  doub Y N 163 
HIS ND1 CE1  doub Y N 164 
HIS ND1 HD1  sing N N 165 
HIS CD2 NE2  sing Y N 166 
HIS CD2 HD2  sing N N 167 
HIS CE1 NE2  sing Y N 168 
HIS CE1 HE1  sing N N 169 
HIS NE2 HE2  sing N N 170 
HIS OXT HXT  sing N N 171 
HOH O   H1   sing N N 172 
HOH O   H2   sing N N 173 
ILE N   CA   sing N N 174 
ILE N   H    sing N N 175 
ILE N   H2   sing N N 176 
ILE CA  C    sing N N 177 
ILE CA  CB   sing N N 178 
ILE CA  HA   sing N N 179 
ILE C   O    doub N N 180 
ILE C   OXT  sing N N 181 
ILE CB  CG1  sing N N 182 
ILE CB  CG2  sing N N 183 
ILE CB  HB   sing N N 184 
ILE CG1 CD1  sing N N 185 
ILE CG1 HG12 sing N N 186 
ILE CG1 HG13 sing N N 187 
ILE CG2 HG21 sing N N 188 
ILE CG2 HG22 sing N N 189 
ILE CG2 HG23 sing N N 190 
ILE CD1 HD11 sing N N 191 
ILE CD1 HD12 sing N N 192 
ILE CD1 HD13 sing N N 193 
ILE OXT HXT  sing N N 194 
LEU N   CA   sing N N 195 
LEU N   H    sing N N 196 
LEU N   H2   sing N N 197 
LEU CA  C    sing N N 198 
LEU CA  CB   sing N N 199 
LEU CA  HA   sing N N 200 
LEU C   O    doub N N 201 
LEU C   OXT  sing N N 202 
LEU CB  CG   sing N N 203 
LEU CB  HB2  sing N N 204 
LEU CB  HB3  sing N N 205 
LEU CG  CD1  sing N N 206 
LEU CG  CD2  sing N N 207 
LEU CG  HG   sing N N 208 
LEU CD1 HD11 sing N N 209 
LEU CD1 HD12 sing N N 210 
LEU CD1 HD13 sing N N 211 
LEU CD2 HD21 sing N N 212 
LEU CD2 HD22 sing N N 213 
LEU CD2 HD23 sing N N 214 
LEU OXT HXT  sing N N 215 
LYS N   CA   sing N N 216 
LYS N   H    sing N N 217 
LYS N   H2   sing N N 218 
LYS CA  C    sing N N 219 
LYS CA  CB   sing N N 220 
LYS CA  HA   sing N N 221 
LYS C   O    doub N N 222 
LYS C   OXT  sing N N 223 
LYS CB  CG   sing N N 224 
LYS CB  HB2  sing N N 225 
LYS CB  HB3  sing N N 226 
LYS CG  CD   sing N N 227 
LYS CG  HG2  sing N N 228 
LYS CG  HG3  sing N N 229 
LYS CD  CE   sing N N 230 
LYS CD  HD2  sing N N 231 
LYS CD  HD3  sing N N 232 
LYS CE  NZ   sing N N 233 
LYS CE  HE2  sing N N 234 
LYS CE  HE3  sing N N 235 
LYS NZ  HZ1  sing N N 236 
LYS NZ  HZ2  sing N N 237 
LYS NZ  HZ3  sing N N 238 
LYS OXT HXT  sing N N 239 
MET N   CA   sing N N 240 
MET N   H    sing N N 241 
MET N   H2   sing N N 242 
MET CA  C    sing N N 243 
MET CA  CB   sing N N 244 
MET CA  HA   sing N N 245 
MET C   O    doub N N 246 
MET C   OXT  sing N N 247 
MET CB  CG   sing N N 248 
MET CB  HB2  sing N N 249 
MET CB  HB3  sing N N 250 
MET CG  SD   sing N N 251 
MET CG  HG2  sing N N 252 
MET CG  HG3  sing N N 253 
MET SD  CE   sing N N 254 
MET CE  HE1  sing N N 255 
MET CE  HE2  sing N N 256 
MET CE  HE3  sing N N 257 
MET OXT HXT  sing N N 258 
PHE N   CA   sing N N 259 
PHE N   H    sing N N 260 
PHE N   H2   sing N N 261 
PHE CA  C    sing N N 262 
PHE CA  CB   sing N N 263 
PHE CA  HA   sing N N 264 
PHE C   O    doub N N 265 
PHE C   OXT  sing N N 266 
PHE CB  CG   sing N N 267 
PHE CB  HB2  sing N N 268 
PHE CB  HB3  sing N N 269 
PHE CG  CD1  doub Y N 270 
PHE CG  CD2  sing Y N 271 
PHE CD1 CE1  sing Y N 272 
PHE CD1 HD1  sing N N 273 
PHE CD2 CE2  doub Y N 274 
PHE CD2 HD2  sing N N 275 
PHE CE1 CZ   doub Y N 276 
PHE CE1 HE1  sing N N 277 
PHE CE2 CZ   sing Y N 278 
PHE CE2 HE2  sing N N 279 
PHE CZ  HZ   sing N N 280 
PHE OXT HXT  sing N N 281 
PRO N   CA   sing N N 282 
PRO N   CD   sing N N 283 
PRO N   H    sing N N 284 
PRO CA  C    sing N N 285 
PRO CA  CB   sing N N 286 
PRO CA  HA   sing N N 287 
PRO C   O    doub N N 288 
PRO C   OXT  sing N N 289 
PRO CB  CG   sing N N 290 
PRO CB  HB2  sing N N 291 
PRO CB  HB3  sing N N 292 
PRO CG  CD   sing N N 293 
PRO CG  HG2  sing N N 294 
PRO CG  HG3  sing N N 295 
PRO CD  HD2  sing N N 296 
PRO CD  HD3  sing N N 297 
PRO OXT HXT  sing N N 298 
SER N   CA   sing N N 299 
SER N   H    sing N N 300 
SER N   H2   sing N N 301 
SER CA  C    sing N N 302 
SER CA  CB   sing N N 303 
SER CA  HA   sing N N 304 
SER C   O    doub N N 305 
SER C   OXT  sing N N 306 
SER CB  OG   sing N N 307 
SER CB  HB2  sing N N 308 
SER CB  HB3  sing N N 309 
SER OG  HG   sing N N 310 
SER OXT HXT  sing N N 311 
THR N   CA   sing N N 312 
THR N   H    sing N N 313 
THR N   H2   sing N N 314 
THR CA  C    sing N N 315 
THR CA  CB   sing N N 316 
THR CA  HA   sing N N 317 
THR C   O    doub N N 318 
THR C   OXT  sing N N 319 
THR CB  OG1  sing N N 320 
THR CB  CG2  sing N N 321 
THR CB  HB   sing N N 322 
THR OG1 HG1  sing N N 323 
THR CG2 HG21 sing N N 324 
THR CG2 HG22 sing N N 325 
THR CG2 HG23 sing N N 326 
THR OXT HXT  sing N N 327 
TRP N   CA   sing N N 328 
TRP N   H    sing N N 329 
TRP N   H2   sing N N 330 
TRP CA  C    sing N N 331 
TRP CA  CB   sing N N 332 
TRP CA  HA   sing N N 333 
TRP C   O    doub N N 334 
TRP C   OXT  sing N N 335 
TRP CB  CG   sing N N 336 
TRP CB  HB2  sing N N 337 
TRP CB  HB3  sing N N 338 
TRP CG  CD1  doub Y N 339 
TRP CG  CD2  sing Y N 340 
TRP CD1 NE1  sing Y N 341 
TRP CD1 HD1  sing N N 342 
TRP CD2 CE2  doub Y N 343 
TRP CD2 CE3  sing Y N 344 
TRP NE1 CE2  sing Y N 345 
TRP NE1 HE1  sing N N 346 
TRP CE2 CZ2  sing Y N 347 
TRP CE3 CZ3  doub Y N 348 
TRP CE3 HE3  sing N N 349 
TRP CZ2 CH2  doub Y N 350 
TRP CZ2 HZ2  sing N N 351 
TRP CZ3 CH2  sing Y N 352 
TRP CZ3 HZ3  sing N N 353 
TRP CH2 HH2  sing N N 354 
TRP OXT HXT  sing N N 355 
TYR N   CA   sing N N 356 
TYR N   H    sing N N 357 
TYR N   H2   sing N N 358 
TYR CA  C    sing N N 359 
TYR CA  CB   sing N N 360 
TYR CA  HA   sing N N 361 
TYR C   O    doub N N 362 
TYR C   OXT  sing N N 363 
TYR CB  CG   sing N N 364 
TYR CB  HB2  sing N N 365 
TYR CB  HB3  sing N N 366 
TYR CG  CD1  doub Y N 367 
TYR CG  CD2  sing Y N 368 
TYR CD1 CE1  sing Y N 369 
TYR CD1 HD1  sing N N 370 
TYR CD2 CE2  doub Y N 371 
TYR CD2 HD2  sing N N 372 
TYR CE1 CZ   doub Y N 373 
TYR CE1 HE1  sing N N 374 
TYR CE2 CZ   sing Y N 375 
TYR CE2 HE2  sing N N 376 
TYR CZ  OH   sing N N 377 
TYR OH  HH   sing N N 378 
TYR OXT HXT  sing N N 379 
VAL N   CA   sing N N 380 
VAL N   H    sing N N 381 
VAL N   H2   sing N N 382 
VAL CA  C    sing N N 383 
VAL CA  CB   sing N N 384 
VAL CA  HA   sing N N 385 
VAL C   O    doub N N 386 
VAL C   OXT  sing N N 387 
VAL CB  CG1  sing N N 388 
VAL CB  CG2  sing N N 389 
VAL CB  HB   sing N N 390 
VAL CG1 HG11 sing N N 391 
VAL CG1 HG12 sing N N 392 
VAL CG1 HG13 sing N N 393 
VAL CG2 HG21 sing N N 394 
VAL CG2 HG22 sing N N 395 
VAL CG2 HG23 sing N N 396 
VAL OXT HXT  sing N N 397 
# 
loop_
_pdbx_entity_nonpoly.entity_id 
_pdbx_entity_nonpoly.name 
_pdbx_entity_nonpoly.comp_id 
2 'CHLORIDE ION'       CL  
3 5-METHYLPYRROLE      5MP 
4 BETA-MERCAPTOETHANOL BME 
5 water                HOH 
# 
_pdbx_initial_refinement_model.id               1 
_pdbx_initial_refinement_model.entity_id_list   ? 
_pdbx_initial_refinement_model.type             'experimental model' 
_pdbx_initial_refinement_model.source_name      PDB 
_pdbx_initial_refinement_model.accession_code   1LGU 
_pdbx_initial_refinement_model.details          'PDB ENTRY 1LGU' 
# 
